data_3TKN
#
_entry.id   3TKN
#
_cell.length_a   106.905
_cell.length_b   115.849
_cell.length_c   118.488
_cell.angle_alpha   90.000
_cell.angle_beta   111.060
_cell.angle_gamma   90.000
#
_symmetry.space_group_name_H-M   'P 1 21 1'
#
loop_
_entity.id
_entity.type
_entity.pdbx_description
1 polymer 'Nucleoporin NUP82'
2 polymer 'Nucleoporin NUP159'
3 polymer 'Nucleoporin 98'
#
loop_
_entity_poly.entity_id
_entity_poly.type
_entity_poly.pdbx_seq_one_letter_code
_entity_poly.pdbx_strand_id
1 'polypeptide(L)'
;MSQSSRLSALPIFQASLSASQSPRYIFSSQNGTRIVFIQDNIIRWYNVLTDSLYHSLNFSRHLVLDDTFHVISSTSGDLL
CLFNDNEIFVMEVPWGYSNVEDVSIQDAFQIFHYSIDEEEVGPKSSIKKVLFHPKSYRDSCIVVLKEDDTITMFDILNSQ
EKPIVLNKPNNSFGLDARVNDITDLEFSKDGLTLYCLNTTEGGDIFAFYPFLPSVLLLNEKDLNLILNKSLVMYESLDST
TDVIVKRNVIKQLQFVSKLHENWNSRFGKVDIQKEYRLAKVQGPFTINPFPGELYDYTATNIATILIDNGQNEIVCVSFD
DGSLILLFKDLEMSMSWDVDNYVYNNSLVLIERVKLQREIKSLITLPEQLGKLYVISDNIIQQVNFMSWASTLSKSINES
DLNPLAGLKFESKLEDIATIERIPNLAYINWNDQSNLALMSNKTLTFQNISS
;
A,D,G
2 'polypeptide(L)' GPHSSITKDMKGFKVVEVGLAMNTKKQIGDFFKNLNMAK B,E,H
3 'polypeptide(L)'
;GPHAGIVLTKVGYYTIPSMDDLAKITNEKGECIVSDFTIGRKGYGSIYFEGDVNLTNLNLDDIVHIRRKEVIVYVDDNQK
PPVGEGLNRKAEVTLDGVWPTDKTSRCLIKSPDRLADINYEGRLEAVSRKQGAQFKEYRPETGSWVFKVSHF
;
C,F,I
#
# COMPACT_ATOMS: atom_id res chain seq x y z
N SER A 2 52.69 -43.12 2.75
CA SER A 2 52.28 -41.75 2.33
C SER A 2 53.29 -41.12 1.37
N GLN A 3 52.81 -40.37 0.37
CA GLN A 3 53.68 -39.72 -0.63
C GLN A 3 54.64 -38.73 0.01
N SER A 4 54.38 -38.39 1.28
CA SER A 4 55.21 -37.44 2.02
C SER A 4 56.12 -36.64 1.10
N SER A 5 55.52 -35.80 0.25
CA SER A 5 56.28 -34.96 -0.66
C SER A 5 56.63 -33.65 0.05
N ARG A 6 55.63 -32.93 0.54
CA ARG A 6 55.92 -31.67 1.22
C ARG A 6 54.84 -31.12 2.19
N LEU A 7 53.82 -31.93 2.47
CA LEU A 7 52.75 -31.51 3.39
C LEU A 7 53.23 -31.60 4.85
N SER A 8 52.63 -30.80 5.73
CA SER A 8 52.94 -30.78 7.18
C SER A 8 54.39 -30.44 7.51
N ALA A 9 55.26 -30.67 6.54
CA ALA A 9 56.67 -30.38 6.69
C ALA A 9 56.91 -29.08 5.93
N LEU A 10 57.36 -28.06 6.66
CA LEU A 10 57.63 -26.78 6.04
C LEU A 10 58.41 -25.93 7.04
N PRO A 11 59.19 -24.96 6.55
CA PRO A 11 59.96 -24.09 7.44
C PRO A 11 59.19 -23.61 8.68
N ILE A 12 58.22 -22.74 8.42
CA ILE A 12 57.38 -22.10 9.42
C ILE A 12 56.59 -23.02 10.39
N PHE A 13 56.35 -24.26 10.01
CA PHE A 13 55.58 -25.17 10.85
C PHE A 13 56.31 -25.98 11.92
N GLN A 14 57.63 -26.05 11.85
CA GLN A 14 58.39 -26.83 12.83
C GLN A 14 59.17 -25.99 13.82
N ALA A 15 59.11 -26.39 15.08
CA ALA A 15 59.82 -25.67 16.12
C ALA A 15 59.85 -26.44 17.42
N SER A 16 61.02 -26.97 17.77
CA SER A 16 61.20 -27.72 19.00
C SER A 16 61.41 -26.70 20.11
N LEU A 17 62.05 -27.11 21.20
CA LEU A 17 62.29 -26.19 22.32
C LEU A 17 60.92 -25.62 22.71
N SER A 18 59.87 -26.42 22.51
CA SER A 18 58.53 -25.98 22.82
C SER A 18 58.19 -26.22 24.29
N ALA A 19 57.53 -25.23 24.90
CA ALA A 19 57.13 -25.34 26.29
C ALA A 19 55.74 -25.96 26.32
N SER A 20 55.51 -26.86 27.28
CA SER A 20 54.22 -27.53 27.42
C SER A 20 53.12 -26.54 27.83
N GLN A 21 53.40 -25.25 27.60
CA GLN A 21 52.48 -24.17 27.92
C GLN A 21 52.14 -23.34 26.68
N SER A 22 52.67 -22.12 26.62
CA SER A 22 52.45 -21.20 25.49
C SER A 22 51.76 -21.87 24.30
N PRO A 23 50.42 -21.98 24.34
CA PRO A 23 49.66 -22.62 23.25
C PRO A 23 50.09 -22.07 21.89
N ARG A 24 49.62 -22.71 20.83
CA ARG A 24 49.98 -22.28 19.49
C ARG A 24 48.75 -22.14 18.64
N TYR A 25 48.79 -21.17 17.74
CA TYR A 25 47.66 -20.91 16.85
C TYR A 25 48.11 -20.77 15.40
N ILE A 26 47.17 -20.97 14.48
CA ILE A 26 47.47 -20.88 13.06
C ILE A 26 46.28 -20.29 12.27
N PHE A 27 46.58 -19.34 11.39
CA PHE A 27 45.53 -18.70 10.62
C PHE A 27 45.88 -18.56 9.16
N SER A 28 44.89 -18.74 8.29
CA SER A 28 45.13 -18.59 6.87
C SER A 28 44.80 -17.15 6.49
N SER A 29 44.66 -16.89 5.19
CA SER A 29 44.38 -15.54 4.73
C SER A 29 44.52 -15.49 3.19
N GLN A 30 43.63 -14.77 2.53
CA GLN A 30 43.67 -14.64 1.07
C GLN A 30 43.47 -15.95 0.33
N ASN A 31 42.38 -16.64 0.68
CA ASN A 31 42.03 -17.90 0.05
C ASN A 31 43.04 -19.00 0.34
N GLY A 32 43.62 -18.98 1.54
CA GLY A 32 44.61 -19.99 1.90
C GLY A 32 45.97 -19.78 1.24
N THR A 33 46.39 -18.52 1.18
CA THR A 33 47.66 -18.13 0.58
C THR A 33 48.67 -17.81 1.67
N ARG A 34 48.32 -16.84 2.50
CA ARG A 34 49.18 -16.41 3.59
C ARG A 34 49.00 -17.29 4.82
N ILE A 35 50.02 -17.33 5.67
CA ILE A 35 49.94 -18.12 6.88
C ILE A 35 50.50 -17.37 8.04
N VAL A 36 49.89 -17.57 9.20
CA VAL A 36 50.33 -16.93 10.43
C VAL A 36 50.41 -18.03 11.49
N PHE A 37 51.59 -18.16 12.08
CA PHE A 37 51.80 -19.15 13.11
C PHE A 37 52.34 -18.44 14.34
N ILE A 38 51.77 -18.80 15.49
CA ILE A 38 52.20 -18.21 16.73
C ILE A 38 52.57 -19.31 17.71
N GLN A 39 53.81 -19.24 18.18
CA GLN A 39 54.30 -20.22 19.14
C GLN A 39 55.34 -19.60 20.05
N ASP A 40 55.40 -20.11 21.28
CA ASP A 40 56.35 -19.62 22.26
C ASP A 40 56.38 -18.10 22.19
N ASN A 41 55.19 -17.51 22.09
CA ASN A 41 55.07 -16.06 22.04
C ASN A 41 55.92 -15.42 20.93
N ILE A 42 55.88 -16.03 19.76
CA ILE A 42 56.58 -15.53 18.59
C ILE A 42 55.71 -15.76 17.36
N ILE A 43 55.56 -14.71 16.57
CA ILE A 43 54.72 -14.77 15.36
C ILE A 43 55.49 -15.03 14.07
N ARG A 44 55.05 -16.07 13.36
CA ARG A 44 55.65 -16.45 12.09
C ARG A 44 54.62 -16.26 10.97
N TRP A 45 55.08 -15.75 9.83
CA TRP A 45 54.17 -15.55 8.71
C TRP A 45 54.85 -15.91 7.41
N TYR A 46 54.17 -16.71 6.61
CA TYR A 46 54.73 -17.13 5.34
C TYR A 46 53.74 -16.87 4.20
N ASN A 47 54.19 -16.12 3.19
CA ASN A 47 53.37 -15.82 2.02
C ASN A 47 53.72 -16.83 0.92
N VAL A 48 52.84 -17.80 0.68
CA VAL A 48 53.07 -18.85 -0.33
C VAL A 48 52.99 -18.38 -1.79
N LEU A 49 53.33 -17.11 -2.01
CA LEU A 49 53.35 -16.52 -3.34
C LEU A 49 54.58 -15.64 -3.41
N THR A 50 54.68 -14.75 -2.43
CA THR A 50 55.81 -13.83 -2.34
C THR A 50 56.94 -14.56 -1.65
N ASP A 51 57.10 -14.26 -0.37
CA ASP A 51 58.14 -14.83 0.48
C ASP A 51 58.75 -16.15 0.03
N SER A 52 60.07 -16.25 0.18
CA SER A 52 60.82 -17.44 -0.19
C SER A 52 61.02 -18.26 1.08
N LEU A 53 61.09 -17.56 2.22
CA LEU A 53 61.25 -18.21 3.52
C LEU A 53 60.48 -17.40 4.55
N TYR A 54 60.03 -18.07 5.61
CA TYR A 54 59.26 -17.41 6.66
C TYR A 54 60.06 -16.43 7.52
N HIS A 55 59.42 -15.34 7.90
CA HIS A 55 60.01 -14.31 8.74
C HIS A 55 59.23 -14.36 10.06
N SER A 56 59.82 -13.82 11.14
CA SER A 56 59.15 -13.89 12.44
C SER A 56 59.18 -12.60 13.25
N LEU A 57 58.68 -12.72 14.47
CA LEU A 57 58.66 -11.63 15.43
C LEU A 57 58.34 -12.15 16.82
N ASN A 58 59.09 -11.67 17.80
CA ASN A 58 58.88 -12.08 19.17
C ASN A 58 58.20 -10.95 19.92
N PHE A 59 57.01 -11.21 20.43
CA PHE A 59 56.24 -10.19 21.15
C PHE A 59 56.15 -10.52 22.62
N SER A 60 56.96 -11.48 23.05
CA SER A 60 56.99 -11.90 24.45
C SER A 60 57.19 -10.71 25.38
N ARG A 61 57.75 -9.61 24.83
CA ARG A 61 58.02 -8.42 25.62
C ARG A 61 56.76 -7.73 26.16
N HIS A 62 55.64 -7.90 25.46
CA HIS A 62 54.39 -7.28 25.89
C HIS A 62 53.39 -8.33 26.37
N LEU A 63 53.38 -9.47 25.69
CA LEU A 63 52.43 -10.52 26.03
C LEU A 63 53.07 -11.89 26.27
N VAL A 64 52.59 -12.55 27.33
CA VAL A 64 53.05 -13.86 27.72
C VAL A 64 51.86 -14.80 27.67
N LEU A 65 51.59 -15.33 26.49
CA LEU A 65 50.47 -16.23 26.28
C LEU A 65 50.43 -17.45 27.18
N ASP A 66 49.24 -17.75 27.69
CA ASP A 66 48.99 -18.89 28.56
C ASP A 66 47.72 -19.57 28.09
N ASP A 67 46.82 -19.88 29.01
CA ASP A 67 45.56 -20.54 28.65
C ASP A 67 44.29 -19.75 28.96
N THR A 68 44.42 -18.43 29.14
CA THR A 68 43.28 -17.58 29.43
C THR A 68 43.03 -16.82 28.15
N PHE A 69 43.99 -16.93 27.24
CA PHE A 69 43.91 -16.22 25.98
C PHE A 69 43.37 -17.00 24.79
N HIS A 70 42.75 -16.24 23.88
CA HIS A 70 42.23 -16.76 22.62
C HIS A 70 42.77 -15.73 21.68
N VAL A 71 43.14 -16.16 20.49
CA VAL A 71 43.64 -15.21 19.51
C VAL A 71 42.77 -15.44 18.29
N ILE A 72 42.55 -14.38 17.53
CA ILE A 72 41.75 -14.44 16.34
C ILE A 72 42.37 -13.45 15.39
N SER A 73 42.26 -13.71 14.09
CA SER A 73 42.83 -12.80 13.13
C SER A 73 41.73 -12.27 12.23
N SER A 74 41.81 -10.99 11.88
CA SER A 74 40.78 -10.42 11.02
C SER A 74 40.80 -11.22 9.74
N THR A 75 39.68 -11.24 9.03
CA THR A 75 39.56 -11.97 7.78
C THR A 75 40.65 -11.50 6.81
N SER A 76 40.82 -10.18 6.68
CA SER A 76 41.83 -9.61 5.80
C SER A 76 43.22 -10.14 6.19
N GLY A 77 43.30 -10.76 7.36
CA GLY A 77 44.55 -11.32 7.85
C GLY A 77 45.53 -10.31 8.40
N ASP A 78 45.36 -9.06 8.00
CA ASP A 78 46.24 -7.98 8.41
C ASP A 78 46.43 -7.81 9.91
N LEU A 79 45.43 -8.21 10.70
CA LEU A 79 45.52 -8.03 12.15
C LEU A 79 45.24 -9.24 13.01
N LEU A 80 45.67 -9.11 14.26
CA LEU A 80 45.50 -10.16 15.21
C LEU A 80 45.06 -9.58 16.53
N CYS A 81 44.10 -10.25 17.15
CA CYS A 81 43.60 -9.82 18.43
C CYS A 81 43.72 -10.97 19.43
N LEU A 82 44.35 -10.68 20.56
CA LEU A 82 44.54 -11.66 21.62
C LEU A 82 43.90 -11.11 22.87
N PHE A 83 43.00 -11.89 23.46
CA PHE A 83 42.29 -11.44 24.66
C PHE A 83 42.00 -12.56 25.64
N ASN A 84 41.57 -12.15 26.83
CA ASN A 84 41.20 -13.05 27.92
C ASN A 84 40.10 -12.30 28.61
N ASP A 85 39.56 -12.88 29.67
CA ASP A 85 38.48 -12.25 30.42
C ASP A 85 38.93 -11.00 31.16
N ASN A 86 39.97 -10.35 30.66
CA ASN A 86 40.45 -9.16 31.33
C ASN A 86 41.14 -8.11 30.47
N GLU A 87 41.81 -8.52 29.40
CA GLU A 87 42.48 -7.52 28.58
C GLU A 87 42.57 -7.90 27.11
N ILE A 88 42.74 -6.88 26.27
CA ILE A 88 42.80 -7.07 24.83
C ILE A 88 44.05 -6.50 24.16
N PHE A 89 44.68 -7.33 23.33
CA PHE A 89 45.88 -6.96 22.61
C PHE A 89 45.69 -7.12 21.10
N VAL A 90 45.87 -6.04 20.35
CA VAL A 90 45.73 -6.12 18.91
C VAL A 90 47.04 -5.75 18.23
N MET A 91 47.61 -6.75 17.55
CA MET A 91 48.87 -6.61 16.84
C MET A 91 48.72 -6.72 15.32
N GLU A 92 49.54 -5.93 14.63
CA GLU A 92 49.53 -5.88 13.17
C GLU A 92 50.57 -6.78 12.55
N VAL A 93 50.13 -7.87 11.94
CA VAL A 93 51.07 -8.79 11.30
C VAL A 93 51.95 -8.02 10.31
N PRO A 94 53.28 -8.16 10.44
CA PRO A 94 54.25 -7.49 9.57
C PRO A 94 54.42 -8.09 8.16
N TRP A 95 53.37 -8.01 7.32
CA TRP A 95 53.50 -8.56 5.97
C TRP A 95 54.40 -7.65 5.14
N GLY A 96 55.26 -8.26 4.33
CA GLY A 96 56.17 -7.48 3.51
C GLY A 96 57.47 -7.21 4.25
N TYR A 97 57.36 -7.08 5.57
CA TYR A 97 58.53 -6.84 6.43
C TYR A 97 59.33 -8.14 6.56
N SER A 98 60.66 -8.08 6.56
CA SER A 98 61.44 -9.31 6.73
C SER A 98 62.07 -9.27 8.11
N ASN A 99 62.89 -8.24 8.30
CA ASN A 99 63.57 -7.99 9.56
C ASN A 99 62.59 -7.22 10.41
N VAL A 100 62.39 -7.68 11.64
CA VAL A 100 61.49 -7.03 12.57
C VAL A 100 62.22 -7.05 13.92
N GLU A 101 63.53 -6.91 13.82
CA GLU A 101 64.45 -6.92 14.95
C GLU A 101 64.43 -5.58 15.68
N ASP A 102 64.38 -4.51 14.90
CA ASP A 102 64.35 -3.14 15.42
C ASP A 102 63.46 -3.08 16.67
N VAL A 103 64.06 -2.84 17.83
CA VAL A 103 63.29 -2.80 19.08
C VAL A 103 62.27 -1.65 19.14
N SER A 104 62.35 -0.70 18.21
CA SER A 104 61.40 0.42 18.18
C SER A 104 60.27 0.10 17.20
N ILE A 105 60.62 -0.42 16.03
CA ILE A 105 59.64 -0.80 15.01
C ILE A 105 58.85 -2.00 15.52
N GLN A 106 59.44 -2.69 16.49
CA GLN A 106 58.85 -3.86 17.12
C GLN A 106 57.57 -3.46 17.84
N ASP A 107 57.56 -2.23 18.34
CA ASP A 107 56.41 -1.69 19.06
C ASP A 107 55.39 -1.06 18.10
N ALA A 108 55.84 -0.68 16.91
CA ALA A 108 54.95 -0.08 15.91
C ALA A 108 53.99 -1.13 15.39
N PHE A 109 53.86 -2.23 16.14
CA PHE A 109 52.97 -3.32 15.79
C PHE A 109 52.00 -3.62 16.93
N GLN A 110 52.31 -3.07 18.09
CA GLN A 110 51.44 -3.22 19.26
C GLN A 110 50.42 -2.09 19.14
N ILE A 111 49.52 -2.27 18.19
CA ILE A 111 48.50 -1.30 17.86
C ILE A 111 47.47 -0.96 18.91
N PHE A 112 46.94 -1.96 19.61
CA PHE A 112 45.92 -1.65 20.59
C PHE A 112 45.97 -2.45 21.87
N HIS A 113 45.69 -1.78 22.98
CA HIS A 113 45.66 -2.44 24.29
C HIS A 113 44.48 -1.97 25.13
N TYR A 114 43.94 -2.88 25.95
CA TYR A 114 42.81 -2.58 26.82
C TYR A 114 42.72 -3.54 28.00
N SER A 115 42.30 -3.03 29.15
CA SER A 115 42.14 -3.83 30.35
C SER A 115 40.94 -3.31 31.14
N ILE A 116 39.98 -4.19 31.40
CA ILE A 116 38.76 -3.85 32.12
C ILE A 116 39.05 -2.98 33.33
N ASP A 117 40.22 -3.16 33.93
CA ASP A 117 40.59 -2.37 35.09
C ASP A 117 41.06 -1.00 34.63
N GLU A 118 40.30 -0.41 33.71
CA GLU A 118 40.57 0.90 33.15
C GLU A 118 39.36 1.83 33.40
N GLU A 119 38.27 1.25 33.90
CA GLU A 119 37.02 1.97 34.23
C GLU A 119 37.15 2.48 35.67
N GLU A 120 36.96 3.78 35.88
CA GLU A 120 37.07 4.39 37.21
C GLU A 120 37.20 3.42 38.41
N VAL A 121 36.08 3.10 39.04
CA VAL A 121 36.07 2.19 40.20
C VAL A 121 34.84 1.27 40.05
N GLY A 122 34.48 0.59 41.14
CA GLY A 122 33.31 -0.27 41.14
C GLY A 122 33.42 -1.68 40.59
N PRO A 123 32.27 -2.31 40.28
CA PRO A 123 32.23 -3.67 39.73
C PRO A 123 32.51 -3.61 38.24
N LYS A 124 33.67 -4.13 37.86
CA LYS A 124 34.06 -4.14 36.46
C LYS A 124 33.84 -5.56 35.98
N SER A 125 32.90 -5.71 35.05
CA SER A 125 32.57 -7.04 34.53
C SER A 125 33.61 -7.53 33.52
N SER A 126 33.81 -8.85 33.52
CA SER A 126 34.79 -9.49 32.64
C SER A 126 34.37 -9.72 31.19
N ILE A 127 35.37 -9.72 30.30
CA ILE A 127 35.15 -9.91 28.88
C ILE A 127 34.70 -11.34 28.57
N LYS A 128 33.69 -11.44 27.70
CA LYS A 128 33.09 -12.73 27.30
C LYS A 128 33.39 -13.14 25.88
N LYS A 129 33.79 -12.19 25.04
CA LYS A 129 34.14 -12.48 23.66
C LYS A 129 34.50 -11.23 22.91
N VAL A 130 35.39 -11.36 21.95
CA VAL A 130 35.77 -10.23 21.15
C VAL A 130 35.68 -10.63 19.70
N LEU A 131 35.37 -9.67 18.85
CA LEU A 131 35.26 -9.91 17.42
C LEU A 131 35.83 -8.74 16.66
N PHE A 132 36.22 -9.01 15.43
CA PHE A 132 36.73 -7.95 14.59
C PHE A 132 35.49 -7.57 13.81
N HIS A 133 35.28 -6.27 13.61
CA HIS A 133 34.10 -5.87 12.85
C HIS A 133 34.38 -6.06 11.37
N PRO A 134 33.72 -7.03 10.77
CA PRO A 134 33.83 -7.39 9.36
C PRO A 134 34.08 -6.24 8.42
N LYS A 135 33.20 -5.25 8.39
CA LYS A 135 33.39 -4.13 7.48
C LYS A 135 33.98 -2.86 8.08
N SER A 136 34.88 -3.03 9.02
CA SER A 136 35.51 -1.87 9.62
C SER A 136 36.81 -1.51 8.89
N TYR A 137 36.68 -0.73 7.81
CA TYR A 137 37.81 -0.28 6.99
C TYR A 137 39.21 -0.37 7.62
N ARG A 138 40.02 -1.29 7.08
CA ARG A 138 41.35 -1.55 7.57
C ARG A 138 41.26 -2.09 8.99
N ASP A 139 40.28 -2.95 9.21
CA ASP A 139 40.07 -3.61 10.51
C ASP A 139 40.27 -2.69 11.70
N SER A 140 39.74 -1.48 11.57
CA SER A 140 39.86 -0.47 12.60
C SER A 140 38.88 -0.55 13.78
N CYS A 141 38.02 -1.58 13.82
CA CYS A 141 37.05 -1.73 14.92
C CYS A 141 36.87 -3.15 15.43
N ILE A 142 36.85 -3.27 16.75
CA ILE A 142 36.68 -4.55 17.41
C ILE A 142 35.48 -4.48 18.33
N VAL A 143 34.76 -5.57 18.44
CA VAL A 143 33.56 -5.60 19.26
C VAL A 143 33.76 -6.46 20.49
N VAL A 144 33.70 -5.81 21.64
CA VAL A 144 33.90 -6.50 22.90
C VAL A 144 32.63 -6.72 23.69
N LEU A 145 32.31 -7.98 23.93
CA LEU A 145 31.13 -8.33 24.69
C LEU A 145 31.54 -8.63 26.13
N LYS A 146 30.88 -8.03 27.11
CA LYS A 146 31.21 -8.29 28.50
C LYS A 146 30.16 -9.17 29.17
N GLU A 147 30.36 -9.49 30.44
CA GLU A 147 29.41 -10.34 31.18
C GLU A 147 28.08 -9.64 31.41
N ASP A 148 28.14 -8.32 31.54
CA ASP A 148 26.95 -7.51 31.75
C ASP A 148 26.29 -7.29 30.38
N ASP A 149 26.45 -8.30 29.52
CA ASP A 149 25.91 -8.32 28.16
C ASP A 149 26.22 -7.05 27.37
N THR A 150 27.11 -6.22 27.90
CA THR A 150 27.46 -4.99 27.23
C THR A 150 28.38 -5.21 26.03
N ILE A 151 27.94 -4.68 24.89
CA ILE A 151 28.68 -4.79 23.64
C ILE A 151 29.32 -3.46 23.37
N THR A 152 30.64 -3.46 23.29
CA THR A 152 31.37 -2.21 23.04
C THR A 152 32.27 -2.26 21.80
N MET A 153 32.26 -1.17 21.04
CA MET A 153 33.07 -1.07 19.85
C MET A 153 34.20 -0.11 20.10
N PHE A 154 35.43 -0.62 19.98
CA PHE A 154 36.62 0.19 20.17
C PHE A 154 37.20 0.42 18.80
N ASP A 155 37.59 1.66 18.54
CA ASP A 155 38.21 1.99 17.28
C ASP A 155 39.69 1.78 17.58
N ILE A 156 40.22 0.66 17.10
CA ILE A 156 41.61 0.31 17.33
C ILE A 156 42.59 1.40 16.92
N LEU A 157 42.37 2.01 15.74
CA LEU A 157 43.30 3.01 15.25
C LEU A 157 42.99 4.46 15.57
N ASN A 158 42.42 4.72 16.75
CA ASN A 158 42.11 6.11 17.09
C ASN A 158 41.91 6.32 18.58
N SER A 159 42.82 7.08 19.19
CA SER A 159 42.79 7.42 20.62
C SER A 159 41.71 8.46 20.83
N GLN A 160 41.63 9.38 19.86
CA GLN A 160 40.68 10.49 19.84
C GLN A 160 39.23 10.04 19.66
N GLU A 161 39.02 8.72 19.69
CA GLU A 161 37.70 8.14 19.52
C GLU A 161 37.22 7.39 20.75
N LYS A 162 36.43 8.04 21.59
CA LYS A 162 35.91 7.35 22.77
C LYS A 162 35.08 6.17 22.24
N PRO A 163 35.13 5.02 22.93
CA PRO A 163 34.38 3.86 22.47
C PRO A 163 32.87 4.08 22.55
N ILE A 164 32.12 3.29 21.79
CA ILE A 164 30.67 3.37 21.80
C ILE A 164 30.21 2.14 22.56
N VAL A 165 29.22 2.30 23.41
CA VAL A 165 28.76 1.16 24.19
C VAL A 165 27.29 0.96 23.97
N LEU A 166 26.93 -0.09 23.24
CA LEU A 166 25.52 -0.36 22.99
C LEU A 166 24.95 -1.32 24.01
N ASN A 167 23.63 -1.39 24.08
CA ASN A 167 22.95 -2.28 25.00
C ASN A 167 23.44 -2.07 26.44
N LYS A 168 23.52 -0.80 26.86
CA LYS A 168 23.96 -0.46 28.21
C LYS A 168 23.04 -1.07 29.27
N PRO A 169 23.46 -1.03 30.55
CA PRO A 169 22.67 -1.59 31.65
C PRO A 169 21.44 -0.73 31.97
N ASN A 170 20.47 -1.33 32.63
CA ASN A 170 19.28 -0.59 32.98
C ASN A 170 19.11 -0.43 34.49
N ASN A 171 18.58 0.73 34.90
CA ASN A 171 18.37 1.07 36.31
C ASN A 171 17.04 0.50 36.79
N SER A 172 16.35 -0.20 35.90
CA SER A 172 15.08 -0.79 36.23
C SER A 172 15.22 -2.07 37.02
N PHE A 173 14.27 -2.97 36.83
CA PHE A 173 14.25 -4.25 37.49
C PHE A 173 13.37 -5.19 36.68
N GLY A 174 13.80 -6.44 36.57
CA GLY A 174 13.03 -7.38 35.78
C GLY A 174 13.28 -7.12 34.31
N LEU A 175 12.57 -7.80 33.43
CA LEU A 175 12.73 -7.61 32.00
C LEU A 175 12.34 -6.19 31.55
N ASP A 176 13.14 -5.60 30.66
CA ASP A 176 12.89 -4.25 30.17
C ASP A 176 12.94 -4.10 28.65
N ALA A 177 14.01 -3.48 28.15
CA ALA A 177 14.19 -3.25 26.72
C ALA A 177 15.42 -3.97 26.17
N ARG A 178 16.59 -3.67 26.74
CA ARG A 178 17.86 -4.26 26.31
C ARG A 178 17.82 -5.79 26.30
N VAL A 179 18.77 -6.38 25.59
CA VAL A 179 18.87 -7.84 25.49
C VAL A 179 19.66 -8.38 26.65
N ASN A 180 19.02 -9.21 27.48
CA ASN A 180 19.70 -9.77 28.62
C ASN A 180 20.14 -11.20 28.41
N ASP A 181 21.26 -11.55 29.05
CA ASP A 181 21.86 -12.89 29.01
C ASP A 181 22.32 -13.42 27.66
N ILE A 182 23.19 -12.66 27.00
CA ILE A 182 23.74 -13.03 25.71
C ILE A 182 24.75 -14.15 25.87
N THR A 183 24.60 -15.22 25.08
CA THR A 183 25.52 -16.36 25.11
C THR A 183 26.49 -16.34 23.94
N ASP A 184 26.11 -15.67 22.84
CA ASP A 184 26.96 -15.64 21.66
C ASP A 184 26.66 -14.51 20.68
N LEU A 185 27.73 -13.99 20.08
CA LEU A 185 27.62 -12.93 19.09
C LEU A 185 28.03 -13.45 17.73
N GLU A 186 27.50 -12.82 16.69
CA GLU A 186 27.79 -13.27 15.34
C GLU A 186 27.32 -12.23 14.33
N PHE A 187 28.16 -11.96 13.35
CA PHE A 187 27.81 -10.98 12.33
C PHE A 187 27.07 -11.59 11.15
N SER A 188 26.23 -10.77 10.53
CA SER A 188 25.45 -11.21 9.38
C SER A 188 26.44 -11.15 8.23
N LYS A 189 26.08 -11.70 7.08
CA LYS A 189 26.98 -11.68 5.94
C LYS A 189 26.85 -10.42 5.12
N ASP A 190 26.10 -9.47 5.64
CA ASP A 190 25.93 -8.19 4.98
C ASP A 190 26.87 -7.26 5.71
N GLY A 191 27.33 -7.72 6.87
CA GLY A 191 28.25 -6.96 7.69
C GLY A 191 27.71 -5.64 8.18
N LEU A 192 26.42 -5.60 8.49
CA LEU A 192 25.76 -4.40 8.98
C LEU A 192 24.87 -4.80 10.12
N THR A 193 24.58 -6.09 10.20
CA THR A 193 23.72 -6.62 11.23
C THR A 193 24.55 -7.50 12.15
N LEU A 194 24.27 -7.43 13.43
CA LEU A 194 24.98 -8.21 14.43
C LEU A 194 23.96 -9.05 15.20
N TYR A 195 24.01 -10.37 15.01
CA TYR A 195 23.07 -11.25 15.69
C TYR A 195 23.52 -11.59 17.09
N CYS A 196 22.55 -11.70 18.00
CA CYS A 196 22.84 -12.01 19.40
C CYS A 196 21.98 -13.18 19.85
N LEU A 197 22.58 -14.09 20.60
CA LEU A 197 21.82 -15.23 21.08
C LEU A 197 21.70 -15.14 22.58
N ASN A 198 20.51 -14.78 23.04
CA ASN A 198 20.25 -14.64 24.47
C ASN A 198 19.62 -15.89 25.02
N THR A 199 19.70 -16.05 26.34
CA THR A 199 19.16 -17.21 27.07
C THR A 199 17.88 -16.98 27.86
N THR A 200 17.80 -15.84 28.54
CA THR A 200 16.65 -15.48 29.37
C THR A 200 15.41 -16.35 29.16
N GLU A 201 14.83 -16.32 27.97
CA GLU A 201 13.64 -17.12 27.68
C GLU A 201 13.91 -18.48 26.99
N GLY A 202 15.04 -19.08 27.32
CA GLY A 202 15.39 -20.36 26.73
C GLY A 202 16.29 -20.19 25.53
N GLY A 203 16.21 -19.03 24.90
CA GLY A 203 17.02 -18.76 23.74
C GLY A 203 16.22 -18.20 22.56
N ASP A 204 16.53 -16.98 22.19
CA ASP A 204 15.86 -16.32 21.08
C ASP A 204 16.96 -15.58 20.39
N ILE A 205 16.65 -15.03 19.23
CA ILE A 205 17.65 -14.30 18.48
C ILE A 205 17.31 -12.82 18.38
N PHE A 206 18.29 -11.98 18.69
CA PHE A 206 18.10 -10.54 18.59
C PHE A 206 19.14 -10.04 17.62
N ALA A 207 19.08 -8.77 17.28
CA ALA A 207 20.04 -8.25 16.32
C ALA A 207 20.20 -6.75 16.39
N PHE A 208 21.34 -6.30 15.89
CA PHE A 208 21.68 -4.90 15.84
C PHE A 208 21.80 -4.46 14.39
N TYR A 209 20.75 -3.84 13.88
CA TYR A 209 20.77 -3.38 12.50
C TYR A 209 20.40 -1.92 12.56
N PRO A 210 21.34 -1.04 12.21
CA PRO A 210 22.68 -1.38 11.78
C PRO A 210 23.69 -1.24 12.92
N PHE A 211 24.68 -2.12 12.89
CA PHE A 211 25.78 -2.17 13.85
C PHE A 211 26.97 -1.65 13.05
N LEU A 212 27.31 -0.38 13.23
CA LEU A 212 28.36 0.18 12.41
C LEU A 212 29.66 0.55 13.09
N PRO A 213 30.75 0.64 12.32
CA PRO A 213 32.06 0.99 12.83
C PRO A 213 32.33 2.45 12.50
N SER A 214 33.45 2.96 13.00
CA SER A 214 33.90 4.33 12.78
C SER A 214 33.91 4.68 11.30
N VAL A 215 34.60 3.82 10.54
CA VAL A 215 34.69 3.98 9.12
C VAL A 215 34.28 2.65 8.52
N LEU A 216 33.34 2.72 7.58
CA LEU A 216 32.82 1.52 6.94
C LEU A 216 33.61 1.13 5.72
N LEU A 217 33.78 -0.17 5.56
CA LEU A 217 34.48 -0.70 4.41
C LEU A 217 33.34 -1.10 3.48
N LEU A 218 33.23 -0.38 2.37
CA LEU A 218 32.14 -0.66 1.45
C LEU A 218 32.54 -0.49 0.00
N ASN A 219 32.49 -1.60 -0.74
CA ASN A 219 32.82 -1.59 -2.16
C ASN A 219 31.59 -1.09 -2.88
N GLU A 220 31.70 -0.89 -4.18
CA GLU A 220 30.56 -0.39 -4.92
C GLU A 220 29.41 -1.38 -5.08
N LYS A 221 29.71 -2.65 -5.28
CA LYS A 221 28.64 -3.63 -5.45
C LYS A 221 27.67 -3.55 -4.28
N ASP A 222 28.23 -3.63 -3.07
CA ASP A 222 27.45 -3.61 -1.85
C ASP A 222 26.82 -2.28 -1.49
N LEU A 223 27.46 -1.19 -1.90
CA LEU A 223 26.90 0.13 -1.63
C LEU A 223 25.54 0.16 -2.31
N ASN A 224 25.51 -0.28 -3.56
CA ASN A 224 24.26 -0.28 -4.31
C ASN A 224 23.25 -1.20 -3.68
N LEU A 225 23.63 -2.47 -3.50
CA LEU A 225 22.73 -3.45 -2.89
C LEU A 225 21.97 -2.87 -1.70
N ILE A 226 22.71 -2.42 -0.68
CA ILE A 226 22.06 -1.85 0.50
C ILE A 226 21.11 -0.73 0.02
N LEU A 227 21.66 0.17 -0.79
CA LEU A 227 20.91 1.28 -1.34
C LEU A 227 19.63 0.87 -2.05
N ASN A 228 19.68 -0.19 -2.83
CA ASN A 228 18.49 -0.63 -3.53
C ASN A 228 17.49 -1.18 -2.55
N LYS A 229 17.90 -2.16 -1.77
CA LYS A 229 17.00 -2.75 -0.80
C LYS A 229 16.30 -1.62 -0.05
N SER A 230 17.04 -0.54 0.18
CA SER A 230 16.51 0.61 0.90
C SER A 230 15.37 1.28 0.18
N LEU A 231 15.45 1.33 -1.15
CA LEU A 231 14.43 1.96 -1.99
C LEU A 231 13.24 1.06 -2.09
N VAL A 232 13.49 -0.23 -2.29
CA VAL A 232 12.39 -1.18 -2.38
C VAL A 232 11.55 -1.07 -1.10
N MET A 233 12.24 -0.87 0.02
CA MET A 233 11.59 -0.74 1.31
C MET A 233 10.71 0.49 1.25
N TYR A 234 11.31 1.62 0.91
CA TYR A 234 10.59 2.88 0.80
C TYR A 234 9.39 2.71 -0.13
N GLU A 235 9.63 2.18 -1.33
CA GLU A 235 8.59 1.97 -2.33
C GLU A 235 7.38 1.20 -1.78
N SER A 236 7.66 0.30 -0.85
CA SER A 236 6.63 -0.53 -0.26
C SER A 236 5.78 0.10 0.83
N LEU A 237 6.09 1.33 1.21
CA LEU A 237 5.31 2.00 2.25
C LEU A 237 3.95 2.45 1.70
N ASP A 238 2.93 2.30 2.53
CA ASP A 238 1.58 2.67 2.11
C ASP A 238 0.71 3.52 3.06
N SER A 239 -0.24 2.85 3.72
CA SER A 239 -1.15 3.50 4.63
C SER A 239 -1.36 2.53 5.77
N THR A 240 -1.26 1.25 5.46
CA THR A 240 -1.39 0.22 6.49
C THR A 240 -0.09 0.26 7.28
N THR A 241 0.98 0.79 6.68
CA THR A 241 2.28 0.81 7.36
C THR A 241 2.22 1.55 8.68
N ASP A 242 2.59 0.89 9.77
CA ASP A 242 2.59 1.56 11.06
C ASP A 242 3.54 2.73 11.01
N VAL A 243 3.21 3.77 11.75
CA VAL A 243 4.00 5.01 11.79
C VAL A 243 5.46 4.85 12.12
N ILE A 244 5.73 4.14 13.21
CA ILE A 244 7.09 3.87 13.72
C ILE A 244 7.96 3.19 12.65
N VAL A 245 7.34 2.30 11.89
CA VAL A 245 8.03 1.58 10.84
C VAL A 245 8.35 2.56 9.74
N LYS A 246 7.31 3.22 9.24
CA LYS A 246 7.45 4.21 8.16
C LYS A 246 8.61 5.10 8.56
N ARG A 247 8.53 5.64 9.77
CA ARG A 247 9.58 6.49 10.31
C ARG A 247 10.95 5.91 10.04
N ASN A 248 11.21 4.73 10.58
CA ASN A 248 12.50 4.09 10.41
C ASN A 248 12.88 3.99 8.95
N VAL A 249 12.05 3.31 8.16
CA VAL A 249 12.37 3.11 6.75
C VAL A 249 12.81 4.39 6.05
N ILE A 250 12.18 5.51 6.41
CA ILE A 250 12.53 6.79 5.82
C ILE A 250 13.92 7.10 6.34
N LYS A 251 14.08 7.08 7.66
CA LYS A 251 15.36 7.37 8.28
C LYS A 251 16.41 6.48 7.67
N GLN A 252 16.08 5.24 7.36
CA GLN A 252 17.05 4.34 6.76
C GLN A 252 17.47 4.79 5.37
N LEU A 253 16.48 5.05 4.52
CA LEU A 253 16.78 5.48 3.17
C LEU A 253 17.61 6.74 3.21
N GLN A 254 17.39 7.59 4.21
CA GLN A 254 18.18 8.81 4.29
C GLN A 254 19.61 8.50 4.59
N PHE A 255 19.86 7.78 5.68
CA PHE A 255 21.21 7.40 6.07
C PHE A 255 21.97 6.77 4.91
N VAL A 256 21.35 5.78 4.29
CA VAL A 256 21.97 5.10 3.17
C VAL A 256 22.15 6.03 1.96
N SER A 257 21.21 6.94 1.78
CA SER A 257 21.30 7.87 0.67
C SER A 257 22.48 8.82 0.94
N LYS A 258 22.89 8.90 2.20
CA LYS A 258 24.01 9.76 2.60
C LYS A 258 25.29 8.96 2.44
N LEU A 259 25.20 7.66 2.70
CA LEU A 259 26.37 6.83 2.53
C LEU A 259 26.80 6.99 1.08
N HIS A 260 25.82 7.03 0.18
CA HIS A 260 26.11 7.18 -1.22
C HIS A 260 26.82 8.48 -1.59
N GLU A 261 26.49 9.58 -0.90
CA GLU A 261 27.13 10.87 -1.17
C GLU A 261 28.56 10.88 -0.68
N ASN A 262 28.74 10.54 0.59
CA ASN A 262 30.05 10.52 1.21
C ASN A 262 30.87 9.29 0.88
N TRP A 263 30.47 8.54 -0.16
CA TRP A 263 31.23 7.36 -0.48
C TRP A 263 32.56 7.73 -1.10
N ASN A 264 33.61 7.03 -0.67
CA ASN A 264 34.94 7.28 -1.20
C ASN A 264 35.14 6.28 -2.33
N SER A 265 35.14 6.77 -3.56
CA SER A 265 35.30 5.93 -4.75
C SER A 265 36.67 5.24 -4.83
N ARG A 266 37.73 5.97 -4.49
CA ARG A 266 39.08 5.42 -4.53
C ARG A 266 39.19 4.19 -3.62
N PHE A 267 39.53 4.46 -2.36
CA PHE A 267 39.72 3.45 -1.34
C PHE A 267 38.58 2.45 -1.21
N GLY A 268 37.37 2.97 -0.98
CA GLY A 268 36.20 2.12 -0.82
C GLY A 268 35.71 2.16 0.61
N LYS A 269 35.88 3.32 1.22
CA LYS A 269 35.49 3.52 2.59
C LYS A 269 34.49 4.66 2.66
N VAL A 270 34.00 4.90 3.87
CA VAL A 270 33.05 5.97 4.13
C VAL A 270 33.02 6.21 5.62
N ASP A 271 32.97 7.48 6.01
CA ASP A 271 32.92 7.82 7.41
C ASP A 271 31.50 7.80 7.94
N ILE A 272 31.32 7.10 9.05
CA ILE A 272 30.01 7.00 9.65
C ILE A 272 29.92 7.77 10.96
N GLN A 273 29.28 8.93 10.89
CA GLN A 273 29.12 9.80 12.05
C GLN A 273 28.39 9.11 13.20
N LYS A 274 28.91 9.28 14.41
CA LYS A 274 28.38 8.66 15.63
C LYS A 274 26.88 8.40 15.78
N GLU A 275 26.06 9.39 15.44
CA GLU A 275 24.60 9.26 15.55
C GLU A 275 24.14 7.91 15.07
N TYR A 276 24.35 7.68 13.77
CA TYR A 276 23.96 6.44 13.14
C TYR A 276 24.51 5.20 13.82
N ARG A 277 25.66 5.37 14.47
CA ARG A 277 26.32 4.27 15.15
C ARG A 277 25.56 3.71 16.35
N LEU A 278 24.98 4.58 17.16
CA LEU A 278 24.21 4.17 18.34
C LEU A 278 22.90 3.53 17.96
N ALA A 279 22.65 2.31 18.40
CA ALA A 279 21.40 1.69 18.02
C ALA A 279 20.87 0.74 19.06
N LYS A 280 19.54 0.67 19.17
CA LYS A 280 18.93 -0.23 20.12
C LYS A 280 18.65 -1.57 19.46
N VAL A 281 18.66 -2.64 20.25
CA VAL A 281 18.46 -3.98 19.73
C VAL A 281 17.08 -4.29 19.18
N GLN A 282 17.08 -4.96 18.04
CA GLN A 282 15.85 -5.39 17.40
C GLN A 282 15.68 -6.84 17.82
N GLY A 283 14.44 -7.28 18.03
CA GLY A 283 14.24 -8.66 18.43
C GLY A 283 13.13 -8.82 19.45
N PRO A 284 12.76 -10.06 19.80
CA PRO A 284 13.32 -11.32 19.30
C PRO A 284 12.84 -11.69 17.91
N PHE A 285 13.66 -12.45 17.22
CA PHE A 285 13.28 -12.90 15.89
C PHE A 285 12.31 -14.03 16.10
N THR A 286 11.57 -14.36 15.05
CA THR A 286 10.62 -15.44 15.12
C THR A 286 11.20 -16.60 14.38
N ILE A 287 11.25 -17.74 15.05
CA ILE A 287 11.77 -18.93 14.41
C ILE A 287 10.52 -19.73 14.04
N ASN A 288 10.41 -20.15 12.79
CA ASN A 288 9.22 -20.89 12.39
C ASN A 288 9.43 -21.89 11.26
N PRO A 289 8.96 -23.13 11.45
CA PRO A 289 8.26 -23.58 12.65
C PRO A 289 9.29 -23.78 13.75
N PHE A 290 8.85 -24.16 14.93
CA PHE A 290 9.80 -24.36 16.00
C PHE A 290 9.48 -25.62 16.78
N PRO A 291 10.44 -26.56 16.82
CA PRO A 291 10.31 -27.84 17.52
C PRO A 291 9.94 -27.67 19.00
N GLY A 292 8.80 -28.26 19.39
CA GLY A 292 8.34 -28.17 20.77
C GLY A 292 9.38 -28.56 21.82
N GLU A 293 10.20 -29.54 21.50
CA GLU A 293 11.23 -30.03 22.41
C GLU A 293 12.18 -28.94 22.87
N LEU A 294 12.83 -28.33 21.90
CA LEU A 294 13.81 -27.28 22.17
C LEU A 294 13.45 -26.29 23.28
N TYR A 295 12.19 -26.27 23.69
CA TYR A 295 11.75 -25.35 24.74
C TYR A 295 12.32 -25.71 26.11
N ASP A 296 12.65 -26.98 26.28
CA ASP A 296 13.21 -27.49 27.53
C ASP A 296 14.67 -27.07 27.63
N TYR A 297 15.37 -27.19 26.51
CA TYR A 297 16.78 -26.87 26.42
C TYR A 297 17.05 -25.39 26.23
N THR A 298 18.32 -25.08 26.04
CA THR A 298 18.75 -23.71 25.85
C THR A 298 19.67 -23.62 24.64
N ALA A 299 19.93 -22.42 24.17
CA ALA A 299 20.81 -22.27 23.03
C ALA A 299 22.28 -22.24 23.48
N THR A 300 23.14 -22.80 22.65
CA THR A 300 24.56 -22.86 22.95
C THR A 300 25.32 -21.79 22.17
N ASN A 301 25.32 -21.92 20.85
CA ASN A 301 26.00 -20.98 19.96
C ASN A 301 25.16 -20.61 18.73
N ILE A 302 25.75 -19.77 17.89
CA ILE A 302 25.10 -19.33 16.68
C ILE A 302 26.19 -18.98 15.68
N ALA A 303 25.99 -19.36 14.42
CA ALA A 303 26.99 -19.06 13.41
C ALA A 303 26.30 -18.75 12.11
N THR A 304 26.99 -18.03 11.24
CA THR A 304 26.42 -17.67 9.95
C THR A 304 27.21 -18.26 8.79
N ILE A 305 26.54 -19.10 8.01
CA ILE A 305 27.17 -19.72 6.88
C ILE A 305 26.62 -19.14 5.59
N LEU A 306 27.53 -18.64 4.77
CA LEU A 306 27.23 -18.04 3.47
C LEU A 306 26.91 -19.20 2.50
N ILE A 307 26.13 -18.98 1.44
CA ILE A 307 25.85 -20.08 0.52
C ILE A 307 26.04 -19.73 -0.96
N ASP A 308 26.67 -18.59 -1.19
CA ASP A 308 26.99 -18.11 -2.54
C ASP A 308 27.94 -16.93 -2.38
N ASN A 309 27.55 -15.78 -2.89
CA ASN A 309 28.38 -14.58 -2.78
C ASN A 309 27.47 -13.35 -2.61
N GLY A 310 26.20 -13.52 -3.00
CA GLY A 310 25.23 -12.45 -2.87
C GLY A 310 24.68 -12.42 -1.46
N GLN A 311 25.58 -12.34 -0.49
CA GLN A 311 25.24 -12.29 0.92
C GLN A 311 24.06 -13.18 1.38
N ASN A 312 23.65 -14.15 0.55
CA ASN A 312 22.56 -15.03 0.96
C ASN A 312 23.09 -16.08 1.91
N GLU A 313 22.79 -15.87 3.19
CA GLU A 313 23.25 -16.71 4.26
C GLU A 313 22.21 -17.55 4.98
N ILE A 314 22.72 -18.42 5.85
CA ILE A 314 21.88 -19.28 6.68
C ILE A 314 22.38 -19.25 8.11
N VAL A 315 21.50 -18.84 8.99
CA VAL A 315 21.79 -18.74 10.38
C VAL A 315 21.87 -20.16 10.94
N CYS A 316 22.65 -20.33 12.00
CA CYS A 316 22.82 -21.63 12.64
C CYS A 316 22.88 -21.55 14.17
N VAL A 317 22.01 -22.33 14.82
CA VAL A 317 21.92 -22.33 16.28
C VAL A 317 22.11 -23.67 16.98
N SER A 318 22.93 -23.66 18.03
CA SER A 318 23.22 -24.85 18.85
C SER A 318 22.22 -24.95 19.95
N PHE A 319 22.12 -26.14 20.53
CA PHE A 319 21.20 -26.37 21.62
C PHE A 319 21.71 -27.43 22.61
N ASP A 320 21.16 -27.45 23.82
CA ASP A 320 21.57 -28.40 24.84
C ASP A 320 21.47 -29.84 24.40
N ASP A 321 20.33 -30.22 23.82
CA ASP A 321 20.15 -31.59 23.36
C ASP A 321 21.12 -31.97 22.24
N GLY A 322 22.19 -31.19 22.09
CA GLY A 322 23.15 -31.47 21.04
C GLY A 322 22.42 -31.41 19.73
N SER A 323 21.53 -30.41 19.60
CA SER A 323 20.75 -30.22 18.38
C SER A 323 21.22 -28.95 17.67
N LEU A 324 21.10 -28.97 16.34
CA LEU A 324 21.51 -27.86 15.52
C LEU A 324 20.33 -27.51 14.63
N ILE A 325 20.07 -26.21 14.45
CA ILE A 325 18.99 -25.79 13.55
C ILE A 325 19.46 -24.76 12.55
N LEU A 326 18.95 -24.93 11.33
CA LEU A 326 19.29 -24.06 10.22
C LEU A 326 18.09 -23.18 9.88
N LEU A 327 18.25 -21.88 10.14
CA LEU A 327 17.19 -20.93 9.87
C LEU A 327 17.53 -20.11 8.65
N PHE A 328 16.49 -19.55 8.04
CA PHE A 328 16.60 -18.73 6.85
C PHE A 328 15.79 -17.44 7.06
N LYS A 329 16.45 -16.30 6.94
CA LYS A 329 15.80 -15.01 7.12
C LYS A 329 14.95 -14.68 5.88
N ASP A 330 13.64 -14.86 5.99
CA ASP A 330 12.74 -14.61 4.87
C ASP A 330 12.26 -13.19 4.62
N LEU A 331 12.42 -12.29 5.58
CA LEU A 331 11.96 -10.91 5.40
C LEU A 331 13.07 -9.89 5.51
N GLU A 332 12.99 -8.84 4.70
CA GLU A 332 14.01 -7.81 4.75
C GLU A 332 13.84 -6.93 5.96
N MET A 333 14.85 -6.89 6.82
CA MET A 333 14.79 -6.04 8.01
C MET A 333 14.88 -4.57 7.64
N SER A 334 14.48 -3.73 8.59
CA SER A 334 14.53 -2.31 8.38
C SER A 334 15.46 -1.88 9.47
N MET A 335 16.23 -0.84 9.22
CA MET A 335 17.13 -0.38 10.24
C MET A 335 16.29 0.26 11.35
N SER A 336 16.86 0.32 12.55
CA SER A 336 16.18 0.89 13.69
C SER A 336 17.19 1.61 14.55
N TRP A 337 16.72 2.55 15.34
CA TRP A 337 17.61 3.31 16.17
C TRP A 337 17.06 3.65 17.56
N ASP A 338 16.03 4.48 17.60
CA ASP A 338 15.40 4.93 18.85
C ASP A 338 14.49 3.89 19.44
N VAL A 339 13.81 3.18 18.56
CA VAL A 339 12.85 2.16 18.92
C VAL A 339 13.19 1.09 19.96
N ASP A 340 12.43 1.09 21.05
CA ASP A 340 12.60 0.12 22.13
C ASP A 340 11.77 -1.09 21.77
N ASN A 341 12.42 -2.24 21.60
CA ASN A 341 11.72 -3.48 21.27
C ASN A 341 11.11 -3.50 19.88
N TYR A 342 11.85 -3.05 18.90
CA TYR A 342 11.38 -3.03 17.52
C TYR A 342 11.30 -4.47 17.07
N VAL A 343 10.33 -4.79 16.24
CA VAL A 343 10.18 -6.17 15.79
C VAL A 343 9.75 -6.28 14.34
N TYR A 344 9.51 -5.14 13.71
CA TYR A 344 9.06 -5.11 12.32
C TYR A 344 9.94 -5.95 11.43
N ASN A 345 9.39 -7.10 11.01
CA ASN A 345 10.06 -8.04 10.11
C ASN A 345 11.24 -8.81 10.67
N ASN A 346 11.16 -9.21 11.92
CA ASN A 346 12.23 -9.98 12.51
C ASN A 346 11.74 -11.41 12.42
N SER A 347 11.96 -12.05 11.27
CA SER A 347 11.50 -13.42 11.08
C SER A 347 12.49 -14.37 10.39
N LEU A 348 12.55 -15.57 10.93
CA LEU A 348 13.41 -16.60 10.41
C LEU A 348 12.55 -17.83 10.13
N VAL A 349 13.05 -18.72 9.29
CA VAL A 349 12.31 -19.91 8.95
C VAL A 349 13.16 -21.16 9.14
N LEU A 350 12.74 -22.01 10.06
CA LEU A 350 13.49 -23.22 10.32
C LEU A 350 13.50 -24.13 9.10
N ILE A 351 14.61 -24.14 8.38
CA ILE A 351 14.74 -25.00 7.21
C ILE A 351 14.87 -26.45 7.67
N GLU A 352 15.96 -26.74 8.36
CA GLU A 352 16.18 -28.10 8.83
C GLU A 352 16.73 -28.17 10.25
N ARG A 353 16.66 -29.38 10.79
CA ARG A 353 17.15 -29.69 12.13
C ARG A 353 18.16 -30.84 12.08
N VAL A 354 19.23 -30.72 12.85
CA VAL A 354 20.22 -31.76 12.86
C VAL A 354 20.53 -32.19 14.26
N LYS A 355 20.17 -33.44 14.60
CA LYS A 355 20.43 -33.97 15.93
C LYS A 355 21.81 -34.65 15.95
N LEU A 356 22.57 -34.40 17.01
CA LEU A 356 23.91 -34.96 17.14
C LEU A 356 24.08 -35.67 18.49
N GLN A 357 23.19 -35.36 19.42
CA GLN A 357 23.20 -35.98 20.74
C GLN A 357 24.47 -35.82 21.57
N ARG A 358 25.60 -35.60 20.89
CA ARG A 358 26.86 -35.40 21.61
C ARG A 358 26.78 -33.99 22.19
N GLU A 359 27.80 -33.55 22.89
CA GLU A 359 27.76 -32.20 23.43
C GLU A 359 28.30 -31.27 22.34
N ILE A 360 27.53 -30.23 22.04
CA ILE A 360 27.95 -29.27 21.01
C ILE A 360 28.78 -28.17 21.64
N LYS A 361 30.09 -28.34 21.61
CA LYS A 361 30.99 -27.37 22.21
C LYS A 361 31.01 -26.03 21.49
N SER A 362 31.41 -26.01 20.21
CA SER A 362 31.43 -24.75 19.50
C SER A 362 31.41 -24.88 17.97
N LEU A 363 30.63 -24.01 17.34
CA LEU A 363 30.48 -23.99 15.89
C LEU A 363 31.61 -23.21 15.25
N ILE A 364 32.07 -23.67 14.09
CA ILE A 364 33.15 -22.98 13.40
C ILE A 364 33.00 -23.11 11.91
N THR A 365 33.37 -22.06 11.20
CA THR A 365 33.30 -22.07 9.75
C THR A 365 34.49 -21.37 9.15
N LEU A 366 34.91 -21.92 8.02
CA LEU A 366 36.03 -21.38 7.29
C LEU A 366 35.38 -20.71 6.10
N PRO A 367 35.48 -19.38 6.03
CA PRO A 367 34.91 -18.57 4.97
C PRO A 367 34.98 -19.22 3.58
N GLU A 368 36.21 -19.35 3.10
CA GLU A 368 36.53 -19.93 1.80
C GLU A 368 35.59 -21.01 1.26
N GLN A 369 35.16 -21.95 2.10
CA GLN A 369 34.25 -23.01 1.64
C GLN A 369 32.80 -22.76 2.02
N LEU A 370 31.98 -22.47 1.02
CA LEU A 370 30.57 -22.20 1.22
C LEU A 370 29.71 -23.40 1.59
N GLY A 371 28.58 -23.11 2.23
CA GLY A 371 27.65 -24.15 2.65
C GLY A 371 28.20 -25.23 3.55
N LYS A 372 29.26 -24.91 4.27
CA LYS A 372 29.89 -25.88 5.16
C LYS A 372 30.13 -25.35 6.57
N LEU A 373 29.79 -26.19 7.56
CA LEU A 373 29.92 -25.84 8.98
C LEU A 373 30.64 -26.94 9.76
N TYR A 374 31.65 -26.55 10.55
CA TYR A 374 32.39 -27.51 11.37
C TYR A 374 31.92 -27.48 12.81
N VAL A 375 31.22 -28.54 13.23
CA VAL A 375 30.72 -28.63 14.60
C VAL A 375 31.65 -29.44 15.54
N ILE A 376 32.26 -28.75 16.50
CA ILE A 376 33.13 -29.40 17.46
C ILE A 376 32.29 -30.08 18.53
N SER A 377 31.94 -31.34 18.27
CA SER A 377 31.15 -32.16 19.18
C SER A 377 31.88 -32.29 20.52
N ASP A 378 32.05 -33.52 21.00
CA ASP A 378 32.75 -33.74 22.26
C ASP A 378 34.25 -33.93 22.00
N ASN A 379 34.58 -34.99 21.28
CA ASN A 379 35.96 -35.28 20.92
C ASN A 379 36.02 -35.43 19.40
N ILE A 380 34.95 -34.97 18.77
CA ILE A 380 34.81 -35.02 17.32
C ILE A 380 34.74 -33.63 16.71
N ILE A 381 34.79 -33.59 15.38
CA ILE A 381 34.68 -32.36 14.61
C ILE A 381 33.99 -32.85 13.35
N GLN A 382 32.70 -32.61 13.26
CA GLN A 382 31.93 -33.04 12.10
C GLN A 382 31.73 -31.86 11.13
N GLN A 383 31.67 -32.15 9.83
CA GLN A 383 31.46 -31.10 8.83
C GLN A 383 30.06 -31.21 8.19
N VAL A 384 29.10 -30.47 8.74
CA VAL A 384 27.76 -30.48 8.19
C VAL A 384 27.85 -29.70 6.90
N ASN A 385 27.47 -30.37 5.81
CA ASN A 385 27.51 -29.75 4.49
C ASN A 385 26.11 -29.68 3.91
N PHE A 386 25.52 -28.48 3.93
CA PHE A 386 24.17 -28.32 3.39
C PHE A 386 24.15 -27.83 1.93
N MET A 387 25.28 -27.95 1.25
CA MET A 387 25.37 -27.55 -0.13
C MET A 387 24.57 -28.51 -1.02
N SER A 388 23.94 -29.49 -0.37
CA SER A 388 23.13 -30.46 -1.09
C SER A 388 21.92 -29.74 -1.65
N TRP A 389 21.28 -28.96 -0.76
CA TRP A 389 20.08 -28.19 -1.09
C TRP A 389 20.27 -26.68 -1.08
N ALA A 390 21.27 -26.20 -0.34
CA ALA A 390 21.53 -24.77 -0.25
C ALA A 390 22.03 -24.18 -1.59
N SER A 391 22.50 -25.05 -2.47
CA SER A 391 22.98 -24.61 -3.79
C SER A 391 21.77 -24.48 -4.69
N THR A 392 20.73 -25.25 -4.36
CA THR A 392 19.47 -25.26 -5.09
C THR A 392 18.66 -24.06 -4.57
N LEU A 393 18.62 -23.93 -3.24
CA LEU A 393 17.91 -22.84 -2.61
C LEU A 393 18.49 -21.54 -3.14
N SER A 394 19.79 -21.55 -3.40
CA SER A 394 20.47 -20.36 -3.92
C SER A 394 19.99 -19.95 -5.33
N LYS A 395 19.77 -20.94 -6.19
CA LYS A 395 19.29 -20.62 -7.53
C LYS A 395 17.85 -20.15 -7.45
N SER A 396 17.00 -20.99 -6.87
CA SER A 396 15.60 -20.66 -6.74
C SER A 396 15.43 -19.22 -6.25
N ILE A 397 16.44 -18.67 -5.61
CA ILE A 397 16.31 -17.31 -5.16
C ILE A 397 16.49 -16.32 -6.30
N ASN A 398 17.56 -16.48 -7.09
CA ASN A 398 17.80 -15.55 -8.20
C ASN A 398 16.99 -15.86 -9.43
N GLU A 399 16.47 -17.08 -9.51
CA GLU A 399 15.67 -17.43 -10.67
C GLU A 399 14.22 -17.09 -10.42
N SER A 400 13.88 -16.93 -9.14
CA SER A 400 12.51 -16.65 -8.77
C SER A 400 11.75 -17.86 -9.30
N ASP A 401 12.37 -19.02 -9.06
CA ASP A 401 11.85 -20.32 -9.45
C ASP A 401 11.80 -21.22 -8.22
N LEU A 402 10.60 -21.44 -7.68
CA LEU A 402 10.47 -22.28 -6.50
C LEU A 402 10.14 -23.75 -6.81
N ASN A 403 10.10 -24.10 -8.09
CA ASN A 403 9.78 -25.47 -8.44
C ASN A 403 10.90 -26.44 -8.07
N PRO A 404 12.15 -26.10 -8.39
CA PRO A 404 13.26 -27.01 -8.05
C PRO A 404 13.26 -27.49 -6.59
N LEU A 405 12.56 -26.76 -5.73
CA LEU A 405 12.49 -27.09 -4.31
C LEU A 405 11.37 -28.10 -4.02
N ALA A 406 10.74 -28.58 -5.08
CA ALA A 406 9.66 -29.55 -4.94
C ALA A 406 10.23 -30.90 -4.51
N GLY A 407 9.61 -31.48 -3.47
CA GLY A 407 10.06 -32.77 -2.97
C GLY A 407 11.55 -32.91 -2.73
N LEU A 408 12.28 -31.79 -2.80
CA LEU A 408 13.71 -31.82 -2.55
C LEU A 408 13.84 -32.21 -1.07
N LYS A 409 14.86 -33.00 -0.76
CA LYS A 409 15.09 -33.41 0.63
C LYS A 409 16.16 -32.49 1.23
N PHE A 410 15.82 -31.87 2.37
CA PHE A 410 16.73 -30.95 3.04
C PHE A 410 17.47 -31.64 4.17
N GLU A 411 18.49 -32.40 3.80
CA GLU A 411 19.34 -33.13 4.74
C GLU A 411 20.77 -32.69 4.52
N SER A 412 21.48 -32.37 5.60
CA SER A 412 22.86 -31.95 5.48
C SER A 412 23.75 -33.17 5.51
N LYS A 413 24.64 -33.28 4.53
CA LYS A 413 25.54 -34.42 4.48
C LYS A 413 26.55 -34.20 5.60
N LEU A 414 26.24 -34.82 6.73
CA LEU A 414 27.05 -34.74 7.93
C LEU A 414 28.24 -35.69 7.89
N GLU A 415 29.44 -35.15 7.75
CA GLU A 415 30.63 -35.97 7.71
C GLU A 415 31.39 -35.85 9.03
N ASP A 416 32.53 -36.54 9.13
CA ASP A 416 33.35 -36.53 10.34
C ASP A 416 34.78 -36.20 10.01
N ILE A 417 35.28 -35.09 10.54
CA ILE A 417 36.65 -34.69 10.28
C ILE A 417 37.66 -35.49 11.10
N ALA A 418 37.92 -35.06 12.34
CA ALA A 418 38.88 -35.74 13.19
C ALA A 418 38.49 -35.82 14.67
N THR A 419 39.38 -36.40 15.46
CA THR A 419 39.15 -36.54 16.89
C THR A 419 40.10 -35.65 17.65
N ILE A 420 39.59 -35.05 18.72
CA ILE A 420 40.38 -34.18 19.57
C ILE A 420 39.77 -34.13 20.97
N GLU A 421 40.55 -33.66 21.91
CA GLU A 421 40.11 -33.56 23.30
C GLU A 421 39.88 -32.08 23.59
N ARG A 422 40.97 -31.31 23.45
CA ARG A 422 40.94 -29.87 23.67
C ARG A 422 40.25 -29.28 22.44
N ILE A 423 39.35 -28.31 22.66
CA ILE A 423 38.65 -27.66 21.55
C ILE A 423 39.70 -27.06 20.62
N PRO A 424 39.89 -27.69 19.44
CA PRO A 424 40.87 -27.27 18.43
C PRO A 424 40.79 -25.88 17.84
N ASN A 425 41.73 -25.64 16.95
CA ASN A 425 41.92 -24.40 16.21
C ASN A 425 41.85 -24.88 14.76
N LEU A 426 41.49 -24.03 13.80
CA LEU A 426 41.44 -24.48 12.39
C LEU A 426 41.88 -23.42 11.39
N ALA A 427 42.07 -23.82 10.13
CA ALA A 427 42.48 -22.88 9.08
C ALA A 427 42.39 -23.56 7.72
N TYR A 428 42.21 -22.74 6.68
CA TYR A 428 42.11 -23.25 5.32
C TYR A 428 43.35 -22.89 4.49
N ILE A 429 44.12 -23.92 4.11
CA ILE A 429 45.31 -23.70 3.31
C ILE A 429 45.14 -24.32 1.95
N ASN A 430 45.40 -23.52 0.91
CA ASN A 430 45.27 -23.96 -0.47
C ASN A 430 46.67 -24.28 -0.99
N TRP A 431 47.16 -25.47 -0.64
CA TRP A 431 48.49 -25.92 -1.04
C TRP A 431 48.46 -26.72 -2.33
N ASN A 432 48.92 -26.09 -3.42
CA ASN A 432 48.96 -26.70 -4.74
C ASN A 432 47.58 -27.15 -5.15
N ASP A 433 46.68 -26.18 -5.32
CA ASP A 433 45.30 -26.45 -5.71
C ASP A 433 44.75 -27.56 -4.80
N GLN A 434 44.77 -27.30 -3.49
CA GLN A 434 44.31 -28.25 -2.49
C GLN A 434 43.48 -27.67 -1.34
N SER A 435 42.47 -28.43 -0.94
CA SER A 435 41.61 -28.06 0.16
C SER A 435 42.23 -28.62 1.45
N ASN A 436 43.04 -27.82 2.14
CA ASN A 436 43.68 -28.26 3.37
C ASN A 436 43.10 -27.72 4.64
N LEU A 437 42.82 -28.61 5.59
CA LEU A 437 42.25 -28.23 6.87
C LEU A 437 43.22 -28.41 8.02
N ALA A 438 43.92 -27.34 8.37
CA ALA A 438 44.88 -27.41 9.47
C ALA A 438 44.16 -27.57 10.81
N LEU A 439 44.36 -28.73 11.45
CA LEU A 439 43.77 -29.02 12.76
C LEU A 439 44.82 -28.96 13.86
N MET A 440 44.75 -27.91 14.67
CA MET A 440 45.70 -27.70 15.74
C MET A 440 45.12 -27.92 17.15
N SER A 441 45.32 -29.11 17.70
CA SER A 441 44.84 -29.35 19.05
C SER A 441 45.99 -28.77 19.89
N ASN A 442 46.12 -29.13 21.16
CA ASN A 442 47.21 -28.55 21.95
C ASN A 442 48.58 -28.90 21.36
N LYS A 443 49.01 -30.12 21.61
CA LYS A 443 50.29 -30.62 21.09
C LYS A 443 50.09 -30.96 19.62
N THR A 444 48.98 -31.63 19.34
CA THR A 444 48.59 -32.05 17.99
C THR A 444 48.77 -30.94 16.94
N LEU A 445 48.81 -31.33 15.67
CA LEU A 445 48.94 -30.41 14.56
C LEU A 445 48.72 -31.16 13.26
N THR A 446 47.54 -31.76 13.16
CA THR A 446 47.11 -32.55 12.01
C THR A 446 46.83 -31.72 10.76
N PHE A 447 46.80 -32.39 9.61
CA PHE A 447 46.49 -31.76 8.33
C PHE A 447 45.65 -32.77 7.54
N GLN A 448 44.61 -32.30 6.86
CA GLN A 448 43.75 -33.20 6.09
C GLN A 448 43.30 -32.58 4.78
N ASN A 449 42.32 -33.23 4.16
CA ASN A 449 41.77 -32.76 2.90
C ASN A 449 40.28 -32.59 3.05
N ILE A 450 39.68 -31.83 2.14
CA ILE A 450 38.26 -31.61 2.19
C ILE A 450 37.62 -31.97 0.87
N SER A 451 36.45 -32.59 0.95
CA SER A 451 35.68 -32.98 -0.23
C SER A 451 35.35 -31.71 -1.03
N SER A 452 36.16 -31.46 -2.07
CA SER A 452 36.02 -30.29 -2.96
C SER A 452 37.02 -29.20 -2.56
N MET B 10 9.93 7.56 -16.01
CA MET B 10 11.23 6.86 -15.75
C MET B 10 11.03 5.34 -15.83
N LYS B 11 12.00 4.61 -15.26
CA LYS B 11 12.02 3.14 -15.23
C LYS B 11 13.14 2.61 -14.31
N GLY B 12 12.88 1.49 -13.63
CA GLY B 12 13.88 0.89 -12.74
C GLY B 12 14.56 -0.32 -13.37
N PHE B 13 15.83 -0.57 -13.01
CA PHE B 13 16.53 -1.70 -13.63
C PHE B 13 17.02 -2.78 -12.67
N LYS B 14 17.85 -2.37 -11.72
CA LYS B 14 18.42 -3.26 -10.71
C LYS B 14 17.47 -3.34 -9.56
N VAL B 15 17.18 -2.16 -9.03
CA VAL B 15 16.27 -2.03 -7.91
C VAL B 15 15.06 -2.94 -8.09
N VAL B 16 14.59 -3.08 -9.32
CA VAL B 16 13.44 -3.94 -9.59
C VAL B 16 13.77 -5.38 -9.29
N GLU B 17 14.94 -5.78 -9.76
CA GLU B 17 15.45 -7.14 -9.58
C GLU B 17 15.55 -7.45 -8.09
N VAL B 18 16.04 -6.47 -7.31
CA VAL B 18 16.20 -6.58 -5.87
C VAL B 18 14.86 -6.87 -5.21
N GLY B 19 13.83 -6.19 -5.67
CA GLY B 19 12.51 -6.42 -5.10
C GLY B 19 12.05 -7.82 -5.41
N LEU B 20 12.36 -8.29 -6.61
CA LEU B 20 11.97 -9.62 -6.99
C LEU B 20 12.64 -10.59 -6.06
N ALA B 21 13.94 -10.40 -5.91
CA ALA B 21 14.72 -11.25 -5.03
C ALA B 21 14.06 -11.23 -3.65
N MET B 22 13.97 -10.04 -3.08
CA MET B 22 13.36 -9.87 -1.78
C MET B 22 12.07 -10.65 -1.74
N ASN B 23 11.15 -10.32 -2.63
CA ASN B 23 9.86 -11.02 -2.63
C ASN B 23 10.06 -12.55 -2.62
N THR B 24 10.89 -13.04 -3.54
CA THR B 24 11.15 -14.47 -3.63
C THR B 24 11.59 -15.10 -2.30
N LYS B 25 12.48 -14.44 -1.58
CA LYS B 25 12.92 -14.95 -0.30
C LYS B 25 11.70 -15.12 0.59
N LYS B 26 10.77 -14.17 0.49
CA LYS B 26 9.55 -14.22 1.29
C LYS B 26 8.68 -15.37 0.82
N GLN B 27 8.73 -15.63 -0.49
CA GLN B 27 7.98 -16.70 -1.09
C GLN B 27 8.53 -18.00 -0.52
N ILE B 28 9.86 -18.07 -0.47
CA ILE B 28 10.51 -19.24 0.05
C ILE B 28 10.12 -19.39 1.49
N GLY B 29 9.90 -18.27 2.17
CA GLY B 29 9.51 -18.32 3.56
C GLY B 29 8.29 -19.19 3.73
N ASP B 30 7.26 -18.92 2.92
CA ASP B 30 6.02 -19.68 2.97
C ASP B 30 6.27 -21.14 2.67
N PHE B 31 7.26 -21.40 1.82
CA PHE B 31 7.55 -22.78 1.49
C PHE B 31 7.80 -23.55 2.76
N PHE B 32 8.88 -23.21 3.43
CA PHE B 32 9.24 -23.88 4.65
C PHE B 32 8.20 -23.81 5.75
N LYS B 33 7.38 -22.77 5.79
CA LYS B 33 6.36 -22.72 6.84
C LYS B 33 5.36 -23.87 6.70
N ASN B 34 4.99 -24.19 5.46
CA ASN B 34 4.03 -25.26 5.18
C ASN B 34 4.65 -26.62 4.98
N LEU B 35 5.83 -26.62 4.35
CA LEU B 35 6.58 -27.85 4.09
C LEU B 35 6.77 -28.71 5.33
N ASN B 36 6.67 -28.11 6.50
CA ASN B 36 6.85 -28.85 7.75
C ASN B 36 5.50 -29.30 8.27
N MET B 37 4.74 -28.37 8.85
CA MET B 37 3.42 -28.70 9.37
C MET B 37 2.37 -27.64 9.00
N ILE C 6 1.87 14.78 49.03
CA ILE C 6 1.50 13.47 48.42
C ILE C 6 0.57 13.65 47.23
N VAL C 7 0.93 13.03 46.10
CA VAL C 7 0.13 13.09 44.88
C VAL C 7 0.15 11.71 44.20
N LEU C 8 -0.99 11.32 43.63
CA LEU C 8 -1.10 10.03 42.97
C LEU C 8 -2.15 10.10 41.87
N THR C 9 -1.81 10.79 40.78
CA THR C 9 -2.71 10.94 39.65
C THR C 9 -2.70 9.68 38.77
N LYS C 10 -1.87 9.72 37.72
CA LYS C 10 -1.72 8.61 36.77
C LYS C 10 -2.70 7.45 36.89
N VAL C 11 -3.37 7.18 35.78
CA VAL C 11 -4.37 6.12 35.64
C VAL C 11 -4.01 4.76 36.26
N GLY C 12 -4.89 4.25 37.10
CA GLY C 12 -4.68 2.95 37.73
C GLY C 12 -3.93 2.88 39.04
N TYR C 13 -2.90 3.71 39.19
CA TYR C 13 -2.09 3.71 40.40
C TYR C 13 -2.92 3.88 41.67
N TYR C 14 -2.60 3.08 42.69
CA TYR C 14 -3.29 3.15 43.97
C TYR C 14 -2.33 2.99 45.14
N THR C 15 -2.87 2.75 46.34
CA THR C 15 -2.08 2.58 47.55
C THR C 15 -2.80 1.82 48.68
N ILE C 16 -2.04 1.32 49.65
CA ILE C 16 -2.57 0.58 50.79
C ILE C 16 -1.76 0.87 52.05
N PRO C 17 -2.26 1.75 52.92
CA PRO C 17 -3.53 2.50 52.83
C PRO C 17 -3.65 3.41 51.61
N SER C 18 -4.86 3.53 51.08
CA SER C 18 -5.12 4.35 49.90
C SER C 18 -4.91 5.84 50.16
N MET C 19 -5.07 6.66 49.13
CA MET C 19 -4.90 8.11 49.23
C MET C 19 -5.93 8.76 50.16
N ASP C 20 -7.05 8.07 50.38
CA ASP C 20 -8.11 8.57 51.25
C ASP C 20 -7.75 8.25 52.70
N ASP C 21 -7.22 7.04 52.88
CA ASP C 21 -6.80 6.57 54.21
C ASP C 21 -5.50 7.26 54.63
N LEU C 22 -4.94 8.04 53.70
CA LEU C 22 -3.70 8.78 53.95
C LEU C 22 -4.03 10.22 54.29
N ALA C 23 -5.31 10.59 54.12
CA ALA C 23 -5.78 11.93 54.43
C ALA C 23 -6.14 11.99 55.91
N LYS C 24 -6.38 10.82 56.50
CA LYS C 24 -6.71 10.70 57.93
C LYS C 24 -5.44 10.63 58.78
N ILE C 25 -4.60 9.65 58.50
CA ILE C 25 -3.36 9.44 59.25
C ILE C 25 -2.28 10.50 58.99
N THR C 26 -2.65 11.59 58.32
CA THR C 26 -1.69 12.66 58.02
C THR C 26 -1.48 13.52 59.27
N ASN C 27 -0.27 13.44 59.84
CA ASN C 27 0.11 14.19 61.05
C ASN C 27 -0.32 15.66 61.01
N GLU C 28 -0.53 16.25 62.20
CA GLU C 28 -0.94 17.65 62.30
C GLU C 28 0.24 18.61 62.05
N LYS C 29 0.79 18.53 60.84
CA LYS C 29 1.93 19.38 60.46
C LYS C 29 2.21 19.07 58.98
N GLY C 30 1.81 17.88 58.55
CA GLY C 30 2.02 17.45 57.18
C GLY C 30 2.97 16.27 57.14
N GLU C 31 3.24 15.69 58.30
CA GLU C 31 4.14 14.56 58.44
C GLU C 31 3.45 13.20 58.32
N CYS C 32 3.21 12.78 57.08
CA CYS C 32 2.56 11.50 56.82
C CYS C 32 3.61 10.38 56.84
N ILE C 33 3.56 9.54 57.87
CA ILE C 33 4.50 8.44 58.01
C ILE C 33 3.79 7.16 58.45
N VAL C 34 3.27 6.41 57.48
CA VAL C 34 2.55 5.16 57.75
C VAL C 34 3.45 3.95 57.58
N SER C 35 3.10 2.85 58.26
CA SER C 35 3.86 1.62 58.17
C SER C 35 3.10 0.59 57.33
N ASP C 36 3.83 -0.34 56.72
CA ASP C 36 3.25 -1.37 55.85
C ASP C 36 2.51 -0.73 54.68
N PHE C 37 3.25 0.09 53.94
CA PHE C 37 2.74 0.82 52.79
C PHE C 37 2.94 0.01 51.52
N THR C 38 1.98 0.12 50.60
CA THR C 38 2.02 -0.59 49.33
C THR C 38 1.54 0.36 48.23
N ILE C 39 1.90 0.06 46.98
CA ILE C 39 1.50 0.88 45.86
C ILE C 39 1.55 0.02 44.61
N GLY C 40 1.14 0.57 43.47
CA GLY C 40 1.21 -0.20 42.24
C GLY C 40 0.09 0.09 41.27
N ARG C 41 0.30 -0.26 40.00
CA ARG C 41 -0.70 -0.04 38.98
C ARG C 41 -1.53 -1.31 38.82
N LYS C 42 -2.84 -1.18 38.93
CA LYS C 42 -3.74 -2.33 38.82
C LYS C 42 -3.49 -3.15 37.55
N GLY C 43 -3.30 -4.45 37.74
CA GLY C 43 -3.06 -5.33 36.61
C GLY C 43 -1.62 -5.55 36.24
N TYR C 44 -0.75 -4.61 36.60
CA TYR C 44 0.66 -4.73 36.27
C TYR C 44 1.49 -5.22 37.44
N GLY C 45 1.58 -4.44 38.49
CA GLY C 45 2.36 -4.87 39.63
C GLY C 45 2.09 -4.13 40.92
N SER C 46 2.93 -4.39 41.92
CA SER C 46 2.81 -3.76 43.23
C SER C 46 4.14 -3.87 43.99
N ILE C 47 4.51 -2.79 44.68
CA ILE C 47 5.74 -2.76 45.46
C ILE C 47 5.38 -2.61 46.94
N TYR C 48 5.72 -3.61 47.74
CA TYR C 48 5.42 -3.60 49.17
C TYR C 48 6.56 -3.22 50.10
N PHE C 49 6.47 -2.03 50.67
CA PHE C 49 7.46 -1.56 51.60
C PHE C 49 7.00 -2.00 52.97
N GLU C 50 7.71 -2.93 53.59
CA GLU C 50 7.34 -3.41 54.92
C GLU C 50 7.88 -2.49 56.03
N GLY C 51 7.32 -2.61 57.23
CA GLY C 51 7.79 -1.79 58.33
C GLY C 51 7.39 -0.33 58.24
N ASP C 52 8.23 0.55 58.76
CA ASP C 52 7.95 1.99 58.77
C ASP C 52 8.47 2.68 57.51
N VAL C 53 7.70 3.66 57.04
CA VAL C 53 8.09 4.39 55.85
C VAL C 53 7.84 5.88 56.08
N ASN C 54 8.62 6.72 55.40
CA ASN C 54 8.49 8.18 55.54
C ASN C 54 7.95 8.82 54.26
N LEU C 55 6.63 8.77 54.08
CA LEU C 55 5.98 9.33 52.89
C LEU C 55 5.77 10.84 52.98
N THR C 56 6.40 11.47 53.97
CA THR C 56 6.28 12.91 54.18
C THR C 56 6.30 13.70 52.87
N ASN C 57 5.11 13.93 52.32
CA ASN C 57 4.94 14.64 51.06
C ASN C 57 5.91 14.21 49.99
N LEU C 58 5.59 13.09 49.34
CA LEU C 58 6.42 12.56 48.26
C LEU C 58 5.56 12.43 47.02
N ASN C 59 6.03 13.02 45.91
CA ASN C 59 5.31 12.97 44.65
C ASN C 59 5.44 11.59 44.00
N LEU C 60 4.45 10.74 44.24
CA LEU C 60 4.45 9.39 43.70
C LEU C 60 4.43 9.38 42.17
N ASP C 61 3.89 10.44 41.58
CA ASP C 61 3.83 10.54 40.12
C ASP C 61 5.20 10.49 39.45
N ASP C 62 6.23 10.96 40.14
CA ASP C 62 7.58 10.98 39.58
C ASP C 62 8.51 9.99 40.27
N ILE C 63 7.96 9.21 41.19
CA ILE C 63 8.77 8.24 41.92
C ILE C 63 8.57 6.81 41.45
N VAL C 64 7.32 6.40 41.34
CA VAL C 64 7.01 5.04 40.95
C VAL C 64 6.42 4.89 39.55
N HIS C 65 6.91 3.90 38.82
CA HIS C 65 6.45 3.59 37.48
C HIS C 65 6.37 2.08 37.34
N ILE C 66 5.32 1.60 36.69
CA ILE C 66 5.15 0.17 36.51
C ILE C 66 4.67 -0.23 35.13
N ARG C 67 5.60 -0.66 34.27
CA ARG C 67 5.26 -1.11 32.93
C ARG C 67 5.31 -2.63 33.01
N ARG C 68 4.71 -3.31 32.05
CA ARG C 68 4.70 -4.77 32.08
C ARG C 68 6.11 -5.32 32.23
N LYS C 69 6.25 -6.36 33.04
CA LYS C 69 7.54 -7.01 33.26
C LYS C 69 8.66 -6.11 33.79
N GLU C 70 8.35 -4.87 34.13
CA GLU C 70 9.39 -3.98 34.63
C GLU C 70 8.87 -2.96 35.65
N VAL C 71 9.78 -2.38 36.43
CA VAL C 71 9.42 -1.38 37.44
C VAL C 71 10.54 -0.36 37.62
N ILE C 72 10.16 0.88 37.94
CA ILE C 72 11.14 1.93 38.13
C ILE C 72 10.86 2.72 39.41
N VAL C 73 11.87 2.88 40.24
CA VAL C 73 11.74 3.64 41.48
C VAL C 73 12.72 4.81 41.42
N TYR C 74 12.16 6.02 41.42
CA TYR C 74 12.98 7.21 41.33
C TYR C 74 13.57 7.27 39.94
N VAL C 75 12.97 8.12 39.10
CA VAL C 75 13.35 8.33 37.71
C VAL C 75 14.75 7.85 37.36
N ASP C 76 15.72 8.24 38.17
CA ASP C 76 17.13 7.86 37.97
C ASP C 76 17.83 7.72 39.33
N ASP C 77 18.45 8.80 39.77
CA ASP C 77 19.13 8.89 41.05
C ASP C 77 19.24 10.38 41.36
N ASN C 78 18.44 11.14 40.61
CA ASN C 78 18.36 12.59 40.70
C ASN C 78 18.26 13.05 42.16
N GLN C 79 17.10 12.84 42.76
CA GLN C 79 16.86 13.21 44.16
C GLN C 79 16.85 11.95 45.01
N LYS C 80 17.23 10.84 44.37
CA LYS C 80 17.32 9.53 44.99
C LYS C 80 17.91 9.66 46.39
N PRO C 81 17.05 9.76 47.41
CA PRO C 81 17.48 9.90 48.81
C PRO C 81 18.44 8.78 49.24
N PRO C 82 19.23 9.03 50.30
CA PRO C 82 20.17 8.05 50.80
C PRO C 82 19.51 6.69 51.03
N VAL C 83 20.32 5.65 51.19
CA VAL C 83 19.81 4.30 51.40
C VAL C 83 19.06 4.16 52.72
N GLY C 84 17.74 4.32 52.63
CA GLY C 84 16.91 4.21 53.82
C GLY C 84 16.12 5.47 54.07
N GLU C 85 16.35 6.47 53.21
CA GLU C 85 15.68 7.76 53.33
C GLU C 85 14.34 7.83 52.59
N GLY C 86 14.26 8.73 51.61
CA GLY C 86 13.04 8.92 50.85
C GLY C 86 12.18 7.69 50.65
N LEU C 87 12.59 6.83 49.72
CA LEU C 87 11.87 5.60 49.41
C LEU C 87 12.90 4.56 48.98
N ASN C 88 14.15 5.03 48.88
CA ASN C 88 15.29 4.22 48.49
C ASN C 88 15.55 3.09 49.50
N ARG C 89 14.48 2.58 50.11
CA ARG C 89 14.61 1.53 51.10
C ARG C 89 14.34 0.15 50.50
N LYS C 90 14.42 -0.88 51.32
CA LYS C 90 14.18 -2.24 50.87
C LYS C 90 12.67 -2.46 50.66
N ALA C 91 12.31 -3.39 49.79
CA ALA C 91 10.90 -3.67 49.52
C ALA C 91 10.68 -5.04 48.86
N GLU C 92 9.45 -5.29 48.44
CA GLU C 92 9.08 -6.54 47.79
C GLU C 92 8.19 -6.27 46.56
N VAL C 93 8.81 -6.21 45.38
CA VAL C 93 8.08 -5.94 44.15
C VAL C 93 7.33 -7.16 43.63
N THR C 94 6.20 -6.91 42.98
CA THR C 94 5.38 -7.98 42.42
C THR C 94 4.95 -7.58 41.01
N LEU C 95 5.65 -8.03 39.98
CA LEU C 95 5.28 -7.69 38.62
C LEU C 95 4.39 -8.79 38.09
N ASP C 96 3.24 -8.41 37.55
CA ASP C 96 2.28 -9.40 37.04
C ASP C 96 2.12 -9.40 35.54
N GLY C 97 1.46 -10.45 35.04
CA GLY C 97 1.25 -10.58 33.62
C GLY C 97 2.56 -10.90 32.92
N VAL C 98 3.44 -11.60 33.63
CA VAL C 98 4.74 -11.99 33.10
C VAL C 98 4.70 -13.43 32.65
N TRP C 99 4.84 -13.63 31.34
CA TRP C 99 4.82 -14.95 30.76
C TRP C 99 5.79 -15.01 29.61
N PRO C 100 6.25 -16.22 29.30
CA PRO C 100 7.18 -16.43 28.21
C PRO C 100 6.34 -16.35 26.95
N THR C 101 6.98 -16.16 25.80
CA THR C 101 6.23 -16.06 24.58
C THR C 101 6.60 -17.17 23.62
N ASP C 102 5.59 -17.62 22.87
CA ASP C 102 5.73 -18.69 21.89
C ASP C 102 6.70 -18.26 20.80
N LYS C 103 7.57 -19.17 20.39
CA LYS C 103 8.57 -18.87 19.40
C LYS C 103 8.05 -18.92 17.96
N THR C 104 6.81 -19.36 17.79
CA THR C 104 6.22 -19.46 16.45
C THR C 104 5.18 -18.38 16.21
N SER C 105 4.53 -17.92 17.27
CA SER C 105 3.48 -16.93 17.15
C SER C 105 3.50 -15.86 18.23
N ARG C 106 4.65 -15.70 18.89
CA ARG C 106 4.82 -14.74 19.97
C ARG C 106 3.70 -14.76 21.02
N CYS C 107 2.89 -15.83 21.02
CA CYS C 107 1.81 -15.97 21.99
C CYS C 107 2.31 -16.14 23.41
N LEU C 108 1.46 -15.80 24.37
CA LEU C 108 1.83 -15.93 25.77
C LEU C 108 1.59 -17.34 26.22
N ILE C 109 2.62 -17.97 26.78
CA ILE C 109 2.46 -19.31 27.31
C ILE C 109 2.01 -19.04 28.74
N LYS C 110 0.77 -19.43 29.05
CA LYS C 110 0.21 -19.22 30.37
C LYS C 110 -0.11 -20.58 31.00
N SER C 111 0.12 -21.63 30.21
CA SER C 111 -0.12 -23.02 30.62
C SER C 111 0.86 -23.43 31.73
N PRO C 112 0.38 -23.61 32.96
CA PRO C 112 1.25 -24.01 34.08
C PRO C 112 2.15 -25.19 33.75
N ASP C 113 1.77 -25.94 32.71
CA ASP C 113 2.53 -27.11 32.25
C ASP C 113 3.78 -26.66 31.51
N ARG C 114 3.60 -26.15 30.29
CA ARG C 114 4.73 -25.67 29.48
C ARG C 114 5.57 -24.69 30.29
N LEU C 115 4.91 -23.98 31.20
CA LEU C 115 5.56 -23.02 32.07
C LEU C 115 6.54 -23.79 32.95
N ALA C 116 6.12 -24.97 33.38
CA ALA C 116 6.96 -25.82 34.22
C ALA C 116 7.90 -26.71 33.39
N ASP C 117 7.48 -27.03 32.15
CA ASP C 117 8.30 -27.86 31.26
C ASP C 117 9.55 -27.09 30.87
N ILE C 118 9.38 -25.80 30.59
CA ILE C 118 10.51 -24.97 30.21
C ILE C 118 11.15 -24.35 31.45
N ASN C 119 10.49 -24.47 32.60
CA ASN C 119 11.03 -23.90 33.82
C ASN C 119 11.20 -22.37 33.70
N TYR C 120 10.08 -21.66 33.58
CA TYR C 120 10.16 -20.22 33.49
C TYR C 120 10.70 -19.76 34.85
N GLU C 121 10.44 -20.58 35.86
CA GLU C 121 10.88 -20.32 37.22
C GLU C 121 12.32 -19.84 37.27
N GLY C 122 13.23 -20.81 37.21
CA GLY C 122 14.65 -20.51 37.25
C GLY C 122 15.08 -19.40 36.32
N ARG C 123 14.64 -19.47 35.07
CA ARG C 123 15.02 -18.46 34.08
C ARG C 123 14.76 -17.05 34.60
N LEU C 124 13.63 -16.90 35.28
CA LEU C 124 13.19 -15.62 35.83
C LEU C 124 13.99 -15.30 37.09
N GLU C 125 14.42 -16.36 37.77
CA GLU C 125 15.21 -16.27 38.99
C GLU C 125 16.64 -15.78 38.70
N ALA C 126 17.27 -16.42 37.72
CA ALA C 126 18.62 -16.06 37.32
C ALA C 126 18.68 -14.61 36.86
N VAL C 127 17.51 -14.06 36.53
CA VAL C 127 17.40 -12.67 36.08
C VAL C 127 17.31 -11.75 37.29
N SER C 128 16.87 -12.30 38.41
CA SER C 128 16.76 -11.55 39.64
C SER C 128 18.16 -11.59 40.24
N ARG C 129 18.75 -12.78 40.22
CA ARG C 129 20.10 -12.96 40.72
C ARG C 129 20.98 -11.89 40.07
N LYS C 130 21.10 -11.97 38.75
CA LYS C 130 21.92 -11.03 37.98
C LYS C 130 21.52 -9.57 38.18
N GLN C 131 20.35 -9.34 38.76
CA GLN C 131 19.88 -7.97 38.99
C GLN C 131 20.15 -7.50 40.42
N GLY C 132 20.86 -8.32 41.18
CA GLY C 132 21.17 -7.95 42.55
C GLY C 132 19.98 -8.09 43.49
N ALA C 133 18.89 -8.64 42.98
CA ALA C 133 17.70 -8.83 43.79
C ALA C 133 17.64 -10.24 44.36
N GLN C 134 16.65 -10.47 45.20
CA GLN C 134 16.46 -11.76 45.84
C GLN C 134 15.20 -12.42 45.32
N PHE C 135 15.38 -13.48 44.54
CA PHE C 135 14.23 -14.20 43.98
C PHE C 135 13.33 -14.68 45.11
N LYS C 136 12.02 -14.68 44.85
CA LYS C 136 11.06 -15.14 45.84
C LYS C 136 10.21 -16.27 45.26
N GLU C 137 9.45 -15.97 44.21
CA GLU C 137 8.62 -16.99 43.58
C GLU C 137 7.99 -16.50 42.28
N TYR C 138 7.23 -17.39 41.64
CA TYR C 138 6.55 -17.06 40.40
C TYR C 138 5.24 -17.81 40.30
N ARG C 139 4.14 -17.05 40.39
CA ARG C 139 2.81 -17.64 40.32
C ARG C 139 2.30 -17.64 38.88
N PRO C 140 2.25 -18.83 38.25
CA PRO C 140 1.79 -19.05 36.87
C PRO C 140 0.45 -18.42 36.52
N GLU C 141 -0.56 -18.70 37.34
CA GLU C 141 -1.93 -18.19 37.16
C GLU C 141 -2.04 -16.73 36.76
N THR C 142 -1.36 -15.86 37.50
CA THR C 142 -1.40 -14.43 37.18
C THR C 142 -0.12 -13.93 36.53
N GLY C 143 0.85 -14.83 36.34
CA GLY C 143 2.11 -14.43 35.75
C GLY C 143 2.80 -13.49 36.73
N SER C 144 2.60 -13.76 38.02
CA SER C 144 3.19 -12.95 39.06
C SER C 144 4.61 -13.38 39.38
N TRP C 145 5.50 -12.40 39.44
CA TRP C 145 6.90 -12.64 39.72
C TRP C 145 7.24 -11.68 40.85
N VAL C 146 7.67 -12.22 41.97
CA VAL C 146 8.04 -11.39 43.11
C VAL C 146 9.48 -11.63 43.52
N PHE C 147 10.16 -10.55 43.82
CA PHE C 147 11.54 -10.62 44.25
C PHE C 147 11.77 -9.49 45.23
N LYS C 148 12.82 -9.58 46.04
CA LYS C 148 13.11 -8.54 47.01
C LYS C 148 14.37 -7.80 46.64
N VAL C 149 14.41 -6.51 46.95
CA VAL C 149 15.57 -5.69 46.65
C VAL C 149 16.07 -4.97 47.89
N SER C 150 17.38 -4.81 48.01
CA SER C 150 17.96 -4.13 49.16
C SER C 150 17.55 -2.65 49.17
N HIS C 151 17.52 -2.05 47.99
CA HIS C 151 17.14 -0.65 47.85
C HIS C 151 16.59 -0.37 46.44
N PHE C 152 16.48 0.91 46.09
CA PHE C 152 15.99 1.33 44.77
C PHE C 152 16.80 2.47 44.15
N ARG D 6 10.14 59.05 20.63
CA ARG D 6 8.77 59.62 20.76
C ARG D 6 7.86 59.14 19.63
N LEU D 7 6.90 58.27 19.93
CA LEU D 7 6.04 57.79 18.85
C LEU D 7 4.60 58.30 18.83
N SER D 8 3.88 58.20 19.95
CA SER D 8 2.48 58.66 19.96
C SER D 8 2.33 60.06 19.36
N ALA D 9 3.44 60.80 19.36
CA ALA D 9 3.45 62.13 18.80
C ALA D 9 4.15 62.04 17.46
N LEU D 10 3.44 62.39 16.41
CA LEU D 10 3.99 62.33 15.06
C LEU D 10 3.04 63.05 14.12
N PRO D 11 3.56 63.56 13.00
CA PRO D 11 2.71 64.27 12.04
C PRO D 11 1.37 63.59 11.77
N ILE D 12 1.45 62.44 11.10
CA ILE D 12 0.30 61.64 10.68
C ILE D 12 -0.70 61.19 11.75
N PHE D 13 -0.28 61.15 13.01
CA PHE D 13 -1.16 60.69 14.08
C PHE D 13 -2.06 61.70 14.77
N GLN D 14 -1.82 62.99 14.58
CA GLN D 14 -2.64 64.00 15.23
C GLN D 14 -3.58 64.74 14.30
N ALA D 15 -4.80 64.95 14.76
CA ALA D 15 -5.76 65.65 13.94
C ALA D 15 -7.00 66.00 14.75
N SER D 16 -7.15 67.29 15.02
CA SER D 16 -8.30 67.79 15.77
C SER D 16 -9.44 67.96 14.78
N LEU D 17 -10.41 68.81 15.09
CA LEU D 17 -11.54 69.03 14.20
C LEU D 17 -12.15 67.65 13.93
N SER D 18 -12.03 66.76 14.90
CA SER D 18 -12.55 65.42 14.75
C SER D 18 -14.04 65.35 15.11
N ALA D 19 -14.80 64.61 14.31
CA ALA D 19 -16.23 64.43 14.53
C ALA D 19 -16.41 63.20 15.41
N SER D 20 -17.31 63.29 16.38
CA SER D 20 -17.59 62.18 17.29
C SER D 20 -18.19 60.98 16.54
N GLN D 21 -18.01 60.97 15.23
CA GLN D 21 -18.51 59.91 14.36
C GLN D 21 -17.38 59.26 13.57
N SER D 22 -17.33 59.54 12.26
CA SER D 22 -16.31 58.98 11.36
C SER D 22 -15.18 58.28 12.10
N PRO D 23 -15.39 57.00 12.48
CA PRO D 23 -14.38 56.25 13.21
C PRO D 23 -13.03 56.36 12.53
N ARG D 24 -12.00 55.85 13.20
CA ARG D 24 -10.67 55.93 12.65
C ARG D 24 -9.99 54.57 12.71
N TYR D 25 -9.14 54.31 11.74
CA TYR D 25 -8.43 53.05 11.70
C TYR D 25 -6.95 53.26 11.43
N ILE D 26 -6.14 52.26 11.77
CA ILE D 26 -4.70 52.32 11.57
C ILE D 26 -4.12 50.97 11.18
N PHE D 27 -3.27 50.93 10.15
CA PHE D 27 -2.69 49.67 9.70
C PHE D 27 -1.22 49.76 9.43
N SER D 28 -0.49 48.70 9.73
CA SER D 28 0.94 48.70 9.48
C SER D 28 1.18 48.03 8.14
N SER D 29 2.43 47.69 7.85
CA SER D 29 2.77 47.08 6.57
C SER D 29 4.29 46.99 6.45
N GLN D 30 4.80 45.91 5.89
CA GLN D 30 6.23 45.72 5.72
C GLN D 30 7.00 45.68 7.02
N ASN D 31 6.60 44.79 7.90
CA ASN D 31 7.25 44.60 9.18
C ASN D 31 7.18 45.86 10.05
N GLY D 32 6.07 46.57 9.97
CA GLY D 32 5.91 47.76 10.77
C GLY D 32 6.72 48.94 10.27
N THR D 33 6.76 49.09 8.96
CA THR D 33 7.49 50.18 8.33
C THR D 33 6.53 51.26 7.87
N ARG D 34 5.59 50.87 7.03
CA ARG D 34 4.60 51.77 6.48
C ARG D 34 3.42 51.95 7.41
N ILE D 35 2.72 53.06 7.30
CA ILE D 35 1.57 53.30 8.14
C ILE D 35 0.43 53.89 7.33
N VAL D 36 -0.79 53.51 7.68
CA VAL D 36 -1.97 54.01 7.01
C VAL D 36 -2.92 54.41 8.11
N PHE D 37 -3.37 55.66 8.04
CA PHE D 37 -4.29 56.20 9.02
C PHE D 37 -5.50 56.74 8.28
N ILE D 38 -6.69 56.44 8.78
CA ILE D 38 -7.89 56.91 8.14
C ILE D 38 -8.72 57.63 9.17
N GLN D 39 -9.05 58.88 8.89
CA GLN D 39 -9.85 59.70 9.79
C GLN D 39 -10.66 60.72 9.02
N ASP D 40 -11.82 61.06 9.56
CA ASP D 40 -12.69 62.02 8.92
C ASP D 40 -12.74 61.75 7.42
N ASN D 41 -12.81 60.48 7.07
CA ASN D 41 -12.88 60.07 5.69
C ASN D 41 -11.72 60.60 4.85
N ILE D 42 -10.52 60.51 5.41
CA ILE D 42 -9.31 60.95 4.73
C ILE D 42 -8.19 59.98 5.07
N ILE D 43 -7.49 59.49 4.04
CA ILE D 43 -6.40 58.52 4.20
C ILE D 43 -5.01 59.13 4.28
N ARG D 44 -4.28 58.82 5.35
CA ARG D 44 -2.93 59.30 5.56
C ARG D 44 -1.96 58.12 5.54
N TRP D 45 -0.81 58.29 4.90
CA TRP D 45 0.16 57.20 4.85
C TRP D 45 1.55 57.73 5.02
N TYR D 46 2.33 57.10 5.90
CA TYR D 46 3.68 57.54 6.13
C TYR D 46 4.65 56.40 6.06
N ASN D 47 5.65 56.53 5.20
CA ASN D 47 6.66 55.48 5.03
C ASN D 47 7.85 55.85 5.90
N VAL D 48 8.04 55.14 7.02
CA VAL D 48 9.14 55.46 7.95
C VAL D 48 10.54 55.09 7.44
N LEU D 49 10.73 55.14 6.13
CA LEU D 49 12.01 54.85 5.50
C LEU D 49 12.19 55.87 4.39
N THR D 50 11.18 55.94 3.52
CA THR D 50 11.18 56.88 2.42
C THR D 50 10.70 58.22 2.93
N ASP D 51 9.43 58.51 2.66
CA ASP D 51 8.76 59.74 3.04
C ASP D 51 9.38 60.53 4.19
N SER D 52 9.41 61.85 4.05
CA SER D 52 9.94 62.74 5.07
C SER D 52 8.77 63.30 5.86
N LEU D 53 7.61 63.37 5.21
CA LEU D 53 6.40 63.86 5.85
C LEU D 53 5.21 63.11 5.25
N TYR D 54 4.16 62.94 6.04
CA TYR D 54 2.98 62.21 5.60
C TYR D 54 2.16 62.92 4.52
N HIS D 55 1.63 62.14 3.60
CA HIS D 55 0.81 62.64 2.50
C HIS D 55 -0.60 62.09 2.74
N SER D 56 -1.62 62.72 2.14
CA SER D 56 -2.99 62.28 2.37
C SER D 56 -3.87 62.18 1.14
N LEU D 57 -5.15 61.91 1.39
CA LEU D 57 -6.15 61.81 0.35
C LEU D 57 -7.55 61.80 0.96
N ASN D 58 -8.46 62.56 0.39
CA ASN D 58 -9.81 62.62 0.90
C ASN D 58 -10.70 61.84 -0.04
N PHE D 59 -11.35 60.81 0.49
CA PHE D 59 -12.23 59.99 -0.34
C PHE D 59 -13.68 60.18 0.05
N SER D 60 -13.93 61.23 0.82
CA SER D 60 -15.28 61.52 1.28
C SER D 60 -16.24 61.62 0.12
N ARG D 61 -15.69 61.87 -1.06
CA ARG D 61 -16.52 62.01 -2.26
C ARG D 61 -17.26 60.73 -2.66
N HIS D 62 -16.70 59.58 -2.31
CA HIS D 62 -17.35 58.31 -2.65
C HIS D 62 -17.87 57.59 -1.41
N LEU D 63 -17.15 57.70 -0.31
CA LEU D 63 -17.56 57.01 0.91
C LEU D 63 -17.63 57.92 2.13
N VAL D 64 -18.69 57.74 2.91
CA VAL D 64 -18.90 58.52 4.13
C VAL D 64 -18.96 57.53 5.27
N LEU D 65 -17.79 57.19 5.81
CA LEU D 65 -17.68 56.22 6.90
C LEU D 65 -18.49 56.55 8.14
N ASP D 66 -19.15 55.52 8.66
CA ASP D 66 -19.95 55.61 9.87
C ASP D 66 -19.61 54.43 10.77
N ASP D 67 -20.63 53.74 11.28
CA ASP D 67 -20.36 52.61 12.16
C ASP D 67 -20.91 51.28 11.64
N THR D 68 -21.15 51.20 10.34
CA THR D 68 -21.65 49.97 9.76
C THR D 68 -20.48 49.38 9.01
N PHE D 69 -19.44 50.18 8.87
CA PHE D 69 -18.26 49.79 8.14
C PHE D 69 -17.10 49.24 8.95
N HIS D 70 -16.34 48.36 8.30
CA HIS D 70 -15.15 47.79 8.89
C HIS D 70 -14.18 47.99 7.75
N VAL D 71 -12.93 48.29 8.05
CA VAL D 71 -11.96 48.44 7.00
C VAL D 71 -10.84 47.47 7.33
N ILE D 72 -10.20 46.94 6.30
CA ILE D 72 -9.12 45.99 6.47
C ILE D 72 -8.16 46.26 5.35
N SER D 73 -6.88 46.03 5.57
CA SER D 73 -5.92 46.29 4.54
C SER D 73 -5.22 45.00 4.20
N SER D 74 -4.95 44.76 2.92
CA SER D 74 -4.26 43.54 2.52
C SER D 74 -2.92 43.51 3.24
N THR D 75 -2.37 42.32 3.43
CA THR D 75 -1.11 42.17 4.12
C THR D 75 -0.05 43.02 3.43
N SER D 76 0.00 42.91 2.11
CA SER D 76 0.98 43.67 1.33
C SER D 76 0.83 45.18 1.59
N GLY D 77 -0.27 45.56 2.22
CA GLY D 77 -0.52 46.96 2.55
C GLY D 77 -1.00 47.79 1.37
N ASP D 78 -0.74 47.32 0.17
CA ASP D 78 -1.11 48.03 -1.04
C ASP D 78 -2.59 48.39 -1.19
N LEU D 79 -3.48 47.60 -0.60
CA LEU D 79 -4.91 47.86 -0.73
C LEU D 79 -5.72 47.94 0.54
N LEU D 80 -6.89 48.52 0.41
CA LEU D 80 -7.79 48.70 1.52
C LEU D 80 -9.19 48.35 1.09
N CYS D 81 -9.90 47.64 1.93
CA CYS D 81 -11.25 47.24 1.66
C CYS D 81 -12.15 47.71 2.77
N LEU D 82 -13.20 48.44 2.42
CA LEU D 82 -14.14 48.95 3.40
C LEU D 82 -15.50 48.39 3.05
N PHE D 83 -16.15 47.76 4.01
CA PHE D 83 -17.46 47.16 3.76
C PHE D 83 -18.41 47.24 4.94
N ASN D 84 -19.67 46.92 4.67
CA ASN D 84 -20.74 46.90 5.66
C ASN D 84 -21.63 45.77 5.17
N ASP D 85 -22.72 45.52 5.88
CA ASP D 85 -23.63 44.45 5.50
C ASP D 85 -24.37 44.74 4.22
N ASN D 86 -23.77 45.55 3.34
CA ASN D 86 -24.45 45.89 2.12
C ASN D 86 -23.59 46.24 0.93
N GLU D 87 -22.42 46.82 1.14
CA GLU D 87 -21.58 47.17 0.00
C GLU D 87 -20.09 47.10 0.29
N ILE D 88 -19.30 46.95 -0.77
CA ILE D 88 -17.85 46.84 -0.64
C ILE D 88 -17.08 47.86 -1.44
N PHE D 89 -16.10 48.50 -0.81
CA PHE D 89 -15.27 49.50 -1.45
C PHE D 89 -13.79 49.14 -1.32
N VAL D 90 -13.08 49.01 -2.43
CA VAL D 90 -11.68 48.69 -2.36
C VAL D 90 -10.84 49.80 -2.98
N MET D 91 -10.03 50.44 -2.15
CA MET D 91 -9.17 51.55 -2.55
C MET D 91 -7.70 51.20 -2.49
N GLU D 92 -6.94 51.76 -3.43
CA GLU D 92 -5.51 51.51 -3.54
C GLU D 92 -4.70 52.61 -2.89
N VAL D 93 -4.06 52.30 -1.77
CA VAL D 93 -3.26 53.30 -1.07
C VAL D 93 -2.23 53.87 -2.03
N PRO D 94 -2.14 55.20 -2.12
CA PRO D 94 -1.21 55.90 -2.99
C PRO D 94 0.23 55.96 -2.51
N TRP D 95 0.92 54.83 -2.43
CA TRP D 95 2.30 54.85 -1.98
C TRP D 95 3.18 55.44 -3.05
N GLY D 96 4.14 56.27 -2.65
CA GLY D 96 5.03 56.90 -3.62
C GLY D 96 4.44 58.19 -4.13
N TYR D 97 3.11 58.26 -4.18
CA TYR D 97 2.41 59.44 -4.65
C TYR D 97 2.50 60.54 -3.62
N SER D 98 2.60 61.76 -4.12
CA SER D 98 2.68 62.96 -3.32
C SER D 98 1.35 63.16 -2.63
N ASN D 99 0.85 64.39 -2.61
CA ASN D 99 -0.42 64.69 -1.97
C ASN D 99 -1.54 64.71 -3.03
N VAL D 100 -2.09 63.53 -3.33
CA VAL D 100 -3.13 63.43 -4.35
C VAL D 100 -4.24 64.43 -4.21
N GLU D 101 -4.29 65.34 -5.17
CA GLU D 101 -5.27 66.40 -5.22
C GLU D 101 -6.07 66.23 -6.51
N ASP D 102 -5.38 65.88 -7.59
CA ASP D 102 -5.97 65.67 -8.92
C ASP D 102 -7.32 64.98 -8.77
N VAL D 103 -8.40 65.68 -9.07
CA VAL D 103 -9.74 65.11 -8.94
C VAL D 103 -9.99 63.91 -9.85
N SER D 104 -9.11 63.68 -10.83
CA SER D 104 -9.27 62.54 -11.74
C SER D 104 -8.45 61.37 -11.25
N ILE D 105 -7.22 61.65 -10.84
CA ILE D 105 -6.31 60.62 -10.34
C ILE D 105 -6.86 60.14 -8.99
N GLN D 106 -7.70 60.97 -8.40
CA GLN D 106 -8.32 60.69 -7.11
C GLN D 106 -9.21 59.48 -7.24
N ASP D 107 -9.77 59.31 -8.44
CA ASP D 107 -10.66 58.20 -8.73
C ASP D 107 -9.91 56.95 -9.17
N ALA D 108 -8.68 57.14 -9.64
CA ALA D 108 -7.87 56.02 -10.11
C ALA D 108 -7.42 55.21 -8.90
N PHE D 109 -8.11 55.41 -7.77
CA PHE D 109 -7.80 54.69 -6.56
C PHE D 109 -9.04 53.96 -6.06
N GLN D 110 -10.20 54.32 -6.61
CA GLN D 110 -11.44 53.66 -6.25
C GLN D 110 -11.51 52.45 -7.15
N ILE D 111 -10.67 51.47 -6.83
CA ILE D 111 -10.55 50.25 -7.60
C ILE D 111 -11.75 49.34 -7.71
N PHE D 112 -12.46 49.09 -6.62
CA PHE D 112 -13.59 48.17 -6.71
C PHE D 112 -14.79 48.54 -5.87
N HIS D 113 -15.98 48.29 -6.43
CA HIS D 113 -17.22 48.58 -5.73
C HIS D 113 -18.24 47.47 -5.93
N TYR D 114 -19.07 47.22 -4.93
CA TYR D 114 -20.10 46.19 -4.99
C TYR D 114 -21.22 46.46 -3.99
N SER D 115 -22.45 46.10 -4.36
CA SER D 115 -23.62 46.28 -3.52
C SER D 115 -24.59 45.12 -3.76
N ILE D 116 -24.91 44.38 -2.69
CA ILE D 116 -25.81 43.24 -2.80
C ILE D 116 -27.00 43.52 -3.67
N ASP D 117 -27.44 44.77 -3.68
CA ASP D 117 -28.58 45.15 -4.49
C ASP D 117 -28.14 45.31 -5.93
N GLU D 118 -27.29 44.41 -6.39
CA GLU D 118 -26.83 44.49 -7.75
C GLU D 118 -26.84 43.13 -8.38
N GLU D 119 -27.85 42.32 -8.07
CA GLU D 119 -27.87 41.00 -8.67
C GLU D 119 -29.25 40.50 -9.08
N GLU D 120 -29.24 39.48 -9.93
CA GLU D 120 -30.46 38.88 -10.43
C GLU D 120 -31.55 38.92 -9.38
N VAL D 121 -32.76 39.17 -9.85
CA VAL D 121 -33.86 39.24 -8.94
C VAL D 121 -33.80 37.97 -8.10
N GLY D 122 -34.20 38.10 -6.83
CA GLY D 122 -34.21 37.00 -5.91
C GLY D 122 -34.40 37.55 -4.51
N PRO D 123 -33.84 36.91 -3.49
CA PRO D 123 -33.97 37.41 -2.12
C PRO D 123 -32.60 37.86 -1.56
N LYS D 124 -31.95 38.80 -2.25
CA LYS D 124 -30.65 39.36 -1.89
C LYS D 124 -30.29 39.37 -0.39
N SER D 125 -29.29 38.57 -0.04
CA SER D 125 -28.83 38.44 1.32
C SER D 125 -27.65 39.35 1.60
N SER D 126 -27.56 39.82 2.84
CA SER D 126 -26.51 40.75 3.26
C SER D 126 -25.14 40.14 3.53
N ILE D 127 -24.11 40.97 3.38
CA ILE D 127 -22.73 40.57 3.58
C ILE D 127 -22.40 40.37 5.06
N LYS D 128 -21.73 39.27 5.35
CA LYS D 128 -21.37 38.89 6.72
C LYS D 128 -19.89 39.04 7.04
N LYS D 129 -19.05 39.08 6.02
CA LYS D 129 -17.62 39.25 6.23
C LYS D 129 -16.87 39.21 4.93
N VAL D 130 -15.79 39.97 4.85
CA VAL D 130 -14.97 40.00 3.64
C VAL D 130 -13.54 39.76 4.05
N LEU D 131 -12.79 39.13 3.16
CA LEU D 131 -11.39 38.83 3.40
C LEU D 131 -10.61 39.02 2.12
N PHE D 132 -9.32 39.26 2.27
CA PHE D 132 -8.47 39.40 1.12
C PHE D 132 -7.92 38.01 0.98
N HIS D 133 -7.81 37.49 -0.24
CA HIS D 133 -7.26 36.15 -0.40
C HIS D 133 -5.76 36.21 -0.28
N PRO D 134 -5.22 35.63 0.79
CA PRO D 134 -3.81 35.58 1.10
C PRO D 134 -2.87 35.47 -0.08
N LYS D 135 -3.02 34.41 -0.87
CA LYS D 135 -2.13 34.24 -2.02
C LYS D 135 -2.67 34.67 -3.37
N SER D 136 -3.34 35.82 -3.40
CA SER D 136 -3.91 36.36 -4.62
C SER D 136 -2.95 37.35 -5.25
N TYR D 137 -2.61 37.12 -6.51
CA TYR D 137 -1.67 38.01 -7.16
C TYR D 137 -2.02 39.47 -6.99
N ARG D 138 -1.09 40.22 -6.44
CA ARG D 138 -1.32 41.64 -6.20
C ARG D 138 -2.72 41.83 -5.63
N ASP D 139 -2.94 41.18 -4.48
CA ASP D 139 -4.20 41.23 -3.75
C ASP D 139 -5.37 41.48 -4.64
N SER D 140 -5.36 40.81 -5.77
CA SER D 140 -6.39 40.91 -6.82
C SER D 140 -7.73 40.28 -6.48
N CYS D 141 -7.83 39.55 -5.38
CA CYS D 141 -9.11 38.92 -5.09
C CYS D 141 -9.57 39.04 -3.64
N ILE D 142 -10.89 39.14 -3.47
CA ILE D 142 -11.47 39.23 -2.15
C ILE D 142 -12.56 38.17 -2.00
N VAL D 143 -12.80 37.77 -0.75
CA VAL D 143 -13.78 36.74 -0.44
C VAL D 143 -14.93 37.29 0.39
N VAL D 144 -16.11 37.27 -0.18
CA VAL D 144 -17.27 37.79 0.50
C VAL D 144 -18.19 36.71 0.97
N LEU D 145 -18.44 36.70 2.28
CA LEU D 145 -19.34 35.74 2.90
C LEU D 145 -20.66 36.41 3.17
N LYS D 146 -21.76 35.81 2.74
CA LYS D 146 -23.08 36.38 2.99
C LYS D 146 -23.84 35.64 4.08
N GLU D 147 -25.06 36.08 4.39
CA GLU D 147 -25.85 35.42 5.42
C GLU D 147 -26.30 34.04 5.01
N ASP D 148 -26.50 33.86 3.71
CA ASP D 148 -26.92 32.56 3.20
C ASP D 148 -25.70 31.67 3.07
N ASP D 149 -24.75 31.90 3.98
CA ASP D 149 -23.47 31.17 4.06
C ASP D 149 -22.74 31.09 2.74
N THR D 150 -23.16 31.88 1.78
CA THR D 150 -22.53 31.87 0.48
C THR D 150 -21.23 32.63 0.48
N ILE D 151 -20.19 31.94 0.00
CA ILE D 151 -18.85 32.48 -0.09
C ILE D 151 -18.57 32.81 -1.55
N THR D 152 -18.32 34.07 -1.84
CA THR D 152 -18.04 34.50 -3.20
C THR D 152 -16.69 35.17 -3.36
N MET D 153 -16.00 34.85 -4.45
CA MET D 153 -14.72 35.44 -4.72
C MET D 153 -14.85 36.40 -5.89
N PHE D 154 -14.52 37.65 -5.65
CA PHE D 154 -14.61 38.66 -6.69
C PHE D 154 -13.21 38.97 -7.09
N ASP D 155 -12.96 39.07 -8.39
CA ASP D 155 -11.65 39.44 -8.87
C ASP D 155 -11.72 40.95 -8.97
N ILE D 156 -11.13 41.63 -7.99
CA ILE D 156 -11.13 43.06 -7.94
C ILE D 156 -10.65 43.74 -9.22
N LEU D 157 -9.58 43.22 -9.81
CA LEU D 157 -9.01 43.85 -10.99
C LEU D 157 -9.45 43.31 -12.33
N ASN D 158 -10.71 42.89 -12.46
CA ASN D 158 -11.18 42.37 -13.74
C ASN D 158 -12.71 42.35 -13.86
N SER D 159 -13.22 43.18 -14.77
CA SER D 159 -14.66 43.29 -15.02
C SER D 159 -15.08 42.07 -15.82
N GLN D 160 -14.19 41.67 -16.72
CA GLN D 160 -14.38 40.53 -17.62
C GLN D 160 -14.35 39.19 -16.88
N GLU D 161 -14.35 39.25 -15.54
CA GLU D 161 -14.33 38.05 -14.72
C GLU D 161 -15.55 37.91 -13.83
N LYS D 162 -16.54 37.14 -14.27
CA LYS D 162 -17.73 36.94 -13.47
C LYS D 162 -17.25 36.31 -12.17
N PRO D 163 -17.85 36.69 -11.03
CA PRO D 163 -17.43 36.13 -9.76
C PRO D 163 -17.74 34.65 -9.66
N ILE D 164 -17.05 33.97 -8.75
CA ILE D 164 -17.27 32.55 -8.52
C ILE D 164 -18.00 32.47 -7.20
N VAL D 165 -18.99 31.60 -7.13
CA VAL D 165 -19.76 31.48 -5.90
C VAL D 165 -19.72 30.06 -5.42
N LEU D 166 -19.00 29.78 -4.34
CA LEU D 166 -18.92 28.43 -3.83
C LEU D 166 -19.93 28.24 -2.74
N ASN D 167 -20.19 26.98 -2.40
CA ASN D 167 -21.15 26.64 -1.34
C ASN D 167 -22.50 27.29 -1.60
N LYS D 168 -23.01 27.16 -2.83
CA LYS D 168 -24.29 27.73 -3.21
C LYS D 168 -25.41 27.10 -2.37
N PRO D 169 -26.58 27.74 -2.33
CA PRO D 169 -27.71 27.22 -1.54
C PRO D 169 -28.13 25.78 -1.85
N ASN D 170 -29.22 25.36 -1.18
CA ASN D 170 -29.79 24.01 -1.26
C ASN D 170 -30.46 23.45 -2.54
N ASN D 171 -31.68 23.92 -2.78
CA ASN D 171 -32.51 23.51 -3.91
C ASN D 171 -33.17 22.17 -3.56
N SER D 172 -33.56 22.06 -2.29
CA SER D 172 -34.21 20.89 -1.71
C SER D 172 -34.19 21.13 -0.21
N PHE D 173 -35.22 20.66 0.46
CA PHE D 173 -35.30 20.88 1.88
C PHE D 173 -34.40 19.97 2.68
N GLY D 174 -34.00 20.45 3.85
CA GLY D 174 -33.14 19.66 4.73
C GLY D 174 -31.67 20.00 4.75
N LEU D 175 -30.86 19.01 5.13
CA LEU D 175 -29.40 19.16 5.18
C LEU D 175 -28.83 18.55 3.91
N ASP D 176 -27.51 18.61 3.77
CA ASP D 176 -26.83 18.07 2.60
C ASP D 176 -25.36 18.38 2.59
N ALA D 177 -24.84 18.45 1.37
CA ALA D 177 -23.44 18.72 1.09
C ALA D 177 -22.89 20.06 1.55
N ARG D 178 -23.63 21.13 1.39
CA ARG D 178 -23.06 22.41 1.76
C ARG D 178 -22.96 22.65 3.25
N VAL D 179 -22.07 23.57 3.61
CA VAL D 179 -21.86 23.93 5.01
C VAL D 179 -22.85 24.98 5.42
N ASN D 180 -23.70 24.66 6.37
CA ASN D 180 -24.70 25.62 6.82
C ASN D 180 -24.32 26.30 8.11
N ASP D 181 -24.77 27.55 8.23
CA ASP D 181 -24.56 28.40 9.41
C ASP D 181 -23.12 28.75 9.80
N ILE D 182 -22.39 29.34 8.86
CA ILE D 182 -21.01 29.72 9.07
C ILE D 182 -20.94 30.94 9.98
N THR D 183 -20.09 30.89 10.99
CA THR D 183 -19.93 32.01 11.93
C THR D 183 -18.62 32.74 11.68
N ASP D 184 -17.65 32.09 11.04
CA ASP D 184 -16.36 32.73 10.80
C ASP D 184 -15.50 32.06 9.73
N LEU D 185 -14.77 32.88 8.99
CA LEU D 185 -13.90 32.39 7.94
C LEU D 185 -12.48 32.66 8.31
N GLU D 186 -11.56 31.85 7.77
CA GLU D 186 -10.16 32.02 8.09
C GLU D 186 -9.31 31.20 7.16
N PHE D 187 -8.23 31.79 6.71
CA PHE D 187 -7.33 31.11 5.80
C PHE D 187 -6.23 30.34 6.49
N SER D 188 -5.80 29.26 5.86
CA SER D 188 -4.74 28.43 6.40
C SER D 188 -3.47 29.19 6.11
N LYS D 189 -2.35 28.77 6.66
CA LYS D 189 -1.11 29.46 6.40
C LYS D 189 -0.40 28.95 5.17
N ASP D 190 -1.09 28.11 4.42
CA ASP D 190 -0.53 27.58 3.17
C ASP D 190 -1.19 28.43 2.09
N GLY D 191 -2.23 29.13 2.50
CA GLY D 191 -2.97 29.99 1.60
C GLY D 191 -3.61 29.28 0.45
N LEU D 192 -4.10 28.08 0.70
CA LEU D 192 -4.76 27.28 -0.35
C LEU D 192 -5.99 26.64 0.25
N THR D 193 -6.04 26.65 1.58
CA THR D 193 -7.13 26.08 2.33
C THR D 193 -7.87 27.20 3.03
N LEU D 194 -9.20 27.13 3.09
CA LEU D 194 -10.02 28.14 3.74
C LEU D 194 -10.85 27.45 4.78
N TYR D 195 -10.58 27.75 6.05
CA TYR D 195 -11.33 27.13 7.13
C TYR D 195 -12.64 27.86 7.44
N CYS D 196 -13.67 27.10 7.75
CA CYS D 196 -14.98 27.66 8.06
C CYS D 196 -15.49 27.14 9.37
N LEU D 197 -16.05 28.03 10.17
CA LEU D 197 -16.56 27.59 11.44
C LEU D 197 -18.09 27.69 11.43
N ASN D 198 -18.74 26.53 11.34
CA ASN D 198 -20.19 26.46 11.31
C ASN D 198 -20.76 26.19 12.70
N THR D 199 -22.04 26.52 12.86
CA THR D 199 -22.76 26.35 14.12
C THR D 199 -23.73 25.18 14.18
N THR D 200 -24.49 24.98 13.11
CA THR D 200 -25.49 23.91 13.04
C THR D 200 -25.41 22.86 14.16
N GLU D 201 -24.32 22.10 14.22
CA GLU D 201 -24.19 21.07 15.24
C GLU D 201 -23.40 21.49 16.48
N GLY D 202 -23.49 22.75 16.85
CA GLY D 202 -22.77 23.24 18.01
C GLY D 202 -21.47 23.91 17.62
N GLY D 203 -20.93 23.48 16.49
CA GLY D 203 -19.67 24.03 16.01
C GLY D 203 -18.67 22.99 15.59
N ASP D 204 -18.37 22.96 14.30
CA ASP D 204 -17.40 22.01 13.76
C ASP D 204 -16.58 22.81 12.77
N ILE D 205 -15.51 22.22 12.27
CA ILE D 205 -14.67 22.93 11.33
C ILE D 205 -14.72 22.29 9.96
N PHE D 206 -14.96 23.11 8.94
CA PHE D 206 -14.97 22.62 7.56
C PHE D 206 -13.89 23.37 6.83
N ALA D 207 -13.63 22.98 5.60
CA ALA D 207 -12.59 23.64 4.85
C ALA D 207 -12.73 23.51 3.34
N PHE D 208 -12.11 24.45 2.65
CA PHE D 208 -12.11 24.49 1.21
C PHE D 208 -10.70 24.29 0.74
N TYR D 209 -10.39 23.07 0.34
CA TYR D 209 -9.07 22.77 -0.17
C TYR D 209 -9.29 22.15 -1.54
N PRO D 210 -8.86 22.85 -2.63
CA PRO D 210 -8.21 24.16 -2.60
C PRO D 210 -9.15 25.30 -2.89
N PHE D 211 -8.93 26.41 -2.22
CA PHE D 211 -9.72 27.62 -2.38
C PHE D 211 -8.78 28.52 -3.14
N LEU D 212 -8.98 28.64 -4.46
CA LEU D 212 -8.06 29.42 -5.27
C LEU D 212 -8.57 30.72 -5.89
N PRO D 213 -7.65 31.65 -6.21
CA PRO D 213 -7.99 32.92 -6.80
C PRO D 213 -7.71 32.83 -8.29
N SER D 214 -8.09 33.89 -9.00
CA SER D 214 -7.88 34.00 -10.46
C SER D 214 -6.42 33.71 -10.84
N VAL D 215 -5.52 34.44 -10.19
CA VAL D 215 -4.10 34.29 -10.39
C VAL D 215 -3.47 34.06 -9.02
N LEU D 216 -2.72 32.98 -8.91
CA LEU D 216 -2.11 32.60 -7.65
C LEU D 216 -0.77 33.24 -7.46
N LEU D 217 -0.49 33.65 -6.24
CA LEU D 217 0.79 34.24 -5.91
C LEU D 217 1.56 33.07 -5.32
N LEU D 218 2.62 32.66 -6.00
CA LEU D 218 3.36 31.51 -5.54
C LEU D 218 4.84 31.63 -5.84
N ASN D 219 5.64 31.67 -4.79
CA ASN D 219 7.08 31.77 -4.93
C ASN D 219 7.60 30.36 -5.19
N GLU D 220 8.89 30.22 -5.45
CA GLU D 220 9.41 28.92 -5.74
C GLU D 220 9.42 27.97 -4.55
N LYS D 221 9.75 28.49 -3.38
CA LYS D 221 9.80 27.63 -2.20
C LYS D 221 8.52 26.86 -2.01
N ASP D 222 7.43 27.60 -2.01
CA ASP D 222 6.12 27.03 -1.81
C ASP D 222 5.59 26.21 -2.99
N LEU D 223 6.03 26.55 -4.20
CA LEU D 223 5.60 25.79 -5.36
C LEU D 223 6.06 24.36 -5.15
N ASN D 224 7.31 24.22 -4.76
CA ASN D 224 7.86 22.89 -4.52
C ASN D 224 7.15 22.20 -3.36
N LEU D 225 7.11 22.86 -2.21
CA LEU D 225 6.44 22.28 -1.06
C LEU D 225 5.12 21.63 -1.45
N ILE D 226 4.20 22.41 -2.01
CA ILE D 226 2.91 21.86 -2.37
C ILE D 226 3.15 20.65 -3.27
N LEU D 227 3.99 20.85 -4.27
CA LEU D 227 4.33 19.82 -5.23
C LEU D 227 4.85 18.53 -4.61
N ASN D 228 5.72 18.67 -3.61
CA ASN D 228 6.26 17.50 -2.96
C ASN D 228 5.17 16.79 -2.18
N LYS D 229 4.53 17.49 -1.25
CA LYS D 229 3.47 16.90 -0.46
C LYS D 229 2.54 16.15 -1.39
N SER D 230 2.41 16.67 -2.61
CA SER D 230 1.53 16.06 -3.61
C SER D 230 2.01 14.72 -4.06
N LEU D 231 3.32 14.58 -4.19
CA LEU D 231 3.95 13.33 -4.60
C LEU D 231 3.93 12.30 -3.49
N VAL D 232 4.25 12.74 -2.27
CA VAL D 232 4.24 11.87 -1.11
C VAL D 232 2.87 11.25 -0.99
N MET D 233 1.85 12.06 -1.26
CA MET D 233 0.47 11.61 -1.21
C MET D 233 0.30 10.52 -2.25
N TYR D 234 0.68 10.83 -3.49
CA TYR D 234 0.58 9.88 -4.60
C TYR D 234 1.32 8.58 -4.24
N GLU D 235 2.59 8.71 -3.87
CA GLU D 235 3.37 7.53 -3.56
C GLU D 235 2.78 6.79 -2.36
N SER D 236 1.74 7.38 -1.79
CA SER D 236 1.06 6.80 -0.63
C SER D 236 -0.13 5.93 -1.04
N LEU D 237 -0.80 6.34 -2.12
CA LEU D 237 -1.92 5.59 -2.65
C LEU D 237 -1.41 4.17 -2.73
N ASP D 238 -2.28 3.18 -2.60
CA ASP D 238 -1.83 1.80 -2.67
C ASP D 238 -2.84 0.83 -3.29
N SER D 239 -3.79 0.39 -2.47
CA SER D 239 -4.81 -0.53 -2.90
C SER D 239 -5.96 -0.19 -2.00
N THR D 240 -5.93 -0.73 -0.79
CA THR D 240 -6.94 -0.51 0.23
C THR D 240 -7.54 0.90 0.13
N THR D 241 -6.71 1.85 -0.29
CA THR D 241 -7.16 3.23 -0.48
C THR D 241 -8.53 3.23 -1.16
N ASP D 242 -9.50 3.88 -0.55
CA ASP D 242 -10.81 3.95 -1.16
C ASP D 242 -10.68 4.63 -2.50
N VAL D 243 -11.53 4.22 -3.43
CA VAL D 243 -11.55 4.74 -4.80
C VAL D 243 -11.66 6.26 -4.94
N ILE D 244 -12.65 6.85 -4.27
CA ILE D 244 -12.91 8.29 -4.29
C ILE D 244 -11.68 9.07 -3.85
N VAL D 245 -10.99 8.54 -2.84
CA VAL D 245 -9.79 9.18 -2.32
C VAL D 245 -8.70 9.10 -3.40
N LYS D 246 -8.39 7.88 -3.85
CA LYS D 246 -7.38 7.66 -4.89
C LYS D 246 -7.65 8.66 -6.00
N ARG D 247 -8.91 8.68 -6.45
CA ARG D 247 -9.36 9.60 -7.47
C ARG D 247 -8.84 11.00 -7.20
N ASN D 248 -9.30 11.59 -6.09
CA ASN D 248 -8.86 12.93 -5.74
C ASN D 248 -7.35 13.08 -5.77
N VAL D 249 -6.65 12.27 -4.98
CA VAL D 249 -5.21 12.38 -4.91
C VAL D 249 -4.53 12.39 -6.26
N ILE D 250 -5.07 11.63 -7.20
CA ILE D 250 -4.52 11.62 -8.55
C ILE D 250 -4.82 13.00 -9.16
N LYS D 251 -6.10 13.39 -9.10
CA LYS D 251 -6.53 14.68 -9.64
C LYS D 251 -5.70 15.80 -9.03
N GLN D 252 -5.38 15.68 -7.74
CA GLN D 252 -4.57 16.70 -7.09
C GLN D 252 -3.17 16.77 -7.68
N LEU D 253 -2.51 15.63 -7.77
CA LEU D 253 -1.16 15.59 -8.31
C LEU D 253 -1.16 16.16 -9.68
N GLN D 254 -2.22 15.92 -10.43
CA GLN D 254 -2.30 16.44 -11.78
C GLN D 254 -2.32 17.96 -11.74
N PHE D 255 -3.33 18.52 -11.07
CA PHE D 255 -3.47 19.97 -10.96
C PHE D 255 -2.16 20.64 -10.56
N VAL D 256 -1.57 20.15 -9.48
CA VAL D 256 -0.32 20.72 -8.99
C VAL D 256 0.81 20.49 -9.98
N SER D 257 0.79 19.35 -10.68
CA SER D 257 1.83 19.08 -11.66
C SER D 257 1.69 20.07 -12.80
N LYS D 258 0.49 20.64 -12.93
CA LYS D 258 0.21 21.61 -13.98
C LYS D 258 0.62 22.98 -13.49
N LEU D 259 0.44 23.23 -12.20
CA LEU D 259 0.85 24.50 -11.64
C LEU D 259 2.33 24.62 -11.94
N HIS D 260 3.05 23.52 -11.81
CA HIS D 260 4.46 23.54 -12.06
C HIS D 260 4.83 23.91 -13.49
N GLU D 261 4.02 23.48 -14.47
CA GLU D 261 4.31 23.78 -15.88
C GLU D 261 4.05 25.25 -16.16
N ASN D 262 2.85 25.69 -15.83
CA ASN D 262 2.45 27.06 -16.06
C ASN D 262 2.99 28.06 -15.05
N TRP D 263 3.98 27.66 -14.25
CA TRP D 263 4.51 28.58 -13.28
C TRP D 263 5.30 29.69 -13.95
N ASN D 264 5.09 30.92 -13.48
CA ASN D 264 5.80 32.05 -14.03
C ASN D 264 7.02 32.28 -13.17
N SER D 265 8.18 31.97 -13.69
CA SER D 265 9.40 32.11 -12.93
C SER D 265 9.73 33.53 -12.53
N ARG D 266 9.51 34.46 -13.44
CA ARG D 266 9.81 35.88 -13.18
C ARG D 266 9.03 36.39 -11.99
N PHE D 267 7.83 36.86 -12.28
CA PHE D 267 6.91 37.42 -11.29
C PHE D 267 6.67 36.54 -10.08
N GLY D 268 6.23 35.32 -10.31
CA GLY D 268 5.96 34.39 -9.22
C GLY D 268 4.47 34.15 -9.12
N LYS D 269 3.81 34.17 -10.26
CA LYS D 269 2.37 33.98 -10.32
C LYS D 269 2.07 32.78 -11.20
N VAL D 270 0.80 32.45 -11.29
CA VAL D 270 0.32 31.35 -12.12
C VAL D 270 -1.18 31.50 -12.30
N ASP D 271 -1.65 31.27 -13.51
CA ASP D 271 -3.06 31.41 -13.80
C ASP D 271 -3.80 30.13 -13.47
N ILE D 272 -4.86 30.28 -12.72
CA ILE D 272 -5.64 29.12 -12.31
C ILE D 272 -6.99 29.09 -13.00
N GLN D 273 -7.11 28.24 -14.00
CA GLN D 273 -8.34 28.10 -14.77
C GLN D 273 -9.53 27.72 -13.91
N LYS D 274 -10.64 28.40 -14.13
CA LYS D 274 -11.88 28.20 -13.38
C LYS D 274 -12.23 26.83 -12.82
N GLU D 275 -12.12 25.77 -13.62
CA GLU D 275 -12.46 24.42 -13.16
C GLU D 275 -11.96 24.15 -11.76
N TYR D 276 -10.63 24.20 -11.62
CA TYR D 276 -9.96 23.95 -10.35
C TYR D 276 -10.46 24.85 -9.25
N ARG D 277 -10.92 26.03 -9.62
CA ARG D 277 -11.41 27.00 -8.65
C ARG D 277 -12.69 26.59 -7.90
N LEU D 278 -13.63 25.96 -8.61
CA LEU D 278 -14.89 25.51 -8.01
C LEU D 278 -14.66 24.32 -7.14
N ALA D 279 -15.05 24.39 -5.88
CA ALA D 279 -14.82 23.25 -5.01
C ALA D 279 -15.87 23.09 -3.94
N LYS D 280 -16.18 21.86 -3.59
CA LYS D 280 -17.16 21.59 -2.54
C LYS D 280 -16.46 21.49 -1.18
N VAL D 281 -17.17 21.85 -0.12
CA VAL D 281 -16.58 21.84 1.21
C VAL D 281 -16.21 20.49 1.77
N GLN D 282 -15.04 20.43 2.42
CA GLN D 282 -14.57 19.22 3.06
C GLN D 282 -14.91 19.43 4.52
N GLY D 283 -15.28 18.37 5.21
CA GLY D 283 -15.61 18.52 6.62
C GLY D 283 -16.76 17.62 7.04
N PRO D 284 -17.08 17.54 8.36
CA PRO D 284 -16.42 18.27 9.44
C PRO D 284 -15.10 17.68 9.86
N PHE D 285 -14.23 18.51 10.42
CA PHE D 285 -12.97 18.02 10.89
C PHE D 285 -13.23 17.35 12.22
N THR D 286 -12.30 16.52 12.66
CA THR D 286 -12.43 15.82 13.91
C THR D 286 -11.53 16.49 14.89
N ILE D 287 -12.09 16.93 16.00
CA ILE D 287 -11.29 17.54 17.03
C ILE D 287 -11.07 16.45 18.07
N ASN D 288 -9.82 16.21 18.46
CA ASN D 288 -9.57 15.14 19.41
C ASN D 288 -8.37 15.35 20.31
N PRO D 289 -8.54 15.17 21.62
CA PRO D 289 -9.80 14.79 22.26
C PRO D 289 -10.69 16.00 22.27
N PHE D 290 -11.90 15.86 22.78
CA PHE D 290 -12.79 17.00 22.81
C PHE D 290 -13.53 17.07 24.13
N PRO D 291 -13.35 18.18 24.85
CA PRO D 291 -13.98 18.42 26.14
C PRO D 291 -15.49 18.27 26.10
N GLY D 292 -16.02 17.39 26.93
CA GLY D 292 -17.46 17.17 26.97
C GLY D 292 -18.32 18.40 27.21
N GLU D 293 -17.81 19.33 28.01
CA GLU D 293 -18.53 20.56 28.31
C GLU D 293 -18.92 21.33 27.04
N LEU D 294 -17.91 21.69 26.26
CA LEU D 294 -18.08 22.45 25.02
C LEU D 294 -19.29 22.07 24.18
N TYR D 295 -19.88 20.91 24.42
CA TYR D 295 -21.04 20.50 23.66
C TYR D 295 -22.25 21.37 23.97
N ASP D 296 -22.27 21.97 25.16
CA ASP D 296 -23.40 22.80 25.57
C ASP D 296 -23.32 24.14 24.86
N TYR D 297 -22.10 24.64 24.78
CA TYR D 297 -21.82 25.92 24.17
C TYR D 297 -21.67 25.87 22.66
N THR D 298 -21.33 27.01 22.07
CA THR D 298 -21.18 27.11 20.63
C THR D 298 -19.87 27.79 20.33
N ALA D 299 -19.44 27.74 19.07
CA ALA D 299 -18.20 28.35 18.68
C ALA D 299 -18.42 29.83 18.35
N THR D 300 -17.43 30.65 18.69
CA THR D 300 -17.51 32.09 18.45
C THR D 300 -16.70 32.49 17.23
N ASN D 301 -15.38 32.27 17.29
CA ASN D 301 -14.48 32.60 16.18
C ASN D 301 -13.45 31.54 15.96
N ILE D 302 -12.57 31.77 14.99
CA ILE D 302 -11.50 30.85 14.65
C ILE D 302 -10.38 31.65 14.05
N ALA D 303 -9.14 31.36 14.41
CA ALA D 303 -8.00 32.10 13.87
C ALA D 303 -6.85 31.17 13.66
N THR D 304 -5.90 31.55 12.81
CA THR D 304 -4.75 30.70 12.55
C THR D 304 -3.46 31.37 12.92
N ILE D 305 -2.74 30.75 13.84
CA ILE D 305 -1.48 31.30 14.28
C ILE D 305 -0.34 30.44 13.79
N LEU D 306 0.59 31.10 13.09
CA LEU D 306 1.77 30.48 12.52
C LEU D 306 2.75 30.27 13.67
N ILE D 307 3.65 29.28 13.59
CA ILE D 307 4.60 29.08 14.70
C ILE D 307 6.06 28.94 14.25
N ASP D 308 6.31 29.29 12.99
CA ASP D 308 7.65 29.27 12.39
C ASP D 308 7.58 29.97 11.05
N ASN D 309 7.93 29.27 9.98
CA ASN D 309 7.85 29.87 8.66
C ASN D 309 7.48 28.78 7.68
N GLY D 310 7.69 27.53 8.07
CA GLY D 310 7.35 26.40 7.23
C GLY D 310 5.87 26.07 7.35
N GLN D 311 5.04 27.09 7.16
CA GLN D 311 3.58 26.98 7.22
C GLN D 311 3.01 26.10 8.35
N ASN D 312 3.82 25.77 9.35
CA ASN D 312 3.33 24.96 10.45
C ASN D 312 2.54 25.84 11.39
N GLU D 313 1.22 25.68 11.31
CA GLU D 313 0.30 26.50 12.08
C GLU D 313 -0.49 25.78 13.16
N ILE D 314 -1.22 26.58 13.92
CA ILE D 314 -2.10 26.09 14.97
C ILE D 314 -3.44 26.79 14.87
N VAL D 315 -4.50 25.99 14.69
CA VAL D 315 -5.84 26.50 14.58
C VAL D 315 -6.28 26.97 15.94
N CYS D 316 -7.20 27.92 15.99
CA CYS D 316 -7.68 28.46 17.25
C CYS D 316 -9.19 28.75 17.22
N VAL D 317 -9.93 28.18 18.19
CA VAL D 317 -11.38 28.33 18.26
C VAL D 317 -11.95 28.91 19.57
N SER D 318 -12.86 29.87 19.43
CA SER D 318 -13.51 30.52 20.57
C SER D 318 -14.75 29.73 20.91
N PHE D 319 -15.28 29.98 22.10
CA PHE D 319 -16.49 29.32 22.58
C PHE D 319 -17.29 30.18 23.54
N ASP D 320 -18.57 29.86 23.70
CA ASP D 320 -19.42 30.64 24.58
C ASP D 320 -18.88 30.75 26.00
N ASP D 321 -18.47 29.64 26.59
CA ASP D 321 -17.97 29.65 27.94
C ASP D 321 -16.70 30.49 28.07
N GLY D 322 -16.44 31.33 27.08
CA GLY D 322 -15.23 32.12 27.13
C GLY D 322 -14.03 31.19 27.19
N SER D 323 -14.11 30.13 26.39
CA SER D 323 -13.05 29.16 26.34
C SER D 323 -12.36 29.25 24.99
N LEU D 324 -11.08 28.92 24.96
CA LEU D 324 -10.30 28.95 23.74
C LEU D 324 -9.62 27.59 23.59
N ILE D 325 -9.59 27.03 22.36
CA ILE D 325 -8.91 25.75 22.15
C ILE D 325 -7.92 25.82 21.00
N LEU D 326 -6.78 25.18 21.22
CA LEU D 326 -5.66 25.16 20.28
C LEU D 326 -5.54 23.77 19.67
N LEU D 327 -5.89 23.68 18.39
CA LEU D 327 -5.85 22.42 17.68
C LEU D 327 -4.65 22.38 16.78
N PHE D 328 -4.24 21.17 16.42
CA PHE D 328 -3.10 20.94 15.56
C PHE D 328 -3.50 19.94 14.48
N LYS D 329 -3.36 20.32 13.21
CA LYS D 329 -3.75 19.46 12.09
C LYS D 329 -2.70 18.36 11.90
N ASP D 330 -2.99 17.15 12.35
CA ASP D 330 -2.05 16.05 12.25
C ASP D 330 -1.97 15.26 10.95
N LEU D 331 -2.97 15.39 10.08
CA LEU D 331 -2.95 14.62 8.84
C LEU D 331 -2.98 15.49 7.61
N GLU D 332 -2.28 15.08 6.57
CA GLU D 332 -2.23 15.86 5.34
C GLU D 332 -3.50 15.73 4.55
N MET D 333 -4.18 16.85 4.33
CA MET D 333 -5.42 16.80 3.58
C MET D 333 -5.14 16.52 2.11
N SER D 334 -6.19 16.11 1.42
CA SER D 334 -6.11 15.84 0.00
C SER D 334 -7.07 16.84 -0.59
N MET D 335 -6.78 17.35 -1.76
CA MET D 335 -7.69 18.29 -2.36
C MET D 335 -8.94 17.54 -2.77
N SER D 336 -10.03 18.28 -2.90
CA SER D 336 -11.30 17.67 -3.28
C SER D 336 -12.07 18.65 -4.13
N TRP D 337 -12.96 18.13 -4.95
CA TRP D 337 -13.72 18.96 -5.85
C TRP D 337 -15.16 18.56 -6.02
N ASP D 338 -15.42 17.40 -6.63
CA ASP D 338 -16.76 16.91 -6.88
C ASP D 338 -17.46 16.35 -5.66
N VAL D 339 -16.66 15.68 -4.84
CA VAL D 339 -17.06 15.01 -3.62
C VAL D 339 -17.93 15.72 -2.60
N ASP D 340 -19.14 15.17 -2.42
CA ASP D 340 -20.10 15.72 -1.46
C ASP D 340 -19.79 15.10 -0.12
N ASN D 341 -19.44 15.94 0.85
CA ASN D 341 -19.14 15.46 2.19
C ASN D 341 -17.87 14.65 2.29
N TYR D 342 -16.81 15.13 1.66
CA TYR D 342 -15.54 14.45 1.69
C TYR D 342 -15.01 14.57 3.11
N VAL D 343 -14.32 13.55 3.60
CA VAL D 343 -13.80 13.62 4.96
C VAL D 343 -12.41 12.99 5.09
N TYR D 344 -11.93 12.42 4.02
CA TYR D 344 -10.62 11.79 4.05
C TYR D 344 -9.55 12.67 4.66
N ASN D 345 -9.14 12.30 5.86
CA ASN D 345 -8.10 12.97 6.60
C ASN D 345 -8.40 14.34 7.12
N ASN D 346 -9.63 14.55 7.55
CA ASN D 346 -9.97 15.84 8.11
C ASN D 346 -9.85 15.63 9.60
N SER D 347 -8.64 15.81 10.14
CA SER D 347 -8.43 15.63 11.58
C SER D 347 -7.53 16.65 12.28
N LEU D 348 -7.97 17.04 13.46
CA LEU D 348 -7.27 17.99 14.29
C LEU D 348 -7.05 17.36 15.66
N VAL D 349 -6.10 17.88 16.40
CA VAL D 349 -5.78 17.34 17.69
C VAL D 349 -5.76 18.45 18.72
N LEU D 350 -6.65 18.38 19.71
CA LEU D 350 -6.69 19.41 20.73
C LEU D 350 -5.44 19.41 21.56
N ILE D 351 -4.56 20.37 21.32
CA ILE D 351 -3.33 20.47 22.08
C ILE D 351 -3.66 20.97 23.47
N GLU D 352 -4.14 22.20 23.56
CA GLU D 352 -4.48 22.75 24.86
C GLU D 352 -5.79 23.52 24.89
N ARG D 353 -6.24 23.80 26.10
CA ARG D 353 -7.47 24.54 26.32
C ARG D 353 -7.20 25.73 27.24
N VAL D 354 -7.80 26.86 26.94
CA VAL D 354 -7.58 28.04 27.75
C VAL D 354 -8.90 28.67 28.17
N LYS D 355 -9.21 28.61 29.45
CA LYS D 355 -10.46 29.18 29.95
C LYS D 355 -10.22 30.64 30.31
N LEU D 356 -11.16 31.50 29.94
CA LEU D 356 -11.04 32.92 30.22
C LEU D 356 -12.29 33.45 30.93
N GLN D 357 -13.36 32.69 30.86
CA GLN D 357 -14.61 33.03 31.50
C GLN D 357 -15.24 34.38 31.10
N ARG D 358 -14.43 35.30 30.61
CA ARG D 358 -14.95 36.60 30.17
C ARG D 358 -15.63 36.35 28.83
N GLU D 359 -16.21 37.37 28.23
CA GLU D 359 -16.84 37.13 26.95
C GLU D 359 -15.77 37.27 25.90
N ILE D 360 -15.64 36.28 25.03
CA ILE D 360 -14.64 36.33 23.97
C ILE D 360 -15.21 37.00 22.75
N LYS D 361 -14.99 38.30 22.63
CA LYS D 361 -15.50 39.07 21.50
C LYS D 361 -14.86 38.71 20.16
N SER D 362 -13.55 38.88 20.00
CA SER D 362 -12.93 38.52 18.73
C SER D 362 -11.44 38.28 18.81
N LEU D 363 -10.98 37.24 18.12
CA LEU D 363 -9.57 36.87 18.09
C LEU D 363 -8.82 37.69 17.06
N ILE D 364 -7.58 38.04 17.36
CA ILE D 364 -6.78 38.84 16.44
C ILE D 364 -5.31 38.50 16.56
N THR D 365 -4.62 38.52 15.43
CA THR D 365 -3.21 38.21 15.41
C THR D 365 -2.48 39.12 14.46
N LEU D 366 -1.27 39.46 14.85
CA LEU D 366 -0.43 40.31 14.05
C LEU D 366 0.60 39.35 13.49
N PRO D 367 0.60 39.15 12.16
CA PRO D 367 1.52 38.27 11.44
C PRO D 367 2.93 38.25 12.01
N GLU D 368 3.59 39.39 11.88
CA GLU D 368 4.95 39.61 12.34
C GLU D 368 5.43 38.83 13.57
N GLN D 369 4.58 38.73 14.61
CA GLN D 369 4.98 38.00 15.81
C GLN D 369 4.37 36.61 15.88
N LEU D 370 5.21 35.59 15.75
CA LEU D 370 4.78 34.19 15.78
C LEU D 370 4.35 33.67 17.13
N GLY D 371 3.52 32.62 17.12
CA GLY D 371 3.05 31.99 18.33
C GLY D 371 2.33 32.89 19.31
N LYS D 372 1.75 33.98 18.82
CA LYS D 372 1.04 34.91 19.68
C LYS D 372 -0.35 35.25 19.17
N LEU D 373 -1.31 35.29 20.08
CA LEU D 373 -2.69 35.58 19.74
C LEU D 373 -3.28 36.64 20.67
N TYR D 374 -3.95 37.64 20.13
CA TYR D 374 -4.56 38.68 20.95
C TYR D 374 -6.07 38.46 21.09
N VAL D 375 -6.52 38.08 22.28
CA VAL D 375 -7.94 37.84 22.51
C VAL D 375 -8.65 39.04 23.14
N ILE D 376 -9.56 39.64 22.38
CA ILE D 376 -10.32 40.78 22.88
C ILE D 376 -11.47 40.29 23.74
N SER D 377 -11.19 40.17 25.04
CA SER D 377 -12.17 39.72 26.04
C SER D 377 -13.36 40.66 26.07
N ASP D 378 -13.71 41.14 27.26
CA ASP D 378 -14.83 42.07 27.37
C ASP D 378 -14.31 43.49 27.22
N ASN D 379 -13.49 43.92 28.18
CA ASN D 379 -12.91 45.25 28.15
C ASN D 379 -11.40 45.08 28.22
N ILE D 380 -10.95 43.85 27.99
CA ILE D 380 -9.55 43.50 28.01
C ILE D 380 -9.05 43.05 26.64
N ILE D 381 -7.74 42.88 26.55
CA ILE D 381 -7.08 42.42 25.34
C ILE D 381 -5.91 41.65 25.91
N GLN D 382 -6.03 40.34 25.92
CA GLN D 382 -4.98 39.49 26.46
C GLN D 382 -4.15 38.90 25.32
N GLN D 383 -2.86 38.68 25.57
CA GLN D 383 -1.98 38.08 24.56
C GLN D 383 -1.57 36.68 24.94
N VAL D 384 -2.29 35.68 24.44
CA VAL D 384 -1.94 34.29 24.72
C VAL D 384 -0.70 33.99 23.89
N ASN D 385 0.36 33.59 24.57
CA ASN D 385 1.62 33.30 23.91
C ASN D 385 1.98 31.84 24.10
N PHE D 386 1.80 31.04 23.06
CA PHE D 386 2.11 29.63 23.16
C PHE D 386 3.48 29.28 22.65
N MET D 387 4.33 30.28 22.54
CA MET D 387 5.68 30.04 22.07
C MET D 387 6.48 29.30 23.14
N SER D 388 5.84 29.01 24.26
CA SER D 388 6.49 28.30 25.35
C SER D 388 6.81 26.90 24.87
N TRP D 389 5.80 26.27 24.29
CA TRP D 389 5.87 24.91 23.77
C TRP D 389 5.79 24.78 22.26
N ALA D 390 5.18 25.76 21.60
CA ALA D 390 5.05 25.73 20.15
C ALA D 390 6.39 25.88 19.42
N SER D 391 7.40 26.36 20.13
CA SER D 391 8.73 26.52 19.54
C SER D 391 9.41 25.18 19.64
N THR D 392 8.98 24.39 20.62
CA THR D 392 9.52 23.07 20.86
C THR D 392 8.81 22.12 19.93
N LEU D 393 7.50 22.28 19.82
CA LEU D 393 6.70 21.46 18.94
C LEU D 393 7.21 21.68 17.53
N SER D 394 7.67 22.89 17.25
CA SER D 394 8.17 23.21 15.93
C SER D 394 9.46 22.44 15.57
N LYS D 395 10.37 22.30 16.54
CA LYS D 395 11.60 21.56 16.30
C LYS D 395 11.26 20.10 16.15
N SER D 396 10.65 19.52 17.17
CA SER D 396 10.26 18.12 17.14
C SER D 396 9.64 17.73 15.79
N ILE D 397 9.14 18.70 15.05
CA ILE D 397 8.57 18.37 13.77
C ILE D 397 9.65 18.17 12.72
N ASN D 398 10.60 19.08 12.63
CA ASN D 398 11.67 18.98 11.64
C ASN D 398 12.77 18.05 12.06
N GLU D 399 12.87 17.77 13.36
CA GLU D 399 13.91 16.89 13.82
C GLU D 399 13.42 15.47 13.80
N SER D 400 12.11 15.32 13.79
CA SER D 400 11.53 13.99 13.82
C SER D 400 12.00 13.44 15.12
N ASP D 401 11.94 14.29 16.14
CA ASP D 401 12.34 13.99 17.51
C ASP D 401 11.19 14.34 18.48
N LEU D 402 10.48 13.32 18.94
CA LEU D 402 9.35 13.53 19.84
C LEU D 402 9.71 13.46 21.32
N ASN D 403 10.97 13.29 21.63
CA ASN D 403 11.36 13.21 23.02
C ASN D 403 11.24 14.53 23.73
N PRO D 404 11.71 15.63 23.12
CA PRO D 404 11.61 16.93 23.77
C PRO D 404 10.21 17.25 24.29
N LEU D 405 9.19 16.58 23.76
CA LEU D 405 7.82 16.84 24.19
C LEU D 405 7.44 16.02 25.40
N ALA D 406 8.41 15.32 25.96
CA ALA D 406 8.18 14.49 27.14
C ALA D 406 7.93 15.37 28.35
N GLY D 407 6.86 15.09 29.07
CA GLY D 407 6.54 15.86 30.26
C GLY D 407 6.54 17.37 30.10
N LEU D 408 6.62 17.84 28.85
CA LEU D 408 6.59 19.26 28.59
C LEU D 408 5.20 19.70 29.00
N LYS D 409 5.09 20.91 29.54
CA LYS D 409 3.81 21.43 29.97
C LYS D 409 3.31 22.38 28.87
N PHE D 410 2.11 22.10 28.37
CA PHE D 410 1.50 22.89 27.32
C PHE D 410 0.54 23.94 27.87
N GLU D 411 1.11 25.02 28.39
CA GLU D 411 0.36 26.14 28.95
C GLU D 411 0.75 27.40 28.21
N SER D 412 -0.22 28.19 27.80
CA SER D 412 0.10 29.41 27.09
C SER D 412 0.30 30.52 28.09
N LYS D 413 1.40 31.24 27.98
CA LYS D 413 1.65 32.33 28.89
C LYS D 413 0.68 33.43 28.52
N LEU D 414 -0.43 33.47 29.24
CA LEU D 414 -1.49 34.43 29.02
C LEU D 414 -1.20 35.78 29.69
N GLU D 415 -0.91 36.80 28.90
CA GLU D 415 -0.62 38.12 29.46
C GLU D 415 -1.82 39.04 29.25
N ASP D 416 -1.70 40.29 29.67
CA ASP D 416 -2.78 41.26 29.53
C ASP D 416 -2.28 42.54 28.88
N ILE D 417 -2.81 42.87 27.72
CA ILE D 417 -2.37 44.06 27.02
C ILE D 417 -2.97 45.35 27.61
N ALA D 418 -4.18 45.70 27.19
CA ALA D 418 -4.81 46.92 27.69
C ALA D 418 -6.31 46.80 27.91
N THR D 419 -6.92 47.90 28.33
CA THR D 419 -8.36 47.94 28.56
C THR D 419 -9.03 48.80 27.52
N ILE D 420 -10.20 48.35 27.08
CA ILE D 420 -10.98 49.08 26.09
C ILE D 420 -12.44 48.72 26.23
N GLU D 421 -13.30 49.53 25.62
CA GLU D 421 -14.73 49.31 25.66
C GLU D 421 -15.16 48.84 24.27
N ARG D 422 -14.91 49.71 23.29
CA ARG D 422 -15.24 49.43 21.91
C ARG D 422 -14.19 48.44 21.43
N ILE D 423 -14.61 47.42 20.68
CA ILE D 423 -13.67 46.43 20.15
C ILE D 423 -12.62 47.18 19.33
N PRO D 424 -11.39 47.28 19.84
CA PRO D 424 -10.27 47.98 19.20
C PRO D 424 -9.79 47.52 17.83
N ASN D 425 -8.77 48.24 17.36
CA ASN D 425 -8.12 48.05 16.08
C ASN D 425 -6.66 47.86 16.51
N LEU D 426 -5.83 47.17 15.72
CA LEU D 426 -4.43 46.98 16.12
C LEU D 426 -3.45 47.03 14.96
N ALA D 427 -2.16 47.13 15.27
CA ALA D 427 -1.12 47.16 14.26
C ALA D 427 0.27 46.96 14.85
N TYR D 428 1.21 46.45 14.07
CA TYR D 428 2.56 46.22 14.54
C TYR D 428 3.52 47.23 13.93
N ILE D 429 4.08 48.11 14.74
CA ILE D 429 5.04 49.09 14.24
C ILE D 429 6.42 48.84 14.82
N ASN D 430 7.42 48.75 13.94
CA ASN D 430 8.80 48.50 14.35
C ASN D 430 9.55 49.82 14.32
N TRP D 431 9.36 50.59 15.38
CA TRP D 431 9.99 51.90 15.51
C TRP D 431 11.33 51.83 16.27
N ASN D 432 12.42 51.98 15.52
CA ASN D 432 13.75 51.90 16.10
C ASN D 432 13.99 50.59 16.81
N ASP D 433 13.94 49.50 16.04
CA ASP D 433 14.12 48.16 16.58
C ASP D 433 13.24 47.98 17.81
N GLN D 434 11.93 48.17 17.60
CA GLN D 434 10.95 48.08 18.67
C GLN D 434 9.66 47.36 18.33
N SER D 435 9.16 46.62 19.29
CA SER D 435 7.91 45.90 19.14
C SER D 435 6.78 46.81 19.61
N ASN D 436 6.16 47.55 18.68
CA ASN D 436 5.08 48.45 19.03
C ASN D 436 3.68 47.98 18.67
N LEU D 437 2.77 48.04 19.63
CA LEU D 437 1.39 47.62 19.42
C LEU D 437 0.43 48.77 19.44
N ALA D 438 0.11 49.30 18.26
CA ALA D 438 -0.81 50.43 18.18
C ALA D 438 -2.24 49.99 18.52
N LEU D 439 -2.76 50.52 19.62
CA LEU D 439 -4.11 50.21 20.08
C LEU D 439 -5.05 51.39 19.84
N MET D 440 -5.94 51.23 18.87
CA MET D 440 -6.88 52.29 18.51
C MET D 440 -8.30 52.00 18.88
N SER D 441 -8.76 52.53 20.02
CA SER D 441 -10.15 52.34 20.40
C SER D 441 -10.83 53.47 19.62
N ASN D 442 -12.05 53.87 19.99
CA ASN D 442 -12.70 54.93 19.22
C ASN D 442 -11.88 56.22 19.26
N LYS D 443 -11.96 56.93 20.38
CA LYS D 443 -11.23 58.17 20.56
C LYS D 443 -9.79 57.82 20.89
N THR D 444 -9.64 56.83 21.76
CA THR D 444 -8.34 56.33 22.21
C THR D 444 -7.35 56.11 21.06
N LEU D 445 -6.08 56.05 21.39
CA LEU D 445 -5.02 55.81 20.41
C LEU D 445 -3.71 55.51 21.16
N THR D 446 -3.75 54.46 21.97
CA THR D 446 -2.63 54.02 22.78
C THR D 446 -1.49 53.37 21.99
N PHE D 447 -0.30 53.30 22.60
CA PHE D 447 0.87 52.68 22.01
C PHE D 447 1.59 51.94 23.13
N GLN D 448 2.05 50.72 22.88
CA GLN D 448 2.74 49.95 23.90
C GLN D 448 3.92 49.18 23.36
N ASN D 449 4.43 48.26 24.17
CA ASN D 449 5.55 47.42 23.80
C ASN D 449 5.18 45.96 23.96
N ILE D 450 5.93 45.10 23.30
CA ILE D 450 5.66 43.69 23.37
C ILE D 450 6.89 42.93 23.81
N SER D 451 6.66 41.93 24.67
CA SER D 451 7.73 41.08 25.17
C SER D 451 8.38 40.38 23.98
N SER D 452 9.52 40.92 23.52
CA SER D 452 10.30 40.41 22.39
C SER D 452 9.97 41.21 21.12
N MET E 10 19.81 8.71 -7.05
CA MET E 10 18.75 8.28 -8.02
C MET E 10 17.48 7.78 -7.28
N LYS E 11 16.60 8.74 -6.97
CA LYS E 11 15.31 8.53 -6.28
C LYS E 11 14.67 9.85 -5.85
N GLY E 12 15.13 10.38 -4.73
CA GLY E 12 14.60 11.63 -4.22
C GLY E 12 15.56 12.23 -3.22
N PHE E 13 15.22 13.41 -2.73
CA PHE E 13 16.06 14.11 -1.76
C PHE E 13 15.26 14.96 -0.77
N LYS E 14 14.44 15.85 -1.30
CA LYS E 14 13.61 16.73 -0.51
C LYS E 14 12.31 16.03 -0.21
N VAL E 15 11.67 15.61 -1.28
CA VAL E 15 10.42 14.92 -1.19
C VAL E 15 10.44 13.89 -0.09
N VAL E 16 11.59 13.27 0.11
CA VAL E 16 11.70 12.26 1.17
C VAL E 16 11.56 12.89 2.54
N GLU E 17 12.25 14.02 2.69
CA GLU E 17 12.24 14.80 3.92
C GLU E 17 10.82 15.23 4.26
N VAL E 18 10.07 15.63 3.22
CA VAL E 18 8.69 16.07 3.36
C VAL E 18 7.84 14.93 3.92
N GLY E 19 8.09 13.73 3.43
CA GLY E 19 7.33 12.60 3.92
C GLY E 19 7.63 12.38 5.39
N LEU E 20 8.89 12.54 5.75
CA LEU E 20 9.28 12.34 7.14
C LEU E 20 8.55 13.36 7.98
N ALA E 21 8.60 14.60 7.54
CA ALA E 21 7.92 15.67 8.25
C ALA E 21 6.47 15.28 8.38
N MET E 22 5.83 15.04 7.25
CA MET E 22 4.44 14.64 7.25
C MET E 22 4.20 13.55 8.28
N ASN E 23 4.89 12.44 8.12
CA ASN E 23 4.72 11.33 9.05
C ASN E 23 4.86 11.80 10.50
N THR E 24 5.94 12.50 10.81
CA THR E 24 6.17 13.02 12.15
C THR E 24 4.98 13.82 12.72
N LYS E 25 4.35 14.65 11.91
CA LYS E 25 3.20 15.43 12.39
C LYS E 25 2.13 14.43 12.79
N LYS E 26 2.04 13.33 12.05
CA LYS E 26 1.05 12.30 12.37
C LYS E 26 1.44 11.60 13.65
N GLN E 27 2.74 11.48 13.86
CA GLN E 27 3.25 10.83 15.03
C GLN E 27 2.89 11.71 16.19
N ILE E 28 3.06 13.01 16.01
CA ILE E 28 2.75 13.98 17.05
C ILE E 28 1.26 13.90 17.32
N GLY E 29 0.50 13.58 16.30
CA GLY E 29 -0.92 13.48 16.50
C GLY E 29 -1.24 12.47 17.58
N ASP E 30 -0.64 11.29 17.50
CA ASP E 30 -0.87 10.23 18.48
C ASP E 30 -0.43 10.68 19.84
N PHE E 31 0.59 11.53 19.88
CA PHE E 31 1.07 12.02 21.16
C PHE E 31 -0.08 12.63 21.90
N PHE E 32 -0.58 13.73 21.37
CA PHE E 32 -1.68 14.42 22.00
C PHE E 32 -2.96 13.61 22.17
N LYS E 33 -3.20 12.62 21.33
CA LYS E 33 -4.41 11.82 21.49
C LYS E 33 -4.36 11.04 22.82
N ASN E 34 -3.18 10.52 23.16
CA ASN E 34 -2.99 9.74 24.39
C ASN E 34 -2.58 10.57 25.59
N LEU E 35 -1.77 11.59 25.34
CA LEU E 35 -1.29 12.50 26.38
C LEU E 35 -2.42 13.08 27.23
N ASN E 36 -3.64 13.08 26.69
CA ASN E 36 -4.80 13.60 27.41
C ASN E 36 -5.53 12.47 28.14
N MET E 37 -6.28 11.66 27.38
CA MET E 37 -6.99 10.54 27.98
C MET E 37 -6.87 9.26 27.15
N ILE F 6 -49.50 6.30 -12.80
CA ILE F 6 -48.85 6.16 -11.46
C ILE F 6 -47.84 5.02 -11.45
N VAL F 7 -46.63 5.32 -10.99
CA VAL F 7 -45.56 4.34 -10.89
C VAL F 7 -44.79 4.57 -9.59
N LEU F 8 -44.37 3.48 -8.95
CA LEU F 8 -43.63 3.55 -7.70
C LEU F 8 -42.72 2.34 -7.55
N THR F 9 -41.65 2.31 -8.34
CA THR F 9 -40.68 1.22 -8.31
C THR F 9 -39.71 1.38 -7.13
N LYS F 10 -38.56 1.99 -7.40
CA LYS F 10 -37.51 2.25 -6.42
C LYS F 10 -37.67 1.61 -5.03
N VAL F 11 -36.66 0.84 -4.65
CA VAL F 11 -36.61 0.12 -3.39
C VAL F 11 -37.05 0.90 -2.14
N GLY F 12 -37.98 0.33 -1.39
CA GLY F 12 -38.44 0.93 -0.16
C GLY F 12 -39.61 1.90 -0.24
N TYR F 13 -39.66 2.71 -1.29
CA TYR F 13 -40.74 3.68 -1.45
C TYR F 13 -42.14 3.07 -1.36
N TYR F 14 -43.03 3.73 -0.62
CA TYR F 14 -44.41 3.27 -0.46
C TYR F 14 -45.40 4.43 -0.51
N THR F 15 -46.64 4.18 -0.09
CA THR F 15 -47.69 5.20 -0.08
C THR F 15 -48.86 4.88 0.88
N ILE F 16 -49.65 5.90 1.21
CA ILE F 16 -50.80 5.75 2.11
C ILE F 16 -51.94 6.67 1.67
N PRO F 17 -52.95 6.13 0.97
CA PRO F 17 -53.12 4.73 0.56
C PRO F 17 -52.01 4.18 -0.33
N SER F 18 -51.68 2.90 -0.16
CA SER F 18 -50.62 2.25 -0.94
C SER F 18 -50.98 2.14 -2.42
N MET F 19 -50.04 1.62 -3.21
CA MET F 19 -50.24 1.45 -4.66
C MET F 19 -51.37 0.46 -5.00
N ASP F 20 -51.70 -0.40 -4.03
CA ASP F 20 -52.76 -1.38 -4.22
C ASP F 20 -54.09 -0.71 -3.95
N ASP F 21 -54.10 0.11 -2.90
CA ASP F 21 -55.30 0.84 -2.49
C ASP F 21 -55.57 2.00 -3.48
N LEU F 22 -54.63 2.19 -4.40
CA LEU F 22 -54.73 3.23 -5.42
C LEU F 22 -55.23 2.62 -6.73
N ALA F 23 -55.30 1.30 -6.77
CA ALA F 23 -55.77 0.57 -7.93
C ALA F 23 -57.30 0.48 -7.85
N LYS F 24 -57.84 0.63 -6.64
CA LYS F 24 -59.29 0.58 -6.38
C LYS F 24 -59.93 1.96 -6.59
N ILE F 25 -59.44 2.95 -5.86
CA ILE F 25 -59.97 4.31 -5.94
C ILE F 25 -59.62 5.06 -7.23
N THR F 26 -59.13 4.33 -8.23
CA THR F 26 -58.77 4.94 -9.52
C THR F 26 -60.03 5.14 -10.36
N ASN F 27 -60.39 6.41 -10.56
CA ASN F 27 -61.59 6.82 -11.32
C ASN F 27 -61.73 6.04 -12.64
N GLU F 28 -62.96 5.91 -13.12
CA GLU F 28 -63.24 5.19 -14.37
C GLU F 28 -62.89 6.05 -15.60
N LYS F 29 -61.62 6.40 -15.72
CA LYS F 29 -61.11 7.22 -16.82
C LYS F 29 -59.60 7.31 -16.66
N GLY F 30 -59.15 7.14 -15.42
CA GLY F 30 -57.73 7.20 -15.10
C GLY F 30 -57.44 8.40 -14.21
N GLU F 31 -58.49 8.98 -13.66
CA GLU F 31 -58.39 10.15 -12.78
C GLU F 31 -58.28 9.80 -11.30
N CYS F 32 -57.07 9.45 -10.89
CA CYS F 32 -56.80 9.09 -9.49
C CYS F 32 -56.57 10.35 -8.67
N ILE F 33 -57.53 10.68 -7.80
CA ILE F 33 -57.44 11.87 -6.97
C ILE F 33 -57.88 11.56 -5.53
N VAL F 34 -56.94 11.08 -4.72
CA VAL F 34 -57.21 10.74 -3.33
C VAL F 34 -56.81 11.87 -2.38
N SER F 35 -57.43 11.91 -1.21
CA SER F 35 -57.14 12.92 -0.20
C SER F 35 -56.36 12.28 0.95
N ASP F 36 -55.55 13.10 1.64
CA ASP F 36 -54.73 12.64 2.75
C ASP F 36 -53.73 11.57 2.27
N PHE F 37 -52.96 11.96 1.26
CA PHE F 37 -51.95 11.10 0.65
C PHE F 37 -50.61 11.27 1.33
N THR F 38 -49.87 10.17 1.42
CA THR F 38 -48.55 10.16 2.04
C THR F 38 -47.62 9.29 1.20
N ILE F 39 -46.32 9.49 1.36
CA ILE F 39 -45.34 8.72 0.61
C ILE F 39 -44.03 8.77 1.39
N GLY F 40 -43.01 8.06 0.91
CA GLY F 40 -41.73 8.09 1.60
C GLY F 40 -40.96 6.78 1.55
N ARG F 41 -39.65 6.85 1.81
CA ARG F 41 -38.82 5.66 1.80
C ARG F 41 -38.69 5.15 3.23
N LYS F 42 -39.01 3.88 3.43
CA LYS F 42 -38.94 3.28 4.75
C LYS F 42 -37.60 3.50 5.41
N GLY F 43 -37.64 4.02 6.63
CA GLY F 43 -36.43 4.25 7.39
C GLY F 43 -35.82 5.63 7.23
N TYR F 44 -36.12 6.30 6.12
CA TYR F 44 -35.58 7.62 5.89
C TYR F 44 -36.55 8.73 6.21
N GLY F 45 -37.64 8.81 5.46
CA GLY F 45 -38.60 9.87 5.70
C GLY F 45 -39.97 9.66 5.10
N SER F 46 -40.80 10.69 5.19
CA SER F 46 -42.16 10.65 4.68
C SER F 46 -42.70 12.07 4.48
N ILE F 47 -43.42 12.27 3.38
CA ILE F 47 -44.01 13.57 3.08
C ILE F 47 -45.53 13.44 3.07
N TYR F 48 -46.18 14.16 3.98
CA TYR F 48 -47.63 14.09 4.10
C TYR F 48 -48.40 15.26 3.50
N PHE F 49 -49.07 14.99 2.38
CA PHE F 49 -49.88 15.99 1.70
C PHE F 49 -51.27 15.88 2.30
N GLU F 50 -51.68 16.89 3.05
CA GLU F 50 -53.00 16.89 3.67
C GLU F 50 -54.08 17.38 2.70
N GLY F 51 -55.34 17.07 2.99
CA GLY F 51 -56.42 17.51 2.12
C GLY F 51 -56.51 16.75 0.81
N ASP F 52 -56.97 17.45 -0.22
CA ASP F 52 -57.13 16.84 -1.54
C ASP F 52 -55.86 16.95 -2.39
N VAL F 53 -55.58 15.90 -3.16
CA VAL F 53 -54.41 15.88 -4.02
C VAL F 53 -54.80 15.33 -5.39
N ASN F 54 -54.09 15.77 -6.43
CA ASN F 54 -54.36 15.32 -7.80
C ASN F 54 -53.24 14.43 -8.34
N LEU F 55 -53.26 13.15 -7.97
CA LEU F 55 -52.26 12.18 -8.40
C LEU F 55 -52.50 11.62 -9.80
N THR F 56 -53.41 12.24 -10.53
CA THR F 56 -53.76 11.81 -11.89
C THR F 56 -52.52 11.44 -12.71
N ASN F 57 -52.18 10.16 -12.64
CA ASN F 57 -51.02 9.62 -13.35
C ASN F 57 -49.78 10.48 -13.22
N LEU F 58 -49.09 10.33 -12.09
CA LEU F 58 -47.86 11.06 -11.81
C LEU F 58 -46.75 10.06 -11.52
N ASN F 59 -45.65 10.18 -12.25
CA ASN F 59 -44.51 9.28 -12.07
C ASN F 59 -43.74 9.62 -10.81
N LEU F 60 -44.07 8.92 -9.72
CA LEU F 60 -43.43 9.13 -8.43
C LEU F 60 -41.93 8.87 -8.48
N ASP F 61 -41.51 8.00 -9.40
CA ASP F 61 -40.10 7.67 -9.53
C ASP F 61 -39.21 8.88 -9.86
N ASP F 62 -39.79 9.86 -10.53
CA ASP F 62 -39.03 11.06 -10.91
C ASP F 62 -39.48 12.30 -10.16
N ILE F 63 -40.41 12.12 -9.24
CA ILE F 63 -40.93 13.24 -8.47
C ILE F 63 -40.39 13.31 -7.05
N VAL F 64 -40.43 12.19 -6.34
CA VAL F 64 -39.98 12.16 -4.96
C VAL F 64 -38.68 11.39 -4.72
N HIS F 65 -37.80 11.98 -3.91
CA HIS F 65 -36.53 11.38 -3.56
C HIS F 65 -36.29 11.64 -2.08
N ILE F 66 -35.75 10.65 -1.38
CA ILE F 66 -35.50 10.81 0.03
C ILE F 66 -34.18 10.20 0.49
N ARG F 67 -33.16 11.05 0.63
CA ARG F 67 -31.86 10.58 1.11
C ARG F 67 -31.82 10.99 2.56
N ARG F 68 -30.89 10.44 3.33
CA ARG F 68 -30.80 10.78 4.74
C ARG F 68 -30.70 12.29 4.93
N LYS F 69 -31.38 12.81 5.94
CA LYS F 69 -31.35 14.23 6.26
C LYS F 69 -31.78 15.18 5.14
N GLU F 70 -32.27 14.65 4.04
CA GLU F 70 -32.67 15.52 2.93
C GLU F 70 -33.84 14.95 2.12
N VAL F 71 -34.51 15.81 1.36
CA VAL F 71 -35.64 15.41 0.52
C VAL F 71 -35.73 16.26 -0.74
N ILE F 72 -36.19 15.66 -1.83
CA ILE F 72 -36.32 16.37 -3.10
C ILE F 72 -37.68 16.13 -3.73
N VAL F 73 -38.36 17.21 -4.11
CA VAL F 73 -39.66 17.10 -4.76
C VAL F 73 -39.55 17.76 -6.13
N TYR F 74 -39.71 16.95 -7.17
CA TYR F 74 -39.60 17.41 -8.54
C TYR F 74 -38.14 17.73 -8.81
N VAL F 75 -37.48 16.82 -9.52
CA VAL F 75 -36.06 16.90 -9.87
C VAL F 75 -35.44 18.30 -9.76
N ASP F 76 -36.12 19.28 -10.34
CA ASP F 76 -35.67 20.67 -10.32
C ASP F 76 -36.88 21.60 -10.31
N ASP F 77 -37.32 22.00 -11.49
CA ASP F 77 -38.49 22.85 -11.70
C ASP F 77 -38.90 22.67 -13.16
N ASN F 78 -38.35 21.59 -13.72
CA ASN F 78 -38.57 21.18 -15.10
C ASN F 78 -40.06 21.22 -15.47
N GLN F 79 -40.81 20.27 -14.95
CA GLN F 79 -42.25 20.19 -15.19
C GLN F 79 -42.98 20.63 -13.94
N LYS F 80 -42.21 21.14 -13.00
CA LYS F 80 -42.70 21.63 -11.71
C LYS F 80 -44.00 22.41 -11.94
N PRO F 81 -45.15 21.75 -11.77
CA PRO F 81 -46.47 22.36 -11.95
C PRO F 81 -46.65 23.60 -11.10
N PRO F 82 -47.58 24.47 -11.50
CA PRO F 82 -47.85 25.71 -10.76
C PRO F 82 -48.08 25.44 -9.27
N VAL F 83 -48.03 26.49 -8.46
CA VAL F 83 -48.20 26.37 -7.03
C VAL F 83 -49.62 25.90 -6.65
N GLY F 84 -49.77 24.59 -6.49
CA GLY F 84 -51.06 24.03 -6.12
C GLY F 84 -51.51 23.02 -7.15
N GLU F 85 -50.72 22.85 -8.19
CA GLU F 85 -51.04 21.91 -9.27
C GLU F 85 -50.52 20.49 -9.03
N GLY F 86 -49.64 20.03 -9.91
CA GLY F 86 -49.09 18.68 -9.82
C GLY F 86 -48.93 18.14 -8.42
N LEU F 87 -47.88 18.57 -7.73
CA LEU F 87 -47.59 18.12 -6.38
C LEU F 87 -46.92 19.29 -5.65
N ASN F 88 -46.67 20.34 -6.42
CA ASN F 88 -46.04 21.57 -5.94
C ASN F 88 -46.91 22.24 -4.88
N ARG F 89 -47.63 21.46 -4.09
CA ARG F 89 -48.51 21.99 -3.06
C ARG F 89 -47.85 21.96 -1.69
N LYS F 90 -48.56 22.44 -0.68
CA LYS F 90 -48.05 22.45 0.69
C LYS F 90 -48.05 21.01 1.26
N ALA F 91 -47.19 20.75 2.23
CA ALA F 91 -47.10 19.43 2.85
C ALA F 91 -46.37 19.43 4.19
N GLU F 92 -46.14 18.24 4.72
CA GLU F 92 -45.45 18.07 6.00
C GLU F 92 -44.42 16.95 5.91
N VAL F 93 -43.17 17.32 5.67
CA VAL F 93 -42.08 16.36 5.54
C VAL F 93 -41.60 15.85 6.89
N THR F 94 -41.16 14.59 6.90
CA THR F 94 -40.64 13.96 8.10
C THR F 94 -39.37 13.20 7.76
N LEU F 95 -38.21 13.81 8.00
CA LEU F 95 -36.94 13.15 7.70
C LEU F 95 -36.45 12.47 8.97
N ASP F 96 -36.14 11.18 8.84
CA ASP F 96 -35.71 10.40 9.99
C ASP F 96 -34.24 10.00 9.97
N GLY F 97 -33.77 9.54 11.13
CA GLY F 97 -32.39 9.13 11.27
C GLY F 97 -31.49 10.34 11.24
N VAL F 98 -32.01 11.47 11.73
CA VAL F 98 -31.24 12.70 11.77
C VAL F 98 -30.67 12.93 13.14
N TRP F 99 -29.34 12.86 13.24
CA TRP F 99 -28.67 13.06 14.51
C TRP F 99 -27.39 13.82 14.30
N PRO F 100 -26.93 14.51 15.34
CA PRO F 100 -25.70 15.27 15.28
C PRO F 100 -24.60 14.23 15.37
N THR F 101 -23.39 14.59 14.98
CA THR F 101 -22.30 13.63 15.03
C THR F 101 -21.22 14.09 16.00
N ASP F 102 -20.61 13.11 16.66
CA ASP F 102 -19.55 13.32 17.62
C ASP F 102 -18.35 13.96 16.95
N LYS F 103 -17.75 14.96 17.61
CA LYS F 103 -16.61 15.68 17.05
C LYS F 103 -15.27 14.95 17.16
N THR F 104 -15.26 13.83 17.85
CA THR F 104 -14.04 13.06 18.02
C THR F 104 -14.05 11.75 17.24
N SER F 105 -15.23 11.21 16.99
CA SER F 105 -15.35 9.93 16.28
C SER F 105 -16.48 9.89 15.25
N ARG F 106 -17.00 11.05 14.87
CA ARG F 106 -18.10 11.17 13.92
C ARG F 106 -19.31 10.30 14.25
N CYS F 107 -19.36 9.82 15.49
CA CYS F 107 -20.46 8.96 15.94
C CYS F 107 -21.76 9.72 16.03
N LEU F 108 -22.85 9.00 15.95
CA LEU F 108 -24.16 9.62 16.02
C LEU F 108 -24.54 9.82 17.47
N ILE F 109 -24.89 11.04 17.83
CA ILE F 109 -25.32 11.31 19.19
C ILE F 109 -26.81 11.04 19.12
N LYS F 110 -27.27 10.00 19.82
CA LYS F 110 -28.68 9.62 19.81
C LYS F 110 -29.23 9.75 21.22
N SER F 111 -28.35 10.11 22.14
CA SER F 111 -28.67 10.30 23.55
C SER F 111 -29.57 11.50 23.78
N PRO F 112 -30.85 11.28 24.10
CA PRO F 112 -31.77 12.40 24.32
C PRO F 112 -31.21 13.49 25.24
N ASP F 113 -30.16 13.13 25.99
CA ASP F 113 -29.51 14.06 26.91
C ASP F 113 -28.64 15.02 26.15
N ARG F 114 -27.52 14.51 25.65
CA ARG F 114 -26.59 15.33 24.88
C ARG F 114 -27.35 16.05 23.77
N LEU F 115 -28.38 15.41 23.27
CA LEU F 115 -29.20 15.97 22.20
C LEU F 115 -29.86 17.22 22.74
N ALA F 116 -30.24 17.19 24.01
CA ALA F 116 -30.89 18.33 24.64
C ALA F 116 -29.85 19.29 25.23
N ASP F 117 -28.68 18.76 25.60
CA ASP F 117 -27.61 19.57 26.17
C ASP F 117 -27.10 20.52 25.09
N ILE F 118 -26.94 20.00 23.88
CA ILE F 118 -26.47 20.83 22.79
C ILE F 118 -27.62 21.51 22.07
N ASN F 119 -28.85 21.10 22.39
CA ASN F 119 -30.03 21.68 21.75
C ASN F 119 -30.01 21.46 20.25
N TYR F 120 -30.11 20.21 19.83
CA TYR F 120 -30.11 19.93 18.41
C TYR F 120 -31.40 20.55 17.90
N GLU F 121 -32.37 20.68 18.80
CA GLU F 121 -33.67 21.27 18.48
C GLU F 121 -33.53 22.54 17.65
N GLY F 122 -33.27 23.64 18.35
CA GLY F 122 -33.12 24.94 17.71
C GLY F 122 -32.21 24.93 16.50
N ARG F 123 -31.04 24.32 16.63
CA ARG F 123 -30.10 24.26 15.52
C ARG F 123 -30.76 23.74 14.25
N LEU F 124 -31.63 22.75 14.42
CA LEU F 124 -32.32 22.12 13.32
C LEU F 124 -33.46 23.02 12.87
N GLU F 125 -33.96 23.82 13.80
CA GLU F 125 -35.06 24.75 13.56
C GLU F 125 -34.60 25.95 12.72
N ALA F 126 -33.50 26.56 13.12
CA ALA F 126 -32.95 27.70 12.42
C ALA F 126 -32.59 27.30 11.00
N VAL F 127 -32.47 26.00 10.74
CA VAL F 127 -32.14 25.51 9.41
C VAL F 127 -33.42 25.38 8.62
N SER F 128 -34.55 25.30 9.30
CA SER F 128 -35.83 25.22 8.62
C SER F 128 -36.20 26.66 8.34
N ARG F 129 -35.98 27.51 9.33
CA ARG F 129 -36.26 28.93 9.19
C ARG F 129 -35.57 29.41 7.91
N LYS F 130 -34.25 29.32 7.91
CA LYS F 130 -33.46 29.75 6.76
C LYS F 130 -33.84 29.05 5.46
N GLN F 131 -34.62 27.98 5.54
CA GLN F 131 -35.00 27.26 4.33
C GLN F 131 -36.39 27.63 3.87
N GLY F 132 -36.97 28.64 4.52
CA GLY F 132 -38.30 29.07 4.16
C GLY F 132 -39.40 28.13 4.62
N ALA F 133 -39.03 27.13 5.40
CA ALA F 133 -40.01 26.19 5.91
C ALA F 133 -40.47 26.56 7.31
N GLN F 134 -41.43 25.81 7.81
CA GLN F 134 -41.98 26.04 9.14
C GLN F 134 -41.61 24.89 10.08
N PHE F 135 -40.74 25.17 11.03
CA PHE F 135 -40.30 24.17 11.99
C PHE F 135 -41.49 23.60 12.71
N LYS F 136 -41.44 22.31 13.01
CA LYS F 136 -42.53 21.68 13.74
C LYS F 136 -42.02 21.05 15.02
N GLU F 137 -41.14 20.06 14.89
CA GLU F 137 -40.56 19.39 16.05
C GLU F 137 -39.43 18.43 15.68
N TYR F 138 -38.82 17.85 16.70
CA TYR F 138 -37.73 16.91 16.51
C TYR F 138 -37.79 15.80 17.55
N ARG F 139 -38.09 14.58 17.10
CA ARG F 139 -38.20 13.44 17.99
C ARG F 139 -36.87 12.69 18.07
N PRO F 140 -36.15 12.83 19.20
CA PRO F 140 -34.86 12.22 19.47
C PRO F 140 -34.79 10.72 19.19
N GLU F 141 -35.74 9.98 19.74
CA GLU F 141 -35.80 8.53 19.59
C GLU F 141 -35.52 8.00 18.18
N THR F 142 -36.21 8.56 17.19
CA THR F 142 -36.02 8.12 15.82
C THR F 142 -35.24 9.11 14.98
N GLY F 143 -34.82 10.21 15.60
CA GLY F 143 -34.07 11.22 14.87
C GLY F 143 -34.99 11.83 13.83
N SER F 144 -36.27 11.92 14.20
CA SER F 144 -37.27 12.47 13.31
C SER F 144 -37.32 13.98 13.39
N TRP F 145 -37.31 14.61 12.23
CA TRP F 145 -37.36 16.05 12.10
C TRP F 145 -38.49 16.36 11.14
N VAL F 146 -39.49 17.08 11.62
CA VAL F 146 -40.62 17.44 10.76
C VAL F 146 -40.80 18.95 10.65
N PHE F 147 -41.06 19.40 9.44
CA PHE F 147 -41.27 20.81 9.20
C PHE F 147 -42.30 20.92 8.09
N LYS F 148 -42.93 22.08 7.96
CA LYS F 148 -43.92 22.27 6.91
C LYS F 148 -43.42 23.23 5.86
N VAL F 149 -43.82 23.00 4.61
CA VAL F 149 -43.40 23.86 3.52
C VAL F 149 -44.61 24.37 2.75
N SER F 150 -44.54 25.62 2.28
CA SER F 150 -45.63 26.20 1.52
C SER F 150 -45.83 25.47 0.20
N HIS F 151 -44.72 25.10 -0.44
CA HIS F 151 -44.74 24.37 -1.72
C HIS F 151 -43.46 23.55 -1.90
N PHE F 152 -43.21 23.09 -3.14
CA PHE F 152 -42.02 22.29 -3.45
C PHE F 152 -41.36 22.68 -4.77
N ARG G 6 -26.87 2.06 -57.06
CA ARG G 6 -25.92 1.40 -57.98
C ARG G 6 -24.77 0.62 -57.33
N LEU G 7 -25.02 -0.01 -56.18
CA LEU G 7 -23.97 -0.77 -55.49
C LEU G 7 -24.04 -2.28 -55.75
N SER G 8 -25.12 -2.93 -55.28
CA SER G 8 -25.29 -4.38 -55.47
C SER G 8 -24.88 -4.79 -56.88
N ALA G 9 -24.88 -3.81 -57.78
CA ALA G 9 -24.48 -4.03 -59.16
C ALA G 9 -23.06 -3.49 -59.28
N LEU G 10 -22.12 -4.36 -59.63
CA LEU G 10 -20.73 -3.95 -59.79
C LEU G 10 -19.98 -5.09 -60.46
N PRO G 11 -18.87 -4.78 -61.16
CA PRO G 11 -18.08 -5.82 -61.83
C PRO G 11 -17.86 -7.10 -61.00
N ILE G 12 -17.06 -6.95 -59.94
CA ILE G 12 -16.68 -8.02 -59.03
C ILE G 12 -17.79 -8.83 -58.33
N PHE G 13 -18.99 -8.25 -58.21
CA PHE G 13 -20.10 -8.93 -57.53
C PHE G 13 -21.00 -9.88 -58.31
N GLN G 14 -20.93 -9.83 -59.64
CA GLN G 14 -21.78 -10.70 -60.46
C GLN G 14 -21.03 -11.81 -61.15
N ALA G 15 -21.62 -12.99 -61.13
CA ALA G 15 -21.01 -14.15 -61.75
C ALA G 15 -21.99 -15.31 -61.83
N SER G 16 -22.44 -15.61 -63.04
CA SER G 16 -23.36 -16.72 -63.29
C SER G 16 -22.50 -17.98 -63.40
N LEU G 17 -23.02 -19.00 -64.06
CA LEU G 17 -22.27 -20.24 -64.20
C LEU G 17 -21.89 -20.67 -62.78
N SER G 18 -22.75 -20.34 -61.82
CA SER G 18 -22.50 -20.69 -60.43
C SER G 18 -22.99 -22.09 -60.11
N ALA G 19 -22.18 -22.85 -59.37
CA ALA G 19 -22.52 -24.20 -58.97
C ALA G 19 -23.26 -24.10 -57.63
N SER G 20 -24.32 -24.90 -57.48
CA SER G 20 -25.13 -24.91 -56.24
C SER G 20 -24.31 -25.42 -55.05
N GLN G 21 -22.99 -25.41 -55.21
CA GLN G 21 -22.04 -25.87 -54.19
C GLN G 21 -21.07 -24.76 -53.79
N SER G 22 -19.81 -24.90 -54.20
CA SER G 22 -18.74 -23.93 -53.90
C SER G 22 -19.29 -22.63 -53.30
N PRO G 23 -19.53 -22.63 -51.97
CA PRO G 23 -20.07 -21.44 -51.30
C PRO G 23 -19.28 -20.20 -51.69
N ARG G 24 -19.78 -19.04 -51.27
CA ARG G 24 -19.13 -17.80 -51.59
C ARG G 24 -18.96 -16.95 -50.36
N TYR G 25 -17.86 -16.19 -50.32
CA TYR G 25 -17.56 -15.33 -49.19
C TYR G 25 -17.16 -13.92 -49.64
N ILE G 26 -17.31 -12.97 -48.74
CA ILE G 26 -16.98 -11.58 -49.03
C ILE G 26 -16.36 -10.89 -47.82
N PHE G 27 -15.27 -10.15 -48.03
CA PHE G 27 -14.62 -9.46 -46.91
C PHE G 27 -14.22 -8.05 -47.27
N SER G 28 -14.33 -7.14 -46.30
CA SER G 28 -13.94 -5.76 -46.54
C SER G 28 -12.49 -5.60 -46.07
N SER G 29 -12.04 -4.36 -45.94
CA SER G 29 -10.67 -4.11 -45.53
C SER G 29 -10.37 -2.62 -45.69
N GLN G 30 -9.64 -2.04 -44.75
CA GLN G 30 -9.28 -0.62 -44.77
C GLN G 30 -10.47 0.32 -44.70
N ASN G 31 -11.30 0.13 -43.68
CA ASN G 31 -12.49 0.95 -43.46
C ASN G 31 -13.53 0.82 -44.58
N GLY G 32 -13.65 -0.40 -45.14
CA GLY G 32 -14.60 -0.65 -46.22
C GLY G 32 -14.15 -0.06 -47.55
N THR G 33 -12.87 -0.19 -47.84
CA THR G 33 -12.27 0.32 -49.06
C THR G 33 -12.04 -0.81 -50.04
N ARG G 34 -11.26 -1.80 -49.58
CA ARG G 34 -10.91 -2.97 -50.37
C ARG G 34 -11.98 -4.05 -50.27
N ILE G 35 -12.07 -4.89 -51.30
CA ILE G 35 -13.06 -5.96 -51.30
C ILE G 35 -12.45 -7.26 -51.78
N VAL G 36 -12.88 -8.36 -51.18
CA VAL G 36 -12.40 -9.67 -51.55
C VAL G 36 -13.63 -10.53 -51.70
N PHE G 37 -13.74 -11.14 -52.86
CA PHE G 37 -14.87 -12.01 -53.18
C PHE G 37 -14.32 -13.35 -53.61
N ILE G 38 -14.92 -14.41 -53.07
CA ILE G 38 -14.47 -15.74 -53.42
C ILE G 38 -15.67 -16.55 -53.89
N GLN G 39 -15.57 -17.07 -55.12
CA GLN G 39 -16.63 -17.87 -55.70
C GLN G 39 -16.08 -18.89 -56.68
N ASP G 40 -16.76 -20.03 -56.78
CA ASP G 40 -16.34 -21.09 -57.68
C ASP G 40 -14.84 -21.28 -57.56
N ASN G 41 -14.34 -21.21 -56.33
CA ASN G 41 -12.93 -21.38 -56.05
C ASN G 41 -12.04 -20.40 -56.83
N ILE G 42 -12.47 -19.14 -56.88
CA ILE G 42 -11.74 -18.08 -57.54
C ILE G 42 -11.85 -16.81 -56.72
N ILE G 43 -10.70 -16.19 -56.43
CA ILE G 43 -10.64 -14.95 -55.63
C ILE G 43 -10.61 -13.66 -56.43
N ARG G 44 -11.57 -12.80 -56.11
CA ARG G 44 -11.69 -11.49 -56.76
C ARG G 44 -11.43 -10.40 -55.73
N TRP G 45 -10.71 -9.36 -56.14
CA TRP G 45 -10.42 -8.26 -55.22
C TRP G 45 -10.49 -6.93 -55.95
N TYR G 46 -11.23 -6.00 -55.36
CA TYR G 46 -11.38 -4.69 -55.98
C TYR G 46 -11.06 -3.58 -54.98
N ASN G 47 -10.11 -2.72 -55.36
CA ASN G 47 -9.72 -1.61 -54.50
C ASN G 47 -10.51 -0.37 -54.96
N VAL G 48 -11.51 0.03 -54.16
CA VAL G 48 -12.36 1.19 -54.51
C VAL G 48 -11.67 2.56 -54.41
N LEU G 49 -10.36 2.58 -54.63
CA LEU G 49 -9.57 3.81 -54.60
C LEU G 49 -8.58 3.70 -55.74
N THR G 50 -7.83 2.61 -55.75
CA THR G 50 -6.84 2.35 -56.79
C THR G 50 -7.56 1.75 -58.01
N ASP G 51 -7.46 0.43 -58.12
CA ASP G 51 -8.06 -0.35 -59.19
C ASP G 51 -9.23 0.29 -59.94
N SER G 52 -9.23 0.13 -61.25
CA SER G 52 -10.28 0.66 -62.12
C SER G 52 -11.27 -0.48 -62.40
N LEU G 53 -10.75 -1.71 -62.38
CA LEU G 53 -11.57 -2.90 -62.60
C LEU G 53 -11.01 -4.03 -61.74
N TYR G 54 -11.88 -4.96 -61.35
CA TYR G 54 -11.46 -6.06 -60.50
C TYR G 54 -10.57 -7.09 -61.20
N HIS G 55 -9.61 -7.62 -60.45
CA HIS G 55 -8.68 -8.62 -60.94
C HIS G 55 -9.00 -9.92 -60.16
N SER G 56 -8.58 -11.06 -60.68
CA SER G 56 -8.90 -12.32 -60.01
C SER G 56 -7.76 -13.32 -59.91
N LEU G 57 -8.12 -14.51 -59.42
CA LEU G 57 -7.18 -15.61 -59.29
C LEU G 57 -7.95 -16.90 -59.01
N ASN G 58 -7.56 -17.97 -59.71
CA ASN G 58 -8.21 -19.25 -59.52
C ASN G 58 -7.26 -20.13 -58.71
N PHE G 59 -7.70 -20.57 -57.53
CA PHE G 59 -6.88 -21.41 -56.68
C PHE G 59 -7.45 -22.84 -56.61
N SER G 60 -8.39 -23.14 -57.50
CA SER G 60 -9.02 -24.45 -57.55
C SER G 60 -7.97 -25.55 -57.65
N ARG G 61 -6.77 -25.19 -58.11
CA ARG G 61 -5.70 -26.16 -58.25
C ARG G 61 -5.23 -26.76 -56.93
N HIS G 62 -5.38 -26.02 -55.83
CA HIS G 62 -4.95 -26.52 -54.52
C HIS G 62 -6.15 -26.80 -53.61
N LEU G 63 -7.16 -25.95 -53.71
CA LEU G 63 -8.33 -26.10 -52.87
C LEU G 63 -9.65 -26.16 -53.62
N VAL G 64 -10.50 -27.09 -53.21
CA VAL G 64 -11.82 -27.27 -53.80
C VAL G 64 -12.84 -27.07 -52.68
N LEU G 65 -13.22 -25.80 -52.48
CA LEU G 65 -14.17 -25.43 -51.45
C LEU G 65 -15.53 -26.11 -51.51
N ASP G 66 -15.98 -26.56 -50.35
CA ASP G 66 -17.27 -27.22 -50.21
C ASP G 66 -17.99 -26.62 -49.02
N ASP G 67 -18.52 -27.47 -48.13
CA ASP G 67 -19.22 -26.98 -46.96
C ASP G 67 -18.61 -27.39 -45.62
N THR G 68 -17.33 -27.78 -45.63
CA THR G 68 -16.64 -28.18 -44.40
C THR G 68 -15.72 -27.01 -44.07
N PHE G 69 -15.58 -26.12 -45.05
CA PHE G 69 -14.70 -24.98 -44.92
C PHE G 69 -15.32 -23.67 -44.48
N HIS G 70 -14.50 -22.88 -43.79
CA HIS G 70 -14.87 -21.55 -43.35
C HIS G 70 -13.66 -20.78 -43.81
N VAL G 71 -13.87 -19.56 -44.26
CA VAL G 71 -12.74 -18.74 -44.65
C VAL G 71 -12.85 -17.48 -43.83
N ILE G 72 -11.70 -16.89 -43.53
CA ILE G 72 -11.64 -15.69 -42.72
C ILE G 72 -10.45 -14.92 -43.25
N SER G 73 -10.54 -13.59 -43.19
CA SER G 73 -9.43 -12.78 -43.67
C SER G 73 -8.88 -11.96 -42.52
N SER G 74 -7.56 -11.82 -42.45
CA SER G 74 -6.95 -11.03 -41.40
C SER G 74 -7.53 -9.64 -41.48
N THR G 75 -7.55 -8.93 -40.36
CA THR G 75 -8.07 -7.58 -40.35
C THR G 75 -7.37 -6.71 -41.40
N SER G 76 -6.04 -6.79 -41.43
CA SER G 76 -5.25 -6.04 -42.40
C SER G 76 -5.72 -6.36 -43.83
N GLY G 77 -6.49 -7.44 -43.97
CA GLY G 77 -7.02 -7.86 -45.27
C GLY G 77 -6.02 -8.59 -46.14
N ASP G 78 -4.73 -8.36 -45.87
CA ASP G 78 -3.65 -8.96 -46.64
C ASP G 78 -3.69 -10.49 -46.78
N LEU G 79 -4.31 -11.17 -45.83
CA LEU G 79 -4.34 -12.62 -45.90
C LEU G 79 -5.70 -13.27 -45.74
N LEU G 80 -5.73 -14.53 -46.11
CA LEU G 80 -6.95 -15.33 -46.03
C LEU G 80 -6.61 -16.71 -45.54
N CYS G 81 -7.45 -17.20 -44.65
CA CYS G 81 -7.27 -18.52 -44.10
C CYS G 81 -8.54 -19.33 -44.32
N LEU G 82 -8.38 -20.50 -44.89
CA LEU G 82 -9.49 -21.39 -45.17
C LEU G 82 -9.21 -22.70 -44.45
N PHE G 83 -10.17 -23.14 -43.65
CA PHE G 83 -9.97 -24.36 -42.90
C PHE G 83 -11.25 -25.16 -42.71
N ASN G 84 -11.06 -26.39 -42.23
CA ASN G 84 -12.14 -27.31 -41.92
C ASN G 84 -11.61 -28.08 -40.73
N ASP G 85 -12.40 -29.04 -40.24
CA ASP G 85 -12.01 -29.86 -39.09
C ASP G 85 -10.84 -30.79 -39.41
N ASN G 86 -10.02 -30.41 -40.38
CA ASN G 86 -8.92 -31.26 -40.75
C ASN G 86 -7.69 -30.58 -41.35
N GLU G 87 -7.86 -29.48 -42.06
CA GLU G 87 -6.70 -28.85 -42.66
C GLU G 87 -6.83 -27.34 -42.79
N ILE G 88 -5.69 -26.68 -42.88
CA ILE G 88 -5.63 -25.23 -42.97
C ILE G 88 -4.86 -24.69 -44.17
N PHE G 89 -5.49 -23.75 -44.88
CA PHE G 89 -4.87 -23.13 -46.05
C PHE G 89 -4.83 -21.62 -45.88
N VAL G 90 -3.63 -21.05 -45.97
CA VAL G 90 -3.52 -19.60 -45.85
C VAL G 90 -2.94 -19.01 -47.12
N MET G 91 -3.76 -18.19 -47.79
CA MET G 91 -3.40 -17.54 -49.05
C MET G 91 -3.26 -16.04 -48.93
N GLU G 92 -2.31 -15.49 -49.67
CA GLU G 92 -2.04 -14.06 -49.66
C GLU G 92 -2.74 -13.33 -50.79
N VAL G 93 -3.75 -12.55 -50.47
CA VAL G 93 -4.47 -11.81 -51.51
C VAL G 93 -3.48 -10.96 -52.32
N PRO G 94 -3.52 -11.09 -53.65
CA PRO G 94 -2.64 -10.35 -54.58
C PRO G 94 -2.99 -8.88 -54.79
N TRP G 95 -2.87 -8.05 -53.76
CA TRP G 95 -3.18 -6.64 -53.93
C TRP G 95 -2.08 -5.99 -54.75
N GLY G 96 -2.47 -5.11 -55.68
CA GLY G 96 -1.49 -4.44 -56.51
C GLY G 96 -1.20 -5.25 -57.77
N TYR G 97 -1.31 -6.57 -57.65
CA TYR G 97 -1.07 -7.46 -58.77
C TYR G 97 -2.25 -7.31 -59.73
N SER G 98 -1.94 -7.05 -61.01
CA SER G 98 -2.95 -6.87 -62.06
C SER G 98 -3.30 -8.19 -62.74
N ASN G 99 -2.38 -9.14 -62.65
CA ASN G 99 -2.59 -10.46 -63.22
C ASN G 99 -1.97 -11.49 -62.30
N VAL G 100 -2.66 -12.63 -62.16
CA VAL G 100 -2.21 -13.73 -61.32
C VAL G 100 -2.28 -15.04 -62.13
N GLU G 101 -2.17 -14.91 -63.45
CA GLU G 101 -2.26 -16.04 -64.38
C GLU G 101 -1.06 -16.98 -64.27
N ASP G 102 0.13 -16.37 -64.14
CA ASP G 102 1.39 -17.10 -64.00
C ASP G 102 1.17 -18.31 -63.07
N VAL G 103 1.26 -19.51 -63.63
CA VAL G 103 1.06 -20.74 -62.85
C VAL G 103 2.10 -20.94 -61.74
N SER G 104 3.20 -20.17 -61.78
CA SER G 104 4.23 -20.30 -60.74
C SER G 104 4.00 -19.26 -59.65
N ILE G 105 3.70 -18.03 -60.06
CA ILE G 105 3.42 -16.92 -59.14
C ILE G 105 2.10 -17.21 -58.44
N GLN G 106 1.30 -18.09 -59.06
CA GLN G 106 0.00 -18.49 -58.54
C GLN G 106 0.19 -19.23 -57.22
N ASP G 107 1.33 -19.92 -57.11
CA ASP G 107 1.67 -20.69 -55.91
C ASP G 107 2.37 -19.83 -54.85
N ALA G 108 2.97 -18.71 -55.27
CA ALA G 108 3.65 -17.79 -54.36
C ALA G 108 2.61 -17.06 -53.49
N PHE G 109 1.41 -17.63 -53.44
CA PHE G 109 0.31 -17.09 -52.65
C PHE G 109 -0.23 -18.14 -51.71
N GLN G 110 0.16 -19.39 -51.94
CA GLN G 110 -0.24 -20.51 -51.07
C GLN G 110 0.82 -20.52 -49.97
N ILE G 111 0.73 -19.51 -49.11
CA ILE G 111 1.66 -19.32 -48.01
C ILE G 111 1.75 -20.39 -46.94
N PHE G 112 0.62 -20.91 -46.48
CA PHE G 112 0.69 -21.90 -45.42
C PHE G 112 -0.32 -23.03 -45.50
N HIS G 113 0.15 -24.23 -45.14
CA HIS G 113 -0.69 -25.40 -45.14
C HIS G 113 -0.46 -26.28 -43.91
N TYR G 114 -1.52 -26.92 -43.43
CA TYR G 114 -1.45 -27.81 -42.27
C TYR G 114 -2.61 -28.81 -42.25
N SER G 115 -2.32 -30.01 -41.75
CA SER G 115 -3.31 -31.07 -41.65
C SER G 115 -3.01 -31.90 -40.39
N ILE G 116 -4.00 -31.98 -39.50
CA ILE G 116 -3.85 -32.72 -38.24
C ILE G 116 -3.14 -34.05 -38.42
N ASP G 117 -3.34 -34.65 -39.59
CA ASP G 117 -2.71 -35.93 -39.91
C ASP G 117 -1.25 -35.69 -40.31
N GLU G 118 -0.62 -34.74 -39.62
CA GLU G 118 0.79 -34.37 -39.84
C GLU G 118 1.53 -34.59 -38.51
N GLU G 119 0.78 -34.65 -37.43
CA GLU G 119 1.34 -34.81 -36.10
C GLU G 119 1.36 -36.25 -35.57
N GLU G 120 2.50 -36.91 -35.72
CA GLU G 120 2.69 -38.29 -35.26
C GLU G 120 1.41 -39.13 -35.36
N VAL G 121 1.23 -40.03 -34.40
CA VAL G 121 0.05 -40.89 -34.39
C VAL G 121 -0.71 -40.77 -33.05
N GLY G 122 -1.10 -41.92 -32.50
CA GLY G 122 -1.84 -41.93 -31.25
C GLY G 122 -3.23 -41.38 -31.51
N PRO G 123 -3.87 -40.74 -30.51
CA PRO G 123 -5.21 -40.17 -30.65
C PRO G 123 -5.12 -38.82 -31.35
N LYS G 124 -5.86 -38.64 -32.45
CA LYS G 124 -5.81 -37.38 -33.17
C LYS G 124 -7.10 -36.58 -33.00
N SER G 125 -6.97 -35.25 -32.82
CA SER G 125 -8.18 -34.45 -32.67
C SER G 125 -8.35 -33.38 -33.74
N SER G 126 -9.60 -33.20 -34.16
CA SER G 126 -9.98 -32.26 -35.21
C SER G 126 -10.02 -30.78 -34.82
N ILE G 127 -9.78 -29.92 -35.82
CA ILE G 127 -9.77 -28.47 -35.62
C ILE G 127 -11.18 -27.93 -35.36
N LYS G 128 -11.27 -27.05 -34.36
CA LYS G 128 -12.54 -26.45 -33.93
C LYS G 128 -12.69 -24.99 -34.31
N LYS G 129 -11.57 -24.31 -34.58
CA LYS G 129 -11.61 -22.91 -34.99
C LYS G 129 -10.22 -22.37 -35.19
N VAL G 130 -10.11 -21.42 -36.09
CA VAL G 130 -8.82 -20.81 -36.32
C VAL G 130 -9.01 -19.31 -36.30
N LEU G 131 -7.97 -18.61 -35.84
CA LEU G 131 -7.98 -17.16 -35.75
C LEU G 131 -6.63 -16.61 -36.15
N PHE G 132 -6.66 -15.36 -36.60
CA PHE G 132 -5.43 -14.67 -36.95
C PHE G 132 -5.09 -13.93 -35.67
N HIS G 133 -3.83 -13.94 -35.26
CA HIS G 133 -3.49 -13.23 -34.04
C HIS G 133 -3.42 -11.74 -34.34
N PRO G 134 -4.36 -10.99 -33.79
CA PRO G 134 -4.49 -9.54 -33.96
C PRO G 134 -3.16 -8.78 -34.08
N LYS G 135 -2.31 -8.90 -33.07
CA LYS G 135 -1.05 -8.18 -33.12
C LYS G 135 0.15 -8.99 -33.52
N SER G 136 -0.07 -9.99 -34.38
CA SER G 136 1.04 -10.79 -34.85
C SER G 136 1.57 -9.97 -36.01
N TYR G 137 2.88 -9.73 -36.01
CA TYR G 137 3.49 -8.92 -37.07
C TYR G 137 3.31 -9.53 -38.46
N ARG G 138 2.88 -8.71 -39.41
CA ARG G 138 2.68 -9.16 -40.78
C ARG G 138 1.79 -10.40 -40.86
N ASP G 139 0.90 -10.55 -39.87
CA ASP G 139 -0.04 -11.67 -39.81
C ASP G 139 0.68 -13.02 -39.63
N SER G 140 1.94 -12.95 -39.19
CA SER G 140 2.81 -14.11 -39.02
C SER G 140 2.35 -15.32 -38.24
N CYS G 141 1.23 -15.25 -37.54
CA CYS G 141 0.78 -16.41 -36.75
C CYS G 141 -0.71 -16.56 -36.64
N ILE G 142 -1.19 -17.77 -36.83
CA ILE G 142 -2.62 -18.01 -36.68
C ILE G 142 -2.75 -18.90 -35.47
N VAL G 143 -3.96 -18.89 -34.90
CA VAL G 143 -4.26 -19.66 -33.70
C VAL G 143 -5.26 -20.76 -33.98
N VAL G 144 -4.84 -21.99 -33.77
CA VAL G 144 -5.69 -23.13 -34.03
C VAL G 144 -6.19 -23.79 -32.77
N LEU G 145 -7.52 -23.83 -32.65
CA LEU G 145 -8.16 -24.46 -31.51
C LEU G 145 -8.66 -25.83 -31.95
N LYS G 146 -8.33 -26.87 -31.18
CA LYS G 146 -8.78 -28.22 -31.49
C LYS G 146 -9.89 -28.67 -30.55
N GLU G 147 -10.38 -29.89 -30.77
CA GLU G 147 -11.47 -30.44 -29.94
C GLU G 147 -11.01 -30.70 -28.51
N ASP G 148 -9.73 -31.04 -28.36
CA ASP G 148 -9.15 -31.30 -27.06
C ASP G 148 -8.80 -29.96 -26.41
N ASP G 149 -9.62 -28.96 -26.74
CA ASP G 149 -9.49 -27.58 -26.24
C ASP G 149 -8.08 -27.04 -26.39
N THR G 150 -7.25 -27.74 -27.13
CA THR G 150 -5.89 -27.29 -27.31
C THR G 150 -5.78 -26.13 -28.28
N ILE G 151 -5.12 -25.08 -27.80
CA ILE G 151 -4.91 -23.87 -28.57
C ILE G 151 -3.45 -23.86 -29.04
N THR G 152 -3.26 -23.82 -30.35
CA THR G 152 -1.92 -23.83 -30.91
C THR G 152 -1.63 -22.64 -31.82
N MET G 153 -0.43 -22.09 -31.68
CA MET G 153 -0.03 -20.97 -32.50
C MET G 153 1.03 -21.44 -33.47
N PHE G 154 0.73 -21.29 -34.75
CA PHE G 154 1.66 -21.67 -35.80
C PHE G 154 2.22 -20.39 -36.37
N ASP G 155 3.53 -20.36 -36.56
CA ASP G 155 4.15 -19.20 -37.17
C ASP G 155 4.10 -19.55 -38.65
N ILE G 156 3.16 -18.94 -39.36
CA ILE G 156 2.97 -19.17 -40.78
C ILE G 156 4.25 -18.99 -41.62
N LEU G 157 5.02 -17.93 -41.35
CA LEU G 157 6.22 -17.66 -42.14
C LEU G 157 7.54 -18.18 -41.59
N ASN G 158 7.53 -19.35 -40.96
CA ASN G 158 8.77 -19.91 -40.42
C ASN G 158 8.69 -21.42 -40.14
N SER G 159 9.45 -22.18 -40.92
CA SER G 159 9.53 -23.64 -40.79
C SER G 159 10.37 -23.97 -39.57
N GLN G 160 11.40 -23.14 -39.38
CA GLN G 160 12.36 -23.26 -38.28
C GLN G 160 11.73 -22.92 -36.92
N GLU G 161 10.42 -22.74 -36.91
CA GLU G 161 9.69 -22.40 -35.69
C GLU G 161 8.67 -23.47 -35.30
N LYS G 162 9.06 -24.37 -34.40
CA LYS G 162 8.12 -25.38 -33.95
C LYS G 162 6.94 -24.63 -33.34
N PRO G 163 5.72 -25.14 -33.54
CA PRO G 163 4.56 -24.44 -32.98
C PRO G 163 4.54 -24.46 -31.44
N ILE G 164 3.80 -23.53 -30.85
CA ILE G 164 3.66 -23.49 -29.41
C ILE G 164 2.27 -24.01 -29.12
N VAL G 165 2.14 -24.84 -28.10
CA VAL G 165 0.84 -25.39 -27.78
C VAL G 165 0.47 -25.05 -26.34
N LEU G 166 -0.49 -24.15 -26.15
CA LEU G 166 -0.89 -23.78 -24.80
C LEU G 166 -2.10 -24.59 -24.38
N ASN G 167 -2.38 -24.57 -23.08
CA ASN G 167 -3.51 -25.32 -22.52
C ASN G 167 -3.48 -26.80 -22.94
N LYS G 168 -2.31 -27.41 -22.82
CA LYS G 168 -2.14 -28.81 -23.18
C LYS G 168 -3.02 -29.70 -22.33
N PRO G 169 -3.22 -30.94 -22.77
CA PRO G 169 -4.06 -31.83 -21.98
C PRO G 169 -3.11 -32.25 -20.88
N ASN G 170 -3.47 -33.30 -20.15
CA ASN G 170 -2.57 -33.78 -19.14
C ASN G 170 -2.92 -35.13 -18.54
N ASN G 171 -1.95 -35.64 -17.78
CA ASN G 171 -2.02 -36.91 -17.09
C ASN G 171 -2.90 -36.77 -15.84
N SER G 172 -4.18 -36.45 -16.07
CA SER G 172 -5.13 -36.26 -14.98
C SER G 172 -6.47 -36.88 -15.29
N PHE G 173 -7.22 -37.16 -14.23
CA PHE G 173 -8.56 -37.75 -14.35
C PHE G 173 -9.47 -37.09 -13.30
N GLY G 174 -10.20 -36.07 -13.73
CA GLY G 174 -11.11 -35.36 -12.83
C GLY G 174 -11.38 -33.97 -13.35
N LEU G 175 -10.64 -33.00 -12.83
CA LEU G 175 -10.70 -31.58 -13.23
C LEU G 175 -9.24 -31.11 -13.23
N ASP G 176 -8.79 -30.54 -14.34
CA ASP G 176 -7.39 -30.14 -14.49
C ASP G 176 -7.11 -28.65 -14.28
N ALA G 177 -5.83 -28.29 -14.19
CA ALA G 177 -5.42 -26.89 -13.97
C ALA G 177 -5.54 -26.06 -15.26
N ARG G 178 -6.02 -26.72 -16.31
CA ARG G 178 -6.28 -26.17 -17.66
C ARG G 178 -7.78 -25.91 -17.84
N VAL G 179 -8.11 -25.15 -18.87
CA VAL G 179 -9.50 -24.82 -19.18
C VAL G 179 -10.13 -25.91 -20.00
N ASN G 180 -11.17 -26.54 -19.45
CA ASN G 180 -11.82 -27.62 -20.17
C ASN G 180 -13.14 -27.19 -20.82
N ASP G 181 -13.42 -27.81 -21.97
CA ASP G 181 -14.65 -27.58 -22.75
C ASP G 181 -14.88 -26.17 -23.30
N ILE G 182 -13.92 -25.69 -24.08
CA ILE G 182 -14.00 -24.37 -24.69
C ILE G 182 -14.97 -24.39 -25.85
N THR G 183 -15.89 -23.43 -25.87
CA THR G 183 -16.90 -23.32 -26.93
C THR G 183 -16.56 -22.21 -27.90
N ASP G 184 -15.77 -21.23 -27.46
CA ASP G 184 -15.42 -20.09 -28.32
C ASP G 184 -14.19 -19.28 -27.89
N LEU G 185 -13.46 -18.82 -28.89
CA LEU G 185 -12.27 -18.02 -28.64
C LEU G 185 -12.49 -16.62 -29.14
N GLU G 186 -11.78 -15.68 -28.55
CA GLU G 186 -11.94 -14.28 -28.92
C GLU G 186 -10.81 -13.44 -28.34
N PHE G 187 -10.28 -12.54 -29.15
CA PHE G 187 -9.19 -11.71 -28.69
C PHE G 187 -9.69 -10.42 -28.05
N SER G 188 -8.89 -9.91 -27.13
CA SER G 188 -9.20 -8.66 -26.45
C SER G 188 -8.81 -7.55 -27.45
N LYS G 189 -9.22 -6.32 -27.19
CA LYS G 189 -8.88 -5.26 -28.11
C LYS G 189 -7.53 -4.65 -27.82
N ASP G 190 -6.78 -5.29 -26.93
CA ASP G 190 -5.45 -4.83 -26.61
C ASP G 190 -4.55 -5.76 -27.40
N GLY G 191 -5.16 -6.82 -27.89
CA GLY G 191 -4.45 -7.81 -28.69
C GLY G 191 -3.30 -8.46 -27.94
N LEU G 192 -3.49 -8.75 -26.66
CA LEU G 192 -2.46 -9.38 -25.84
C LEU G 192 -3.14 -10.42 -24.98
N THR G 193 -4.45 -10.26 -24.87
CA THR G 193 -5.26 -11.16 -24.09
C THR G 193 -6.17 -11.96 -25.02
N LEU G 194 -6.36 -13.23 -24.69
CA LEU G 194 -7.21 -14.12 -25.47
C LEU G 194 -8.29 -14.68 -24.58
N TYR G 195 -9.53 -14.26 -24.81
CA TYR G 195 -10.65 -14.75 -24.00
C TYR G 195 -11.17 -16.12 -24.46
N CYS G 196 -11.55 -16.95 -23.49
CA CYS G 196 -12.04 -18.28 -23.77
C CYS G 196 -13.36 -18.50 -23.07
N LEU G 197 -14.30 -19.12 -23.78
CA LEU G 197 -15.58 -19.38 -23.18
C LEU G 197 -15.76 -20.88 -23.02
N ASN G 198 -15.65 -21.34 -21.78
CA ASN G 198 -15.78 -22.75 -21.48
C ASN G 198 -17.21 -23.07 -21.03
N THR G 199 -17.55 -24.36 -21.08
CA THR G 199 -18.87 -24.82 -20.69
C THR G 199 -18.94 -25.59 -19.37
N THR G 200 -17.95 -26.45 -19.13
CA THR G 200 -17.91 -27.28 -17.93
C THR G 200 -18.91 -26.89 -16.83
N GLU G 201 -18.76 -25.69 -16.25
CA GLU G 201 -19.64 -25.22 -15.19
C GLU G 201 -20.80 -24.35 -15.65
N GLY G 202 -21.32 -24.64 -16.85
CA GLY G 202 -22.42 -23.87 -17.40
C GLY G 202 -21.93 -22.74 -18.28
N GLY G 203 -20.70 -22.30 -18.05
CA GLY G 203 -20.13 -21.22 -18.83
C GLY G 203 -19.48 -20.11 -18.00
N ASP G 204 -18.17 -20.00 -18.14
CA ASP G 204 -17.40 -19.00 -17.44
C ASP G 204 -16.41 -18.46 -18.43
N ILE G 205 -15.74 -17.37 -18.08
CA ILE G 205 -14.78 -16.77 -18.97
C ILE G 205 -13.37 -16.90 -18.44
N PHE G 206 -12.48 -17.39 -19.28
CA PHE G 206 -11.07 -17.51 -18.90
C PHE G 206 -10.29 -16.66 -19.88
N ALA G 207 -8.99 -16.56 -19.66
CA ALA G 207 -8.20 -15.74 -20.54
C ALA G 207 -6.71 -16.05 -20.49
N PHE G 208 -6.04 -15.69 -21.58
CA PHE G 208 -4.62 -15.90 -21.72
C PHE G 208 -3.93 -14.57 -21.83
N TYR G 209 -3.38 -14.12 -20.72
CA TYR G 209 -2.70 -12.84 -20.67
C TYR G 209 -1.33 -13.11 -20.11
N PRO G 210 -0.29 -12.95 -20.93
CA PRO G 210 -0.37 -12.52 -22.33
C PRO G 210 -0.31 -13.70 -23.29
N PHE G 211 -1.05 -13.56 -24.39
CA PHE G 211 -1.11 -14.55 -25.45
C PHE G 211 -0.31 -13.89 -26.58
N LEU G 212 0.94 -14.29 -26.73
CA LEU G 212 1.79 -13.64 -27.72
C LEU G 212 2.20 -14.43 -28.95
N PRO G 213 2.55 -13.71 -30.04
CA PRO G 213 2.99 -14.34 -31.28
C PRO G 213 4.52 -14.27 -31.35
N SER G 214 5.07 -14.92 -32.37
CA SER G 214 6.51 -14.95 -32.62
C SER G 214 7.08 -13.53 -32.60
N VAL G 215 6.48 -12.67 -33.41
CA VAL G 215 6.88 -11.29 -33.54
C VAL G 215 5.62 -10.47 -33.34
N LEU G 216 5.71 -9.52 -32.42
CA LEU G 216 4.58 -8.68 -32.06
C LEU G 216 4.50 -7.45 -32.93
N LEU G 217 3.27 -7.08 -33.27
CA LEU G 217 3.05 -5.89 -34.05
C LEU G 217 2.68 -4.86 -32.98
N LEU G 218 3.54 -3.87 -32.81
CA LEU G 218 3.31 -2.88 -31.79
C LEU G 218 3.75 -1.48 -32.19
N ASN G 219 2.79 -0.57 -32.33
CA ASN G 219 3.09 0.81 -32.68
C ASN G 219 3.54 1.50 -31.40
N GLU G 220 3.98 2.75 -31.49
CA GLU G 220 4.45 3.45 -30.31
C GLU G 220 3.36 3.80 -29.29
N LYS G 221 2.21 4.21 -29.76
CA LYS G 221 1.14 4.57 -28.83
C LYS G 221 0.88 3.45 -27.86
N ASP G 222 0.66 2.26 -28.39
CA ASP G 222 0.36 1.08 -27.59
C ASP G 222 1.53 0.52 -26.80
N LEU G 223 2.75 0.75 -27.28
CA LEU G 223 3.93 0.28 -26.55
C LEU G 223 3.93 0.98 -25.20
N ASN G 224 3.68 2.29 -25.24
CA ASN G 224 3.63 3.08 -24.04
C ASN G 224 2.48 2.65 -23.16
N LEU G 225 1.28 2.70 -23.69
CA LEU G 225 0.10 2.27 -22.94
C LEU G 225 0.37 1.03 -22.09
N ILE G 226 0.72 -0.08 -22.74
CA ILE G 226 1.00 -1.31 -21.99
C ILE G 226 2.05 -1.00 -20.92
N LEU G 227 3.12 -0.34 -21.34
CA LEU G 227 4.22 0.03 -20.46
C LEU G 227 3.79 0.83 -19.23
N ASN G 228 2.91 1.79 -19.45
CA ASN G 228 2.42 2.60 -18.34
C ASN G 228 1.59 1.75 -17.41
N LYS G 229 0.50 1.18 -17.91
CA LYS G 229 -0.34 0.33 -17.07
C LYS G 229 0.55 -0.59 -16.25
N SER G 230 1.68 -0.96 -16.83
CA SER G 230 2.62 -1.86 -16.17
C SER G 230 3.25 -1.21 -14.96
N LEU G 231 3.57 0.07 -15.08
CA LEU G 231 4.16 0.84 -13.99
C LEU G 231 3.15 1.13 -12.91
N VAL G 232 1.95 1.54 -13.31
CA VAL G 232 0.90 1.82 -12.36
C VAL G 232 0.68 0.56 -11.52
N MET G 233 0.77 -0.59 -12.17
CA MET G 233 0.61 -1.86 -11.48
C MET G 233 1.69 -1.97 -10.44
N TYR G 234 2.93 -1.83 -10.88
CA TYR G 234 4.08 -1.90 -10.00
C TYR G 234 3.93 -0.89 -8.86
N GLU G 235 3.61 0.34 -9.23
CA GLU G 235 3.45 1.38 -8.23
C GLU G 235 2.26 1.11 -7.31
N SER G 236 1.44 0.15 -7.66
CA SER G 236 0.28 -0.18 -6.83
C SER G 236 0.66 -1.23 -5.79
N LEU G 237 1.91 -1.67 -5.85
CA LEU G 237 2.43 -2.70 -4.94
C LEU G 237 2.83 -2.18 -3.57
N ASP G 238 2.29 -2.87 -2.57
CA ASP G 238 2.50 -2.58 -1.15
C ASP G 238 2.76 -3.89 -0.42
N SER G 239 2.60 -3.91 0.89
CA SER G 239 2.87 -5.13 1.64
C SER G 239 1.70 -6.07 1.86
N THR G 240 0.49 -5.61 1.58
CA THR G 240 -0.69 -6.46 1.73
C THR G 240 -0.87 -7.35 0.48
N THR G 241 -0.15 -7.04 -0.59
CA THR G 241 -0.21 -7.78 -1.87
C THR G 241 0.29 -9.20 -1.70
N ASP G 242 -0.50 -10.18 -2.13
CA ASP G 242 -0.04 -11.55 -2.02
C ASP G 242 1.25 -11.72 -2.81
N VAL G 243 2.12 -12.60 -2.32
CA VAL G 243 3.42 -12.86 -2.95
C VAL G 243 3.39 -13.24 -4.45
N ILE G 244 2.56 -14.22 -4.78
CA ILE G 244 2.37 -14.72 -6.14
C ILE G 244 2.01 -13.59 -7.10
N VAL G 245 1.14 -12.69 -6.63
CA VAL G 245 0.69 -11.55 -7.41
C VAL G 245 1.87 -10.62 -7.64
N LYS G 246 2.48 -10.18 -6.53
CA LYS G 246 3.65 -9.29 -6.56
C LYS G 246 4.63 -9.87 -7.59
N ARG G 247 4.93 -11.15 -7.41
CA ARG G 247 5.81 -11.87 -8.32
C ARG G 247 5.44 -11.53 -9.76
N ASN G 248 4.24 -11.96 -10.16
CA ASN G 248 3.78 -11.71 -11.51
C ASN G 248 3.98 -10.28 -11.92
N VAL G 249 3.35 -9.35 -11.21
CA VAL G 249 3.43 -7.94 -11.56
C VAL G 249 4.86 -7.46 -11.82
N ILE G 250 5.81 -8.00 -11.07
CA ILE G 250 7.19 -7.63 -11.27
C ILE G 250 7.61 -8.23 -12.62
N LYS G 251 7.41 -9.55 -12.76
CA LYS G 251 7.75 -10.24 -13.99
C LYS G 251 7.11 -9.53 -15.18
N GLN G 252 5.88 -9.05 -15.01
CA GLN G 252 5.22 -8.33 -16.08
C GLN G 252 5.96 -7.05 -16.43
N LEU G 253 6.22 -6.23 -15.42
CA LEU G 253 6.91 -4.98 -15.68
C LEU G 253 8.22 -5.22 -16.36
N GLN G 254 8.86 -6.35 -16.02
CA GLN G 254 10.13 -6.65 -16.64
C GLN G 254 9.95 -6.93 -18.13
N PHE G 255 9.12 -7.92 -18.44
CA PHE G 255 8.86 -8.28 -19.82
C PHE G 255 8.54 -7.05 -20.65
N VAL G 256 7.58 -6.26 -20.19
CA VAL G 256 7.17 -5.07 -20.92
C VAL G 256 8.31 -4.05 -20.99
N SER G 257 9.12 -4.00 -19.94
CA SER G 257 10.21 -3.06 -19.93
C SER G 257 11.22 -3.50 -20.97
N LYS G 258 11.16 -4.77 -21.33
CA LYS G 258 12.07 -5.32 -22.33
C LYS G 258 11.49 -5.07 -23.72
N LEU G 259 10.16 -5.16 -23.82
CA LEU G 259 9.53 -4.89 -25.09
C LEU G 259 9.99 -3.53 -25.51
N HIS G 260 10.05 -2.61 -24.55
CA HIS G 260 10.46 -1.24 -24.82
C HIS G 260 11.87 -1.13 -25.34
N GLU G 261 12.77 -1.97 -24.87
CA GLU G 261 14.16 -1.91 -25.33
C GLU G 261 14.26 -2.43 -26.76
N ASN G 262 13.73 -3.64 -26.96
CA ASN G 262 13.77 -4.31 -28.26
C ASN G 262 12.72 -3.83 -29.24
N TRP G 263 12.11 -2.69 -28.96
CA TRP G 263 11.11 -2.20 -29.86
C TRP G 263 11.75 -1.68 -31.14
N ASN G 264 11.15 -2.05 -32.27
CA ASN G 264 11.63 -1.61 -33.56
C ASN G 264 10.88 -0.34 -33.93
N SER G 265 11.57 0.79 -33.87
CA SER G 265 10.96 2.08 -34.16
C SER G 265 10.46 2.21 -35.60
N ARG G 266 11.26 1.71 -36.55
CA ARG G 266 10.88 1.80 -37.95
C ARG G 266 9.58 1.09 -38.22
N PHE G 267 9.68 -0.20 -38.47
CA PHE G 267 8.53 -1.05 -38.78
C PHE G 267 7.40 -0.97 -37.78
N GLY G 268 7.72 -1.23 -36.50
CA GLY G 268 6.71 -1.20 -35.47
C GLY G 268 6.43 -2.61 -34.97
N LYS G 269 7.50 -3.41 -34.97
CA LYS G 269 7.41 -4.79 -34.55
C LYS G 269 8.39 -5.00 -33.40
N VAL G 270 8.37 -6.21 -32.86
CA VAL G 270 9.25 -6.59 -31.78
C VAL G 270 9.22 -8.10 -31.69
N ASP G 271 10.40 -8.69 -31.45
CA ASP G 271 10.53 -10.14 -31.34
C ASP G 271 10.26 -10.60 -29.93
N ILE G 272 9.36 -11.57 -29.83
CA ILE G 272 8.98 -12.08 -28.55
C ILE G 272 9.51 -13.50 -28.35
N GLN G 273 10.57 -13.60 -27.55
CA GLN G 273 11.22 -14.87 -27.25
C GLN G 273 10.27 -15.86 -26.57
N LYS G 274 10.29 -17.08 -27.07
CA LYS G 274 9.43 -18.16 -26.60
C LYS G 274 8.95 -18.21 -25.13
N GLU G 275 9.87 -18.01 -24.19
CA GLU G 275 9.54 -18.08 -22.77
C GLU G 275 8.24 -17.37 -22.50
N TYR G 276 8.25 -16.06 -22.74
CA TYR G 276 7.10 -15.21 -22.51
C TYR G 276 5.87 -15.71 -23.23
N ARG G 277 6.07 -16.41 -24.34
CA ARG G 277 4.96 -16.94 -25.14
C ARG G 277 4.09 -18.01 -24.44
N LEU G 278 4.75 -18.92 -23.74
CA LEU G 278 4.07 -20.00 -23.00
C LEU G 278 3.36 -19.46 -21.77
N ALA G 279 2.06 -19.69 -21.65
CA ALA G 279 1.38 -19.17 -20.50
C ALA G 279 0.21 -20.03 -20.09
N LYS G 280 -0.06 -20.07 -18.79
CA LYS G 280 -1.18 -20.85 -18.28
C LYS G 280 -2.43 -19.97 -18.21
N VAL G 281 -3.60 -20.59 -18.36
CA VAL G 281 -4.85 -19.84 -18.36
C VAL G 281 -5.23 -19.19 -17.05
N GLN G 282 -5.71 -17.96 -17.14
CA GLN G 282 -6.19 -17.21 -15.99
C GLN G 282 -7.70 -17.40 -16.00
N GLY G 283 -8.32 -17.49 -14.82
CA GLY G 283 -9.77 -17.65 -14.78
C GLY G 283 -10.21 -18.61 -13.69
N PRO G 284 -11.53 -18.75 -13.49
CA PRO G 284 -12.60 -18.08 -14.21
C PRO G 284 -12.79 -16.63 -13.82
N PHE G 285 -13.33 -15.85 -14.74
CA PHE G 285 -13.61 -14.46 -14.43
C PHE G 285 -14.89 -14.45 -13.62
N THR G 286 -15.12 -13.33 -12.96
CA THR G 286 -16.31 -13.19 -12.15
C THR G 286 -17.26 -12.30 -12.89
N ILE G 287 -18.47 -12.79 -13.08
CA ILE G 287 -19.48 -11.97 -13.73
C ILE G 287 -20.36 -11.43 -12.62
N ASN G 288 -20.56 -10.12 -12.58
CA ASN G 288 -21.36 -9.57 -11.51
C ASN G 288 -22.14 -8.31 -11.87
N PRO G 289 -23.44 -8.28 -11.55
CA PRO G 289 -24.16 -9.37 -10.89
C PRO G 289 -24.39 -10.47 -11.91
N PHE G 290 -25.04 -11.54 -11.50
CA PHE G 290 -25.29 -12.60 -12.44
C PHE G 290 -26.68 -13.15 -12.28
N PRO G 291 -27.50 -13.07 -13.36
CA PRO G 291 -28.87 -13.57 -13.38
C PRO G 291 -28.98 -15.04 -12.98
N GLY G 292 -29.77 -15.31 -11.94
CA GLY G 292 -29.96 -16.66 -11.44
C GLY G 292 -30.39 -17.68 -12.48
N GLU G 293 -31.21 -17.25 -13.43
CA GLU G 293 -31.71 -18.11 -14.50
C GLU G 293 -30.60 -18.77 -15.31
N LEU G 294 -29.74 -17.94 -15.89
CA LEU G 294 -28.64 -18.39 -16.71
C LEU G 294 -27.89 -19.63 -16.21
N TYR G 295 -28.09 -19.99 -14.94
CA TYR G 295 -27.41 -21.17 -14.38
C TYR G 295 -27.92 -22.48 -14.96
N ASP G 296 -29.16 -22.44 -15.45
CA ASP G 296 -29.78 -23.61 -16.05
C ASP G 296 -29.21 -23.84 -17.45
N TYR G 297 -29.06 -22.74 -18.17
CA TYR G 297 -28.55 -22.73 -19.54
C TYR G 297 -27.03 -22.79 -19.62
N THR G 298 -26.54 -22.70 -20.85
CA THR G 298 -25.12 -22.76 -21.09
C THR G 298 -24.74 -21.62 -22.02
N ALA G 299 -23.45 -21.37 -22.13
CA ALA G 299 -22.97 -20.31 -23.00
C ALA G 299 -22.82 -20.81 -24.45
N THR G 300 -23.12 -19.93 -25.40
CA THR G 300 -23.06 -20.28 -26.80
C THR G 300 -21.80 -19.72 -27.43
N ASN G 301 -21.70 -18.39 -27.44
CA ASN G 301 -20.53 -17.69 -28.01
C ASN G 301 -20.09 -16.51 -27.13
N ILE G 302 -19.08 -15.80 -27.65
CA ILE G 302 -18.54 -14.65 -26.97
C ILE G 302 -17.90 -13.77 -28.02
N ALA G 303 -18.10 -12.46 -27.91
CA ALA G 303 -17.52 -11.54 -28.88
C ALA G 303 -17.07 -10.28 -28.18
N THR G 304 -16.13 -9.57 -28.79
CA THR G 304 -15.64 -8.33 -28.18
C THR G 304 -15.94 -7.12 -29.05
N ILE G 305 -16.71 -6.19 -28.48
CA ILE G 305 -17.08 -4.99 -29.20
C ILE G 305 -16.38 -3.78 -28.61
N LEU G 306 -15.63 -3.09 -29.47
CA LEU G 306 -14.88 -1.90 -29.11
C LEU G 306 -15.90 -0.76 -28.99
N ILE G 307 -15.62 0.29 -28.22
CA ILE G 307 -16.58 1.38 -28.10
C ILE G 307 -15.97 2.78 -28.25
N ASP G 308 -14.73 2.80 -28.72
CA ASP G 308 -13.99 4.04 -28.99
C ASP G 308 -12.75 3.66 -29.78
N ASN G 309 -11.58 4.00 -29.26
CA ASN G 309 -10.33 3.67 -29.93
C ASN G 309 -9.27 3.33 -28.87
N GLY G 310 -9.52 3.79 -27.65
CA GLY G 310 -8.63 3.54 -26.53
C GLY G 310 -8.89 2.16 -25.94
N GLN G 311 -8.88 1.16 -26.82
CA GLN G 311 -9.09 -0.23 -26.47
C GLN G 311 -10.19 -0.50 -25.44
N ASN G 312 -11.03 0.49 -25.16
CA ASN G 312 -12.10 0.28 -24.17
C ASN G 312 -13.21 -0.53 -24.82
N GLU G 313 -13.26 -1.80 -24.46
CA GLU G 313 -14.20 -2.74 -25.02
C GLU G 313 -15.28 -3.26 -24.07
N ILE G 314 -16.19 -4.02 -24.66
CA ILE G 314 -17.26 -4.66 -23.93
C ILE G 314 -17.41 -6.11 -24.40
N VAL G 315 -17.28 -6.99 -23.44
CA VAL G 315 -17.37 -8.41 -23.70
C VAL G 315 -18.83 -8.72 -23.97
N CYS G 316 -19.07 -9.79 -24.73
CA CYS G 316 -20.43 -10.20 -25.08
C CYS G 316 -20.60 -11.73 -25.09
N VAL G 317 -21.58 -12.22 -24.32
CA VAL G 317 -21.83 -13.66 -24.21
C VAL G 317 -23.24 -14.13 -24.56
N SER G 318 -23.29 -15.19 -25.37
CA SER G 318 -24.55 -15.80 -25.79
C SER G 318 -24.93 -16.86 -24.77
N PHE G 319 -26.19 -17.27 -24.83
CA PHE G 319 -26.73 -18.28 -23.93
C PHE G 319 -27.85 -19.11 -24.58
N ASP G 320 -28.13 -20.28 -24.02
CA ASP G 320 -29.19 -21.13 -24.55
C ASP G 320 -30.54 -20.46 -24.64
N ASP G 321 -30.98 -19.80 -23.57
CA ASP G 321 -32.27 -19.12 -23.55
C ASP G 321 -32.34 -17.98 -24.59
N GLY G 322 -31.42 -17.99 -25.54
CA GLY G 322 -31.40 -16.94 -26.53
C GLY G 322 -31.24 -15.62 -25.82
N SER G 323 -30.33 -15.61 -24.83
CA SER G 323 -30.05 -14.42 -24.05
C SER G 323 -28.63 -13.95 -24.36
N LEU G 324 -28.46 -12.64 -24.29
CA LEU G 324 -27.17 -12.02 -24.55
C LEU G 324 -26.80 -11.15 -23.34
N ILE G 325 -25.53 -11.18 -22.92
CA ILE G 325 -25.11 -10.34 -21.80
C ILE G 325 -23.88 -9.52 -22.15
N LEU G 326 -23.91 -8.27 -21.67
CA LEU G 326 -22.85 -7.32 -21.91
C LEU G 326 -22.09 -7.07 -20.63
N LEU G 327 -20.85 -7.52 -20.61
CA LEU G 327 -20.00 -7.36 -19.45
C LEU G 327 -18.97 -6.28 -19.71
N PHE G 328 -18.43 -5.77 -18.61
CA PHE G 328 -17.43 -4.71 -18.65
C PHE G 328 -16.32 -5.12 -17.66
N LYS G 329 -15.10 -5.20 -18.17
CA LYS G 329 -13.93 -5.56 -17.35
C LYS G 329 -13.52 -4.36 -16.50
N ASP G 330 -13.87 -4.39 -15.21
CA ASP G 330 -13.56 -3.28 -14.32
C ASP G 330 -12.17 -3.24 -13.68
N LEU G 331 -11.43 -4.33 -13.69
CA LEU G 331 -10.12 -4.34 -13.05
C LEU G 331 -9.02 -4.64 -14.01
N GLU G 332 -7.87 -4.02 -13.81
CA GLU G 332 -6.74 -4.27 -14.69
C GLU G 332 -6.07 -5.60 -14.39
N MET G 333 -6.06 -6.49 -15.38
CA MET G 333 -5.42 -7.79 -15.17
C MET G 333 -3.91 -7.67 -15.08
N SER G 334 -3.31 -8.72 -14.56
CA SER G 334 -1.87 -8.78 -14.42
C SER G 334 -1.51 -9.96 -15.28
N MET G 335 -0.37 -9.90 -15.92
CA MET G 335 0.05 -11.03 -16.72
C MET G 335 0.38 -12.18 -15.80
N SER G 336 0.31 -13.39 -16.34
CA SER G 336 0.61 -14.57 -15.56
C SER G 336 1.29 -15.58 -16.44
N TRP G 337 2.03 -16.49 -15.81
CA TRP G 337 2.75 -17.48 -16.57
C TRP G 337 2.78 -18.86 -15.95
N ASP G 338 3.49 -18.99 -14.84
CA ASP G 338 3.63 -20.27 -14.13
C ASP G 338 2.40 -20.67 -13.38
N VAL G 339 1.76 -19.67 -12.80
CA VAL G 339 0.57 -19.80 -11.99
C VAL G 339 -0.60 -20.68 -12.45
N ASP G 340 -0.86 -21.73 -11.67
CA ASP G 340 -1.96 -22.64 -11.94
C ASP G 340 -3.19 -22.04 -11.29
N ASN G 341 -4.20 -21.74 -12.10
CA ASN G 341 -5.44 -21.19 -11.56
C ASN G 341 -5.32 -19.82 -10.96
N TYR G 342 -4.62 -18.94 -11.67
CA TYR G 342 -4.44 -17.55 -11.25
C TYR G 342 -5.81 -16.85 -11.35
N VAL G 343 -6.11 -15.97 -10.41
CA VAL G 343 -7.39 -15.31 -10.45
C VAL G 343 -7.31 -13.83 -10.07
N TYR G 344 -6.10 -13.41 -9.72
CA TYR G 344 -5.92 -12.03 -9.33
C TYR G 344 -6.50 -11.02 -10.33
N ASN G 345 -7.62 -10.42 -9.94
CA ASN G 345 -8.29 -9.41 -10.73
C ASN G 345 -9.00 -9.87 -12.00
N ASN G 346 -9.61 -11.06 -11.93
CA ASN G 346 -10.34 -11.55 -13.07
C ASN G 346 -11.78 -11.21 -12.76
N SER G 347 -12.19 -9.97 -13.08
CA SER G 347 -13.56 -9.53 -12.80
C SER G 347 -14.24 -8.72 -13.90
N LEU G 348 -15.50 -9.07 -14.14
CA LEU G 348 -16.35 -8.45 -15.14
C LEU G 348 -17.59 -7.95 -14.45
N VAL G 349 -18.27 -7.01 -15.09
CA VAL G 349 -19.47 -6.46 -14.49
C VAL G 349 -20.60 -6.49 -15.51
N LEU G 350 -21.65 -7.24 -15.19
CA LEU G 350 -22.78 -7.33 -16.08
C LEU G 350 -23.48 -5.98 -16.24
N ILE G 351 -23.25 -5.31 -17.35
CA ILE G 351 -23.87 -4.02 -17.60
C ILE G 351 -25.33 -4.25 -17.91
N GLU G 352 -25.59 -4.91 -19.02
CA GLU G 352 -26.96 -5.17 -19.41
C GLU G 352 -27.21 -6.58 -19.93
N ARG G 353 -28.49 -6.92 -20.01
CA ARG G 353 -28.94 -8.22 -20.51
C ARG G 353 -29.93 -8.03 -21.66
N VAL G 354 -29.81 -8.86 -22.69
CA VAL G 354 -30.70 -8.72 -23.81
C VAL G 354 -31.33 -10.07 -24.16
N LYS G 355 -32.63 -10.18 -23.93
CA LYS G 355 -33.33 -11.41 -24.25
C LYS G 355 -33.82 -11.37 -25.70
N LEU G 356 -33.65 -12.48 -26.41
CA LEU G 356 -34.07 -12.57 -27.81
C LEU G 356 -34.96 -13.77 -28.05
N GLN G 357 -34.92 -14.73 -27.12
CA GLN G 357 -35.74 -15.95 -27.17
C GLN G 357 -35.56 -16.85 -28.41
N ARG G 358 -35.09 -16.27 -29.51
CA ARG G 358 -34.83 -17.03 -30.73
C ARG G 358 -33.57 -17.83 -30.45
N GLU G 359 -33.13 -18.63 -31.40
CA GLU G 359 -31.90 -19.37 -31.18
C GLU G 359 -30.75 -18.47 -31.60
N ILE G 360 -29.77 -18.30 -30.71
CA ILE G 360 -28.62 -17.45 -31.01
C ILE G 360 -27.54 -18.29 -31.67
N LYS G 361 -27.55 -18.31 -33.00
CA LYS G 361 -26.56 -19.08 -33.76
C LYS G 361 -25.13 -18.57 -33.63
N SER G 362 -24.87 -17.34 -34.02
CA SER G 362 -23.51 -16.81 -33.91
C SER G 362 -23.40 -15.29 -33.93
N LEU G 363 -22.55 -14.76 -33.05
CA LEU G 363 -22.32 -13.33 -32.94
C LEU G 363 -21.30 -12.87 -33.96
N ILE G 364 -21.52 -11.68 -34.50
CA ILE G 364 -20.59 -11.14 -35.49
C ILE G 364 -20.51 -9.64 -35.39
N THR G 365 -19.31 -9.11 -35.62
CA THR G 365 -19.11 -7.67 -35.58
C THR G 365 -18.18 -7.23 -36.68
N LEU G 366 -18.46 -6.04 -37.19
CA LEU G 366 -17.67 -5.45 -38.24
C LEU G 366 -16.89 -4.36 -37.54
N PRO G 367 -15.57 -4.52 -37.46
CA PRO G 367 -14.66 -3.57 -36.81
C PRO G 367 -15.07 -2.12 -36.98
N GLU G 368 -14.96 -1.65 -38.22
CA GLU G 368 -15.28 -0.29 -38.62
C GLU G 368 -16.37 0.44 -37.85
N GLN G 369 -17.48 -0.23 -37.53
CA GLN G 369 -18.57 0.43 -36.78
C GLN G 369 -18.58 0.06 -35.30
N LEU G 370 -18.24 1.04 -34.46
CA LEU G 370 -18.17 0.86 -33.02
C LEU G 370 -19.51 0.71 -32.32
N GLY G 371 -19.48 0.08 -31.16
CA GLY G 371 -20.66 -0.13 -30.35
C GLY G 371 -21.80 -0.86 -31.02
N LYS G 372 -21.49 -1.68 -32.02
CA LYS G 372 -22.51 -2.43 -32.76
C LYS G 372 -22.20 -3.92 -32.88
N LEU G 373 -23.22 -4.73 -32.66
CA LEU G 373 -23.08 -6.19 -32.71
C LEU G 373 -24.18 -6.81 -33.57
N TYR G 374 -23.81 -7.71 -34.49
CA TYR G 374 -24.77 -8.40 -35.36
C TYR G 374 -25.04 -9.81 -34.88
N VAL G 375 -26.23 -10.02 -34.31
CA VAL G 375 -26.62 -11.34 -33.79
C VAL G 375 -27.45 -12.16 -34.80
N ILE G 376 -26.86 -13.25 -35.29
CA ILE G 376 -27.53 -14.11 -36.24
C ILE G 376 -28.48 -15.05 -35.49
N SER G 377 -29.71 -14.58 -35.31
CA SER G 377 -30.76 -15.32 -34.61
C SER G 377 -31.00 -16.66 -35.30
N ASP G 378 -32.26 -16.93 -35.63
CA ASP G 378 -32.60 -18.17 -36.32
C ASP G 378 -32.54 -17.94 -37.83
N ASN G 379 -33.43 -17.07 -38.31
CA ASN G 379 -33.49 -16.72 -39.73
C ASN G 379 -33.37 -15.20 -39.83
N ILE G 380 -32.95 -14.60 -38.71
CA ILE G 380 -32.79 -13.16 -38.61
C ILE G 380 -31.34 -12.78 -38.37
N ILE G 381 -31.08 -11.48 -38.44
CA ILE G 381 -29.77 -10.90 -38.20
C ILE G 381 -30.12 -9.56 -37.60
N GLN G 382 -30.03 -9.47 -36.28
CA GLN G 382 -30.35 -8.22 -35.60
C GLN G 382 -29.07 -7.45 -35.26
N GLN G 383 -29.16 -6.11 -35.28
CA GLN G 383 -28.02 -5.28 -34.94
C GLN G 383 -28.20 -4.58 -33.60
N VAL G 384 -27.67 -5.19 -32.53
CA VAL G 384 -27.75 -4.60 -31.20
C VAL G 384 -26.76 -3.44 -31.19
N ASN G 385 -27.28 -2.26 -30.94
CA ASN G 385 -26.47 -1.05 -30.92
C ASN G 385 -26.47 -0.44 -29.51
N PHE G 386 -25.38 -0.63 -28.78
CA PHE G 386 -25.29 -0.07 -27.43
C PHE G 386 -24.57 1.26 -27.37
N MET G 387 -24.47 1.92 -28.52
CA MET G 387 -23.84 3.22 -28.59
C MET G 387 -24.73 4.28 -27.94
N SER G 388 -25.88 3.84 -27.44
CA SER G 388 -26.81 4.74 -26.76
C SER G 388 -26.16 5.20 -25.45
N TRP G 389 -25.64 4.23 -24.71
CA TRP G 389 -24.98 4.46 -23.43
C TRP G 389 -23.47 4.21 -23.43
N ALA G 390 -23.00 3.36 -24.34
CA ALA G 390 -21.58 3.05 -24.40
C ALA G 390 -20.73 4.25 -24.85
N SER G 391 -21.37 5.25 -25.44
CA SER G 391 -20.66 6.44 -25.89
C SER G 391 -20.53 7.37 -24.69
N THR G 392 -21.47 7.21 -23.76
CA THR G 392 -21.51 7.98 -22.53
C THR G 392 -20.54 7.33 -21.57
N LEU G 393 -20.65 6.00 -21.48
CA LEU G 393 -19.76 5.23 -20.62
C LEU G 393 -18.33 5.51 -21.06
N SER G 394 -18.12 5.76 -22.34
CA SER G 394 -16.79 6.02 -22.86
C SER G 394 -16.23 7.34 -22.34
N LYS G 395 -17.08 8.36 -22.28
CA LYS G 395 -16.64 9.65 -21.78
C LYS G 395 -16.35 9.54 -20.31
N SER G 396 -17.38 9.18 -19.56
CA SER G 396 -17.23 9.03 -18.12
C SER G 396 -15.92 8.32 -17.75
N ILE G 397 -15.35 7.57 -18.69
CA ILE G 397 -14.11 6.91 -18.37
C ILE G 397 -12.94 7.87 -18.43
N ASN G 398 -12.84 8.63 -19.52
CA ASN G 398 -11.74 9.57 -19.67
C ASN G 398 -11.93 10.88 -18.93
N GLU G 399 -13.17 11.16 -18.55
CA GLU G 399 -13.44 12.39 -17.83
C GLU G 399 -13.34 12.13 -16.35
N SER G 400 -13.43 10.86 -15.97
CA SER G 400 -13.39 10.52 -14.57
C SER G 400 -14.57 11.26 -14.00
N ASP G 401 -15.67 11.19 -14.74
CA ASP G 401 -16.95 11.81 -14.40
C ASP G 401 -18.06 10.74 -14.46
N LEU G 402 -18.51 10.27 -13.30
CA LEU G 402 -19.53 9.24 -13.26
C LEU G 402 -20.93 9.80 -13.13
N ASN G 403 -21.06 11.11 -13.14
CA ASN G 403 -22.38 11.69 -13.00
C ASN G 403 -23.25 11.43 -14.23
N PRO G 404 -22.71 11.64 -15.45
CA PRO G 404 -23.51 11.40 -16.66
C PRO G 404 -24.23 10.05 -16.69
N LEU G 405 -23.74 9.10 -15.90
CA LEU G 405 -24.33 7.77 -15.85
C LEU G 405 -25.49 7.68 -14.87
N ALA G 406 -25.87 8.81 -14.31
CA ALA G 406 -26.97 8.87 -13.36
C ALA G 406 -28.30 8.64 -14.08
N GLY G 407 -29.10 7.74 -13.55
CA GLY G 407 -30.39 7.44 -14.15
C GLY G 407 -30.36 7.16 -15.64
N LEU G 408 -29.17 7.02 -16.21
CA LEU G 408 -29.07 6.73 -17.62
C LEU G 408 -29.67 5.31 -17.77
N LYS G 409 -30.38 5.09 -18.88
CA LYS G 409 -30.98 3.79 -19.14
C LYS G 409 -30.05 3.00 -20.06
N PHE G 410 -29.68 1.81 -19.63
CA PHE G 410 -28.78 0.95 -20.40
C PHE G 410 -29.55 -0.10 -21.20
N GLU G 411 -30.09 0.34 -22.33
CA GLU G 411 -30.84 -0.50 -23.26
C GLU G 411 -30.19 -0.40 -24.64
N SER G 412 -29.97 -1.53 -25.27
CA SER G 412 -29.36 -1.51 -26.58
C SER G 412 -30.45 -1.38 -27.61
N LYS G 413 -30.29 -0.41 -28.51
CA LYS G 413 -31.28 -0.23 -29.56
C LYS G 413 -31.12 -1.41 -30.51
N LEU G 414 -31.95 -2.42 -30.27
CA LEU G 414 -31.97 -3.66 -31.04
C LEU G 414 -32.75 -3.53 -32.35
N GLU G 415 -32.04 -3.49 -33.48
CA GLU G 415 -32.69 -3.36 -34.77
C GLU G 415 -32.69 -4.71 -35.49
N ASP G 416 -33.25 -4.75 -36.70
CA ASP G 416 -33.33 -5.98 -37.51
C ASP G 416 -32.77 -5.76 -38.90
N ILE G 417 -31.69 -6.47 -39.22
CA ILE G 417 -31.08 -6.32 -40.53
C ILE G 417 -31.86 -7.05 -41.62
N ALA G 418 -31.61 -8.35 -41.79
CA ALA G 418 -32.30 -9.13 -42.82
C ALA G 418 -32.67 -10.56 -42.41
N THR G 419 -33.27 -11.29 -43.36
CA THR G 419 -33.67 -12.66 -43.13
C THR G 419 -32.80 -13.59 -43.95
N ILE G 420 -32.46 -14.72 -43.36
CA ILE G 420 -31.63 -15.72 -44.01
C ILE G 420 -31.90 -17.08 -43.37
N GLU G 421 -31.50 -18.13 -44.07
CA GLU G 421 -31.67 -19.50 -43.60
C GLU G 421 -30.29 -20.01 -43.17
N ARG G 422 -29.37 -20.04 -44.13
CA ARG G 422 -28.00 -20.47 -43.92
C ARG G 422 -27.30 -19.33 -43.18
N ILE G 423 -26.52 -19.67 -42.16
CA ILE G 423 -25.80 -18.66 -41.41
C ILE G 423 -24.94 -17.87 -42.41
N PRO G 424 -25.32 -16.60 -42.68
CA PRO G 424 -24.64 -15.71 -43.62
C PRO G 424 -23.18 -15.34 -43.36
N ASN G 425 -22.69 -14.54 -44.30
CA ASN G 425 -21.34 -14.03 -44.34
C ASN G 425 -21.57 -12.51 -44.35
N LEU G 426 -20.63 -11.68 -43.89
CA LEU G 426 -20.84 -10.23 -43.93
C LEU G 426 -19.59 -9.41 -44.22
N ALA G 427 -19.76 -8.12 -44.49
CA ALA G 427 -18.64 -7.25 -44.78
C ALA G 427 -19.07 -5.79 -44.79
N TYR G 428 -18.12 -4.89 -44.54
CA TYR G 428 -18.42 -3.47 -44.53
C TYR G 428 -17.80 -2.76 -45.72
N ILE G 429 -18.65 -2.24 -46.62
CA ILE G 429 -18.16 -1.52 -47.79
C ILE G 429 -18.57 -0.06 -47.73
N ASN G 430 -17.58 0.82 -47.90
CA ASN G 430 -17.80 2.26 -47.86
C ASN G 430 -17.85 2.76 -49.28
N TRP G 431 -19.00 2.58 -49.91
CA TRP G 431 -19.18 2.99 -51.29
C TRP G 431 -19.76 4.40 -51.40
N ASN G 432 -18.90 5.34 -51.79
CA ASN G 432 -19.29 6.74 -51.94
C ASN G 432 -19.82 7.26 -50.62
N ASP G 433 -18.96 7.29 -49.61
CA ASP G 433 -19.33 7.77 -48.29
C ASP G 433 -20.64 7.09 -47.87
N GLN G 434 -20.60 5.76 -47.84
CA GLN G 434 -21.75 4.94 -47.49
C GLN G 434 -21.47 3.75 -46.60
N SER G 435 -22.40 3.52 -45.68
CA SER G 435 -22.33 2.41 -44.77
C SER G 435 -23.00 1.20 -45.42
N ASN G 436 -22.23 0.37 -46.11
CA ASN G 436 -22.79 -0.80 -46.78
C ASN G 436 -22.54 -2.13 -46.09
N LEU G 437 -23.61 -2.89 -45.90
CA LEU G 437 -23.55 -4.21 -45.27
C LEU G 437 -23.79 -5.35 -46.25
N ALA G 438 -22.70 -5.89 -46.81
CA ALA G 438 -22.82 -7.00 -47.76
C ALA G 438 -23.28 -8.27 -47.06
N LEU G 439 -24.49 -8.73 -47.39
CA LEU G 439 -25.07 -9.94 -46.81
C LEU G 439 -25.04 -11.10 -47.83
N MET G 440 -24.14 -12.05 -47.60
CA MET G 440 -23.98 -13.18 -48.49
C MET G 440 -24.49 -14.50 -47.92
N SER G 441 -25.72 -14.87 -48.27
CA SER G 441 -26.24 -16.16 -47.81
C SER G 441 -25.66 -17.12 -48.86
N ASN G 442 -26.20 -18.33 -48.99
CA ASN G 442 -25.63 -19.23 -49.99
C ASN G 442 -25.70 -18.63 -51.40
N LYS G 443 -26.89 -18.70 -52.00
CA LYS G 443 -27.14 -18.18 -53.34
C LYS G 443 -27.27 -16.66 -53.21
N THR G 444 -28.00 -16.23 -52.18
CA THR G 444 -28.26 -14.82 -51.89
C THR G 444 -26.99 -13.96 -51.91
N LEU G 445 -27.17 -12.65 -52.08
CA LEU G 445 -26.06 -11.71 -52.10
C LEU G 445 -26.62 -10.30 -51.98
N THR G 446 -27.32 -10.06 -50.88
CA THR G 446 -27.96 -8.78 -50.56
C THR G 446 -26.97 -7.67 -50.18
N PHE G 447 -27.44 -6.42 -50.29
CA PHE G 447 -26.65 -5.24 -49.93
C PHE G 447 -27.62 -4.27 -49.26
N GLN G 448 -27.18 -3.64 -48.16
CA GLN G 448 -28.04 -2.70 -47.43
C GLN G 448 -27.28 -1.50 -46.93
N ASN G 449 -27.94 -0.75 -46.07
CA ASN G 449 -27.36 0.44 -45.47
C ASN G 449 -27.41 0.34 -43.96
N ILE G 450 -26.58 1.12 -43.30
CA ILE G 450 -26.55 1.09 -41.85
C ILE G 450 -26.76 2.49 -41.29
N SER G 451 -27.53 2.55 -40.20
CA SER G 451 -27.82 3.81 -39.53
C SER G 451 -26.50 4.40 -39.05
N SER G 452 -25.98 5.36 -39.83
CA SER G 452 -24.71 6.05 -39.56
C SER G 452 -23.58 5.44 -40.39
N MET H 10 10.90 14.31 -8.30
CA MET H 10 10.55 13.88 -9.70
C MET H 10 9.08 13.43 -9.80
N LYS H 11 8.50 13.52 -11.00
CA LYS H 11 7.09 13.12 -11.20
C LYS H 11 6.79 12.37 -12.52
N GLY H 12 5.52 12.39 -12.91
CA GLY H 12 5.09 11.73 -14.14
C GLY H 12 4.12 12.62 -14.90
N PHE H 13 3.63 12.15 -16.05
CA PHE H 13 2.69 12.94 -16.87
C PHE H 13 1.53 12.15 -17.48
N LYS H 14 1.86 11.12 -18.24
CA LYS H 14 0.87 10.27 -18.91
C LYS H 14 0.51 9.17 -17.96
N VAL H 15 1.54 8.47 -17.53
CA VAL H 15 1.39 7.35 -16.62
C VAL H 15 0.39 7.70 -15.52
N VAL H 16 0.39 8.95 -15.08
CA VAL H 16 -0.53 9.38 -14.03
C VAL H 16 -1.95 9.31 -14.53
N GLU H 17 -2.12 9.81 -15.75
CA GLU H 17 -3.41 9.83 -16.42
C GLU H 17 -3.96 8.42 -16.55
N VAL H 18 -3.09 7.50 -16.91
CA VAL H 18 -3.44 6.09 -17.07
C VAL H 18 -3.99 5.53 -15.76
N GLY H 19 -3.33 5.87 -14.66
CA GLY H 19 -3.78 5.40 -13.37
C GLY H 19 -5.16 5.93 -13.09
N LEU H 20 -5.39 7.19 -13.45
CA LEU H 20 -6.68 7.79 -13.22
C LEU H 20 -7.72 7.03 -14.01
N ALA H 21 -7.41 6.81 -15.28
CA ALA H 21 -8.29 6.07 -16.16
C ALA H 21 -8.60 4.74 -15.48
N MET H 22 -7.53 3.98 -15.24
CA MET H 22 -7.65 2.69 -14.60
C MET H 22 -8.59 2.77 -13.39
N ASN H 23 -8.22 3.60 -12.43
CA ASN H 23 -9.04 3.75 -11.24
C ASN H 23 -10.51 4.02 -11.62
N THR H 24 -10.73 4.96 -12.52
CA THR H 24 -12.09 5.30 -12.94
C THR H 24 -12.90 4.10 -13.44
N LYS H 25 -12.26 3.22 -14.22
CA LYS H 25 -12.95 2.03 -14.74
C LYS H 25 -13.40 1.21 -13.54
N LYS H 26 -12.55 1.16 -12.51
CA LYS H 26 -12.86 0.41 -11.30
C LYS H 26 -13.99 1.09 -10.56
N GLN H 27 -14.03 2.40 -10.68
CA GLN H 27 -15.06 3.22 -10.03
C GLN H 27 -16.37 2.86 -10.72
N ILE H 28 -16.30 2.79 -12.05
CA ILE H 28 -17.45 2.46 -12.85
C ILE H 28 -17.90 1.05 -12.46
N GLY H 29 -16.94 0.21 -12.14
CA GLY H 29 -17.27 -1.13 -11.74
C GLY H 29 -18.28 -1.13 -10.61
N ASP H 30 -17.99 -0.34 -9.58
CA ASP H 30 -18.88 -0.26 -8.42
C ASP H 30 -20.22 0.30 -8.83
N PHE H 31 -20.23 1.15 -9.85
CA PHE H 31 -21.49 1.71 -10.30
C PHE H 31 -22.45 0.58 -10.64
N PHE H 32 -22.09 -0.17 -11.66
CA PHE H 32 -22.92 -1.27 -12.09
C PHE H 32 -23.17 -2.37 -11.05
N LYS H 33 -22.24 -2.56 -10.12
CA LYS H 33 -22.46 -3.58 -9.09
C LYS H 33 -23.68 -3.23 -8.21
N ASN H 34 -23.84 -1.94 -7.89
CA ASN H 34 -24.93 -1.47 -7.06
C ASN H 34 -26.15 -1.04 -7.83
N LEU H 35 -25.91 -0.47 -9.01
CA LEU H 35 -26.98 -0.01 -9.88
C LEU H 35 -28.03 -1.07 -10.17
N ASN H 36 -27.65 -2.34 -10.02
CA ASN H 36 -28.55 -3.45 -10.27
C ASN H 36 -29.25 -3.87 -8.98
N MET H 37 -28.51 -4.57 -8.11
CA MET H 37 -29.07 -5.01 -6.82
C MET H 37 -28.10 -4.78 -5.66
N ILE I 6 7.50 -50.75 -0.17
CA ILE I 6 6.33 -49.88 0.08
C ILE I 6 6.70 -48.65 0.92
N VAL I 7 6.30 -47.48 0.44
CA VAL I 7 6.56 -46.22 1.13
C VAL I 7 5.33 -45.31 1.02
N LEU I 8 5.03 -44.58 2.09
CA LEU I 8 3.88 -43.69 2.10
C LEU I 8 4.12 -42.52 3.06
N THR I 9 5.01 -41.62 2.65
CA THR I 9 5.34 -40.45 3.46
C THR I 9 4.26 -39.36 3.34
N LYS I 10 4.50 -38.41 2.43
CA LYS I 10 3.61 -37.29 2.15
C LYS I 10 2.42 -37.11 3.09
N VAL I 11 2.33 -35.91 3.65
CA VAL I 11 1.29 -35.51 4.61
C VAL I 11 -0.14 -35.91 4.26
N GLY I 12 -0.82 -36.57 5.19
CA GLY I 12 -2.21 -36.96 4.99
C GLY I 12 -2.49 -38.31 4.35
N TYR I 13 -1.70 -38.69 3.35
CA TYR I 13 -1.89 -39.96 2.65
C TYR I 13 -1.95 -41.17 3.59
N TYR I 14 -2.91 -42.06 3.34
CA TYR I 14 -3.09 -43.26 4.16
C TYR I 14 -3.43 -44.47 3.28
N THR I 15 -3.91 -45.54 3.92
CA THR I 15 -4.28 -46.76 3.21
C THR I 15 -5.24 -47.67 4.00
N ILE I 16 -5.90 -48.59 3.30
CA ILE I 16 -6.85 -49.54 3.91
C ILE I 16 -6.77 -50.90 3.20
N PRO I 17 -6.06 -51.87 3.81
CA PRO I 17 -5.34 -51.80 5.09
C PRO I 17 -4.23 -50.74 5.14
N SER I 18 -4.04 -50.13 6.31
CA SER I 18 -3.03 -49.09 6.50
C SER I 18 -1.60 -49.64 6.37
N MET I 19 -0.60 -48.76 6.48
CA MET I 19 0.82 -49.13 6.36
C MET I 19 1.28 -50.07 7.49
N ASP I 20 0.54 -50.07 8.59
CA ASP I 20 0.85 -50.92 9.74
C ASP I 20 0.27 -52.31 9.48
N ASP I 21 -0.94 -52.34 8.94
CA ASP I 21 -1.64 -53.58 8.62
C ASP I 21 -1.01 -54.22 7.38
N LEU I 22 -0.07 -53.50 6.76
CA LEU I 22 0.63 -53.99 5.58
C LEU I 22 2.00 -54.55 5.99
N ALA I 23 2.36 -54.34 7.24
CA ALA I 23 3.62 -54.84 7.80
C ALA I 23 3.40 -56.27 8.26
N LYS I 24 2.14 -56.62 8.52
CA LYS I 24 1.77 -57.97 8.98
C LYS I 24 1.57 -58.91 7.77
N ILE I 25 0.65 -58.54 6.88
CA ILE I 25 0.33 -59.34 5.71
C ILE I 25 1.44 -59.37 4.64
N THR I 26 2.62 -58.89 4.99
CA THR I 26 3.75 -58.87 4.05
C THR I 26 4.37 -60.27 3.96
N ASN I 27 4.22 -60.91 2.81
CA ASN I 27 4.73 -62.26 2.55
C ASN I 27 6.19 -62.44 3.02
N GLU I 28 6.55 -63.68 3.34
CA GLU I 28 7.91 -64.00 3.81
C GLU I 28 8.91 -64.04 2.65
N LYS I 29 9.07 -62.90 1.98
CA LYS I 29 9.99 -62.76 0.85
C LYS I 29 9.96 -61.29 0.43
N GLY I 30 8.86 -60.62 0.76
CA GLY I 30 8.68 -59.22 0.42
C GLY I 30 7.55 -59.05 -0.58
N GLU I 31 6.76 -60.11 -0.75
CA GLU I 31 5.64 -60.12 -1.69
C GLU I 31 4.31 -59.70 -1.06
N CYS I 32 4.12 -58.39 -0.92
CA CYS I 32 2.89 -57.84 -0.33
C CYS I 32 1.81 -57.75 -1.41
N ILE I 33 0.80 -58.61 -1.29
CA ILE I 33 -0.29 -58.64 -2.26
C ILE I 33 -1.64 -58.78 -1.55
N VAL I 34 -2.20 -57.64 -1.15
CA VAL I 34 -3.50 -57.63 -0.45
C VAL I 34 -4.66 -57.32 -1.41
N SER I 35 -5.86 -57.75 -1.03
CA SER I 35 -7.05 -57.53 -1.85
C SER I 35 -7.91 -56.46 -1.18
N ASP I 36 -8.70 -55.75 -2.00
CA ASP I 36 -9.57 -54.68 -1.51
C ASP I 36 -8.74 -53.58 -0.85
N PHE I 37 -7.79 -53.06 -1.62
CA PHE I 37 -6.88 -52.01 -1.20
C PHE I 37 -7.44 -50.63 -1.54
N THR I 38 -7.19 -49.68 -0.64
CA THR I 38 -7.65 -48.32 -0.81
C THR I 38 -6.52 -47.37 -0.39
N ILE I 39 -6.59 -46.12 -0.87
CA ILE I 39 -5.58 -45.12 -0.54
C ILE I 39 -6.21 -43.74 -0.73
N GLY I 40 -5.48 -42.69 -0.41
CA GLY I 40 -6.01 -41.35 -0.59
C GLY I 40 -5.57 -40.34 0.45
N ARG I 41 -5.68 -39.06 0.11
CA ARG I 41 -5.29 -38.02 1.04
C ARG I 41 -6.53 -37.56 1.80
N LYS I 42 -6.44 -37.58 3.13
CA LYS I 42 -7.56 -37.17 3.98
C LYS I 42 -8.14 -35.82 3.59
N GLY I 43 -9.45 -35.79 3.38
CA GLY I 43 -10.12 -34.55 3.02
C GLY I 43 -10.23 -34.27 1.53
N TYR I 44 -9.35 -34.87 0.74
CA TYR I 44 -9.39 -34.64 -0.70
C TYR I 44 -10.09 -35.77 -1.46
N GLY I 45 -9.49 -36.95 -1.44
CA GLY I 45 -10.10 -38.07 -2.14
C GLY I 45 -9.60 -39.44 -1.73
N SER I 46 -10.03 -40.45 -2.49
CA SER I 46 -9.65 -41.83 -2.23
C SER I 46 -9.87 -42.67 -3.48
N ILE I 47 -8.93 -43.58 -3.75
CA ILE I 47 -9.02 -44.47 -4.91
C ILE I 47 -9.14 -45.92 -4.43
N TYR I 48 -10.27 -46.56 -4.73
CA TYR I 48 -10.53 -47.92 -4.30
C TYR I 48 -10.31 -49.00 -5.37
N PHE I 49 -9.24 -49.77 -5.18
CA PHE I 49 -8.91 -50.86 -6.08
C PHE I 49 -9.59 -52.09 -5.51
N GLU I 50 -10.61 -52.59 -6.21
CA GLU I 50 -11.34 -53.76 -5.74
C GLU I 50 -10.63 -55.05 -6.16
N GLY I 51 -10.97 -56.16 -5.49
CA GLY I 51 -10.36 -57.44 -5.83
C GLY I 51 -8.92 -57.58 -5.38
N ASP I 52 -8.12 -58.31 -6.17
CA ASP I 52 -6.72 -58.54 -5.85
C ASP I 52 -5.79 -57.50 -6.45
N VAL I 53 -4.78 -57.12 -5.69
CA VAL I 53 -3.83 -56.11 -6.14
C VAL I 53 -2.41 -56.59 -5.83
N ASN I 54 -1.45 -56.15 -6.63
CA ASN I 54 -0.04 -56.53 -6.45
C ASN I 54 0.81 -55.33 -6.00
N LEU I 55 0.78 -55.04 -4.70
CA LEU I 55 1.53 -53.92 -4.13
C LEU I 55 2.99 -54.26 -3.86
N THR I 56 3.45 -55.40 -4.38
CA THR I 56 4.83 -55.86 -4.20
C THR I 56 5.84 -54.72 -4.31
N ASN I 57 6.12 -54.10 -3.17
CA ASN I 57 7.07 -52.98 -3.09
C ASN I 57 6.84 -51.93 -4.16
N LEU I 58 5.86 -51.07 -3.93
CA LEU I 58 5.54 -49.99 -4.86
C LEU I 58 5.62 -48.66 -4.11
N ASN I 59 6.40 -47.74 -4.65
CA ASN I 59 6.58 -46.43 -4.04
C ASN I 59 5.34 -45.56 -4.27
N LEU I 60 4.44 -45.55 -3.29
CA LEU I 60 3.21 -44.77 -3.38
C LEU I 60 3.47 -43.28 -3.49
N ASP I 61 4.61 -42.83 -2.98
CA ASP I 61 4.98 -41.42 -3.03
C ASP I 61 5.08 -40.87 -4.45
N ASP I 62 5.44 -41.71 -5.42
CA ASP I 62 5.58 -41.29 -6.82
C ASP I 62 4.50 -41.88 -7.72
N ILE I 63 3.55 -42.60 -7.12
CA ILE I 63 2.48 -43.22 -7.89
C ILE I 63 1.14 -42.49 -7.77
N VAL I 64 0.74 -42.20 -6.54
CA VAL I 64 -0.55 -41.54 -6.31
C VAL I 64 -0.45 -40.08 -5.84
N HIS I 65 -1.28 -39.25 -6.43
CA HIS I 65 -1.34 -37.82 -6.10
C HIS I 65 -2.79 -37.42 -6.09
N ILE I 66 -3.16 -36.59 -5.12
CA ILE I 66 -4.55 -36.16 -5.01
C ILE I 66 -4.70 -34.68 -4.63
N ARG I 67 -4.93 -33.85 -5.65
CA ARG I 67 -5.15 -32.41 -5.45
C ARG I 67 -6.67 -32.25 -5.50
N ARG I 68 -7.17 -31.11 -5.04
CA ARG I 68 -8.61 -30.88 -5.06
C ARG I 68 -9.17 -31.05 -6.48
N LYS I 69 -10.34 -31.69 -6.59
CA LYS I 69 -11.00 -31.91 -7.88
C LYS I 69 -10.20 -32.69 -8.93
N GLU I 70 -9.04 -33.22 -8.56
CA GLU I 70 -8.23 -33.96 -9.53
C GLU I 70 -7.43 -35.09 -8.88
N VAL I 71 -6.97 -36.04 -9.71
CA VAL I 71 -6.17 -37.17 -9.24
C VAL I 71 -5.18 -37.64 -10.30
N ILE I 72 -4.04 -38.13 -9.84
CA ILE I 72 -3.01 -38.60 -10.76
C ILE I 72 -2.47 -39.97 -10.33
N VAL I 73 -2.43 -40.90 -11.27
CA VAL I 73 -1.92 -42.24 -11.01
C VAL I 73 -0.75 -42.47 -11.95
N TYR I 74 0.43 -42.63 -11.36
CA TYR I 74 1.64 -42.84 -12.14
C TYR I 74 1.95 -41.53 -12.86
N VAL I 75 2.93 -40.80 -12.30
CA VAL I 75 3.40 -39.50 -12.78
C VAL I 75 3.01 -39.20 -14.24
N ASP I 76 3.27 -40.14 -15.14
CA ASP I 76 2.95 -40.00 -16.57
C ASP I 76 2.58 -41.37 -17.14
N ASP I 77 3.58 -42.06 -17.68
CA ASP I 77 3.44 -43.39 -18.25
C ASP I 77 4.85 -43.98 -18.29
N ASN I 78 5.73 -43.31 -17.54
CA ASN I 78 7.15 -43.66 -17.39
C ASN I 78 7.34 -45.15 -17.16
N GLN I 79 7.00 -45.59 -15.95
CA GLN I 79 7.11 -47.01 -15.59
C GLN I 79 5.72 -47.62 -15.55
N LYS I 80 4.74 -46.82 -16.02
CA LYS I 80 3.34 -47.20 -16.08
C LYS I 80 3.22 -48.66 -16.56
N PRO I 81 3.11 -49.60 -15.62
CA PRO I 81 2.99 -51.02 -15.92
C PRO I 81 1.85 -51.33 -16.87
N PRO I 82 1.93 -52.48 -17.57
CA PRO I 82 0.88 -52.88 -18.51
C PRO I 82 -0.51 -52.80 -17.88
N VAL I 83 -1.55 -52.87 -18.69
CA VAL I 83 -2.92 -52.79 -18.22
C VAL I 83 -3.31 -53.99 -17.35
N GLY I 84 -3.17 -53.83 -16.04
CA GLY I 84 -3.51 -54.90 -15.11
C GLY I 84 -2.31 -55.30 -14.26
N GLU I 85 -1.17 -54.66 -14.52
CA GLU I 85 0.07 -54.93 -13.80
C GLU I 85 0.25 -54.09 -12.53
N GLY I 86 1.30 -53.29 -12.51
CA GLY I 86 1.61 -52.46 -11.36
C GLY I 86 0.41 -51.97 -10.56
N LEU I 87 -0.24 -50.94 -11.08
CA LEU I 87 -1.42 -50.35 -10.42
C LEU I 87 -2.34 -49.83 -11.52
N ASN I 88 -1.85 -49.93 -12.76
CA ASN I 88 -2.56 -49.51 -13.97
C ASN I 88 -3.84 -50.32 -14.17
N ARG I 89 -4.47 -50.73 -13.08
CA ARG I 89 -5.68 -51.53 -13.14
C ARG I 89 -6.93 -50.67 -12.96
N LYS I 90 -8.10 -51.30 -13.02
CA LYS I 90 -9.37 -50.59 -12.86
C LYS I 90 -9.56 -50.22 -11.38
N ALA I 91 -10.33 -49.17 -11.12
CA ALA I 91 -10.58 -48.74 -9.75
C ALA I 91 -11.80 -47.83 -9.64
N GLU I 92 -11.99 -47.26 -8.45
CA GLU I 92 -13.12 -46.37 -8.19
C GLU I 92 -12.65 -45.14 -7.40
N VAL I 93 -12.37 -44.05 -8.11
CA VAL I 93 -11.89 -42.83 -7.48
C VAL I 93 -13.02 -42.03 -6.83
N THR I 94 -12.67 -41.34 -5.73
CA THR I 94 -13.63 -40.52 -4.98
C THR I 94 -12.97 -39.18 -4.65
N LEU I 95 -13.23 -38.16 -5.47
CA LEU I 95 -12.66 -36.84 -5.22
C LEU I 95 -13.67 -36.03 -4.40
N ASP I 96 -13.21 -35.47 -3.28
CA ASP I 96 -14.09 -34.72 -2.41
C ASP I 96 -13.81 -33.22 -2.39
N GLY I 97 -14.76 -32.49 -1.79
CA GLY I 97 -14.64 -31.05 -1.70
C GLY I 97 -14.83 -30.44 -3.06
N VAL I 98 -15.63 -31.10 -3.89
CA VAL I 98 -15.89 -30.62 -5.23
C VAL I 98 -17.23 -29.90 -5.26
N TRP I 99 -17.17 -28.60 -5.54
CA TRP I 99 -18.37 -27.78 -5.62
C TRP I 99 -18.22 -26.75 -6.69
N PRO I 100 -19.35 -26.28 -7.22
CA PRO I 100 -19.33 -25.26 -8.26
C PRO I 100 -19.05 -23.96 -7.53
N THR I 101 -18.65 -22.93 -8.26
CA THR I 101 -18.35 -21.68 -7.60
C THR I 101 -19.28 -20.57 -8.08
N ASP I 102 -19.63 -19.69 -7.15
CA ASP I 102 -20.51 -18.56 -7.42
C ASP I 102 -19.88 -17.65 -8.48
N LYS I 103 -20.68 -17.17 -9.41
CA LYS I 103 -20.17 -16.31 -10.46
C LYS I 103 -19.99 -14.85 -10.06
N THR I 104 -20.38 -14.51 -8.84
CA THR I 104 -20.24 -13.13 -8.37
C THR I 104 -19.16 -12.98 -7.31
N SER I 105 -18.92 -14.05 -6.57
CA SER I 105 -17.93 -14.02 -5.50
C SER I 105 -17.04 -15.26 -5.38
N ARG I 106 -17.00 -16.05 -6.46
CA ARG I 106 -16.22 -17.29 -6.51
C ARG I 106 -16.46 -18.20 -5.33
N CYS I 107 -17.53 -17.94 -4.58
CA CYS I 107 -17.87 -18.76 -3.42
C CYS I 107 -18.29 -20.16 -3.80
N LEU I 108 -18.11 -21.09 -2.87
CA LEU I 108 -18.48 -22.47 -3.12
C LEU I 108 -19.98 -22.65 -2.90
N ILE I 109 -20.67 -23.19 -3.90
CA ILE I 109 -22.10 -23.45 -3.74
C ILE I 109 -22.11 -24.85 -3.15
N LYS I 110 -22.55 -24.96 -1.90
CA LYS I 110 -22.60 -26.24 -1.19
C LYS I 110 -24.06 -26.59 -0.86
N SER I 111 -24.95 -25.66 -1.21
CA SER I 111 -26.39 -25.80 -1.00
C SER I 111 -26.98 -26.89 -1.90
N PRO I 112 -27.38 -28.02 -1.30
CA PRO I 112 -27.95 -29.12 -2.10
C PRO I 112 -29.05 -28.67 -3.06
N ASP I 113 -29.61 -27.49 -2.80
CA ASP I 113 -30.67 -26.92 -3.63
C ASP I 113 -30.08 -26.38 -4.93
N ARG I 114 -29.35 -25.26 -4.83
CA ARG I 114 -28.73 -24.65 -6.00
C ARG I 114 -27.89 -25.70 -6.73
N LEU I 115 -27.37 -26.65 -5.97
CA LEU I 115 -26.55 -27.73 -6.52
C LEU I 115 -27.44 -28.55 -7.44
N ALA I 116 -28.70 -28.70 -7.03
CA ALA I 116 -29.67 -29.45 -7.82
C ALA I 116 -30.38 -28.55 -8.85
N ASP I 117 -30.48 -27.26 -8.56
CA ASP I 117 -31.12 -26.31 -9.47
C ASP I 117 -30.28 -26.18 -10.74
N ILE I 118 -28.97 -26.11 -10.55
CA ILE I 118 -28.05 -25.99 -11.68
C ILE I 118 -27.64 -27.38 -12.20
N ASN I 119 -27.98 -28.43 -11.44
CA ASN I 119 -27.64 -29.78 -11.86
C ASN I 119 -26.12 -29.94 -11.97
N TYR I 120 -25.43 -29.85 -10.84
CA TYR I 120 -23.98 -30.01 -10.87
C TYR I 120 -23.76 -31.47 -11.28
N GLU I 121 -24.74 -32.30 -10.95
CA GLU I 121 -24.74 -33.72 -11.29
C GLU I 121 -24.25 -33.97 -12.71
N GLY I 122 -25.17 -33.83 -13.66
CA GLY I 122 -24.87 -34.05 -15.07
C GLY I 122 -23.61 -33.37 -15.55
N ARG I 123 -23.45 -32.10 -15.20
CA ARG I 123 -22.27 -31.33 -15.61
C ARG I 123 -20.97 -32.06 -15.26
N LEU I 124 -20.97 -32.65 -14.06
CA LEU I 124 -19.82 -33.39 -13.55
C LEU I 124 -19.72 -34.75 -14.23
N GLU I 125 -20.88 -35.27 -14.65
CA GLU I 125 -20.99 -36.56 -15.33
C GLU I 125 -20.45 -36.49 -16.76
N ALA I 126 -20.87 -35.47 -17.49
CA ALA I 126 -20.42 -35.27 -18.87
C ALA I 126 -18.91 -35.08 -18.91
N VAL I 127 -18.33 -34.75 -17.75
CA VAL I 127 -16.89 -34.54 -17.64
C VAL I 127 -16.20 -35.88 -17.40
N SER I 128 -16.97 -36.84 -16.90
CA SER I 128 -16.44 -38.17 -16.66
C SER I 128 -16.56 -38.89 -18.02
N ARG I 129 -17.71 -38.70 -18.66
CA ARG I 129 -17.97 -39.27 -19.97
C ARG I 129 -16.78 -38.90 -20.85
N LYS I 130 -16.63 -37.61 -21.10
CA LYS I 130 -15.55 -37.10 -21.95
C LYS I 130 -14.15 -37.52 -21.48
N GLN I 131 -14.03 -38.03 -20.25
CA GLN I 131 -12.74 -38.46 -19.73
C GLN I 131 -12.53 -39.96 -19.86
N GLY I 132 -13.46 -40.63 -20.52
CA GLY I 132 -13.35 -42.06 -20.70
C GLY I 132 -13.68 -42.84 -19.45
N ALA I 133 -14.14 -42.14 -18.42
CA ALA I 133 -14.49 -42.81 -17.17
C ALA I 133 -15.98 -43.09 -17.12
N GLN I 134 -16.39 -43.81 -16.07
CA GLN I 134 -17.78 -44.19 -15.88
C GLN I 134 -18.36 -43.44 -14.68
N PHE I 135 -19.25 -42.49 -14.95
CA PHE I 135 -19.87 -41.72 -13.89
C PHE I 135 -20.56 -42.64 -12.89
N LYS I 136 -20.52 -42.29 -11.61
CA LYS I 136 -21.17 -43.10 -10.59
C LYS I 136 -22.19 -42.26 -9.84
N GLU I 137 -21.72 -41.23 -9.14
CA GLU I 137 -22.62 -40.34 -8.39
C GLU I 137 -21.91 -39.10 -7.86
N TYR I 138 -22.68 -38.26 -7.19
CA TYR I 138 -22.16 -37.04 -6.61
C TYR I 138 -22.89 -36.70 -5.32
N ARG I 139 -22.17 -36.82 -4.21
CA ARG I 139 -22.76 -36.53 -2.90
C ARG I 139 -22.51 -35.06 -2.51
N PRO I 140 -23.57 -34.23 -2.58
CA PRO I 140 -23.55 -32.79 -2.25
C PRO I 140 -22.89 -32.46 -0.91
N GLU I 141 -23.33 -33.13 0.15
CA GLU I 141 -22.84 -32.92 1.51
C GLU I 141 -21.33 -32.77 1.63
N THR I 142 -20.59 -33.70 1.05
CA THR I 142 -19.13 -33.65 1.11
C THR I 142 -18.50 -33.22 -0.20
N GLY I 143 -19.33 -32.96 -1.20
CA GLY I 143 -18.81 -32.55 -2.49
C GLY I 143 -18.06 -33.73 -3.07
N SER I 144 -18.57 -34.93 -2.76
CA SER I 144 -17.95 -36.15 -3.23
C SER I 144 -18.42 -36.52 -4.64
N TRP I 145 -17.44 -36.80 -5.49
CA TRP I 145 -17.67 -37.17 -6.88
C TRP I 145 -16.93 -38.48 -7.11
N VAL I 146 -17.67 -39.53 -7.45
CA VAL I 146 -17.08 -40.82 -7.69
C VAL I 146 -17.37 -41.32 -9.10
N PHE I 147 -16.34 -41.86 -9.72
CA PHE I 147 -16.46 -42.40 -11.06
C PHE I 147 -15.51 -43.59 -11.15
N LYS I 148 -15.72 -44.46 -12.13
CA LYS I 148 -14.86 -45.62 -12.31
C LYS I 148 -14.04 -45.49 -13.59
N VAL I 149 -12.83 -46.02 -13.55
CA VAL I 149 -11.95 -45.97 -14.70
C VAL I 149 -11.46 -47.37 -15.05
N SER I 150 -11.31 -47.63 -16.34
CA SER I 150 -10.84 -48.94 -16.82
C SER I 150 -9.39 -49.19 -16.37
N HIS I 151 -8.59 -48.13 -16.41
CA HIS I 151 -7.17 -48.19 -16.00
C HIS I 151 -6.67 -46.81 -15.56
N PHE I 152 -5.35 -46.68 -15.45
CA PHE I 152 -4.71 -45.43 -15.05
C PHE I 152 -3.46 -45.09 -15.87
#